data_6S8I
#
_entry.id   6S8I
#
_cell.length_a   1.00
_cell.length_b   1.00
_cell.length_c   1.00
_cell.angle_alpha   90.00
_cell.angle_beta   90.00
_cell.angle_gamma   90.00
#
_symmetry.space_group_name_H-M   'P 1'
#
loop_
_entity.id
_entity.type
_entity.pdbx_description
1 polymer 'Light Chain'
2 polymer 'Heavy Chain'
3 polymer 'Enveloped Glycoprotein 1'
4 polymer 'Envelope glycoprotein'
5 branched 2-acetamido-2-deoxy-beta-D-glucopyranose-(1-4)-2-acetamido-2-deoxy-beta-D-glucopyranose
#
loop_
_entity_poly.entity_id
_entity_poly.type
_entity_poly.pdbx_seq_one_letter_code
_entity_poly.pdbx_strand_id
1 'polypeptide(L)'
;QSVLTQPPSVSGAPGQRVAISCTGSYSNIGAGYDVHWYQQFPGAAPKLLIYAYTNRPAGVPDRFSGSKSGSSASLVISGL
QADDEADYYCQSYDARLRDGEVFGGGTKLTVLGQPKAAPSVTLFPPSSEELQANKATLVCLISDFYPGAVTVAWKADSSP
VKAGVETTTPSKQSNNKYAASSYLSLTPEQWKSHRSYSCQVTHEGSTVEKTVAPTECS
;
L,O,U
2 'polypeptide(L)'
;EVQLVESGGNLAKPGGSLRLSCAASGFTFSDAWMTWVRQAPGKGLEWVGRIKSNADGGATEYAAPVRGRFTISRDDSRSS
LFLQMNSLKTEDTAVYYCLTPPPRRYWGQGILVTVSSGSTKGPSVFPLAPSSKSTSGGTAALGCLVKDYFPEPVTVSWNS
GALTSGVHTFPAVLQSSGLYSLSSVVTVPSSSLGTQTYICNVNHKPSNTKVDKRVEPKSCDKTH
;
H,P,Y
3 'polypeptide(L)'
;ETGRSIPLGVIHNSALQVSDVDKLVCRDKLSSTNQLRSVGLNLEGNGVATDVPSATKRWGFRSGVPPKVVNYEAGEWAEN
CYNLEIKKPDGSECLPAAPDGIRGFPRCRYVHKVSGTGPCAGDFAFHKEGAFFLYDRLASTVIYRGTTFAEGVVAFLILP
QAKKDFFSSHPLREPVNATEDPSSGYYSTTIRYQATGFGTNETEYLFEVDNLTYVQLESRFTPQFLLQLNETIYTSGKRS
NTTGKLIWKVNPEIDTTIGEWAFWETKKNLTRKIRSEELSFTVVSTHHQDTGEESASSGKLGLITNTIAGVAGLITGGRR
TRR
;
A,C,E
4 'polypeptide(L)'
;EAIVNAQPKCNPNLHYWTTQDEGAAIGLAWIPYFGPAAEGIYIEGLMHNQDGLICGLRQLANETTQALQLFLRATTELRT
FSILNRKAIDFLLQRWGGTCHILGPDCCIEPHDWTKNITDKIDQIIHDFVDGSGYIPEAPRDGQAYVRKDGEWVLLSTFL
GTHHHHHH
;
B,D,F
#
# COMPACT_ATOMS: atom_id res chain seq x y z
N SER A 2 0.67 31.39 -31.54
CA SER A 2 0.45 30.45 -30.44
C SER A 2 1.00 31.00 -29.12
N VAL A 3 0.71 32.26 -28.84
CA VAL A 3 1.15 32.92 -27.62
C VAL A 3 -0.09 33.38 -26.84
N LEU A 4 -0.12 33.03 -25.56
CA LEU A 4 -1.22 33.48 -24.71
C LEU A 4 -1.14 34.99 -24.54
N THR A 5 -2.28 35.66 -24.64
CA THR A 5 -2.35 37.12 -24.58
C THR A 5 -3.12 37.59 -23.36
N GLN A 6 -2.56 38.57 -22.67
CA GLN A 6 -3.16 39.18 -21.49
C GLN A 6 -3.35 40.67 -21.76
N PRO A 7 -4.10 41.40 -20.93
CA PRO A 7 -4.24 42.84 -21.15
C PRO A 7 -2.97 43.57 -20.76
N PRO A 8 -2.64 44.66 -21.46
CA PRO A 8 -1.43 45.43 -21.10
C PRO A 8 -1.34 45.82 -19.63
N SER A 9 -2.40 46.40 -19.06
CA SER A 9 -2.37 46.82 -17.66
C SER A 9 -3.79 46.84 -17.11
N VAL A 10 -3.89 46.67 -15.80
CA VAL A 10 -5.15 46.79 -15.09
C VAL A 10 -4.93 47.65 -13.86
N SER A 11 -6.03 48.22 -13.35
CA SER A 11 -5.98 49.14 -12.22
C SER A 11 -7.22 48.95 -11.37
N GLY A 12 -7.15 49.41 -10.13
CA GLY A 12 -8.31 49.42 -9.27
C GLY A 12 -8.00 50.08 -7.94
N ALA A 13 -9.07 50.57 -7.31
CA ALA A 13 -8.94 51.26 -6.04
C ALA A 13 -8.65 50.25 -4.93
N PRO A 14 -7.96 50.67 -3.88
CA PRO A 14 -7.72 49.77 -2.74
C PRO A 14 -9.02 49.21 -2.18
N GLY A 15 -8.98 47.92 -1.82
CA GLY A 15 -10.09 47.24 -1.20
C GLY A 15 -11.05 46.55 -2.14
N GLN A 16 -10.99 46.82 -3.44
CA GLN A 16 -11.89 46.16 -4.37
C GLN A 16 -11.25 44.90 -4.93
N ARG A 17 -11.99 44.20 -5.80
CA ARG A 17 -11.53 42.98 -6.45
C ARG A 17 -11.23 43.23 -7.92
N VAL A 18 -10.15 42.65 -8.44
CA VAL A 18 -9.85 42.68 -9.87
C VAL A 18 -9.59 41.28 -10.39
N ALA A 19 -9.79 41.12 -11.69
CA ALA A 19 -9.53 39.87 -12.39
C ALA A 19 -8.65 40.13 -13.59
N ILE A 20 -7.66 39.27 -13.78
CA ILE A 20 -6.73 39.33 -14.91
C ILE A 20 -7.01 38.14 -15.82
N SER A 21 -7.17 38.41 -17.11
CA SER A 21 -7.49 37.40 -18.10
C SER A 21 -6.25 36.92 -18.84
N CYS A 22 -6.23 35.63 -19.19
CA CYS A 22 -5.22 35.04 -20.06
C CYS A 22 -5.96 34.20 -21.10
N THR A 23 -5.93 34.67 -22.35
CA THR A 23 -6.57 33.97 -23.45
C THR A 23 -5.77 32.75 -23.89
N GLY A 24 -6.49 31.72 -24.34
CA GLY A 24 -5.92 30.47 -24.79
C GLY A 24 -6.25 30.11 -26.23
N SER A 25 -6.20 28.82 -26.52
CA SER A 25 -6.51 28.27 -27.84
C SER A 25 -6.94 26.82 -27.63
N TYR A 26 -7.44 26.21 -28.70
CA TYR A 26 -7.87 24.82 -28.61
C TYR A 26 -6.70 23.90 -28.28
N SER A 27 -5.52 24.18 -28.82
CA SER A 27 -4.34 23.37 -28.56
C SER A 27 -3.51 23.87 -27.40
N ASN A 28 -3.89 24.97 -26.76
CA ASN A 28 -3.14 25.49 -25.64
C ASN A 28 -3.80 25.14 -24.31
N ILE A 29 -4.78 25.96 -23.94
CA ILE A 29 -5.52 25.78 -22.70
C ILE A 29 -6.69 24.84 -22.90
N GLY A 30 -7.44 25.02 -23.98
CA GLY A 30 -8.58 24.16 -24.21
C GLY A 30 -8.22 22.74 -24.61
N ALA A 31 -6.94 22.43 -24.82
CA ALA A 31 -6.56 21.04 -25.03
C ALA A 31 -6.35 20.30 -23.72
N GLY A 32 -6.30 20.98 -22.59
CA GLY A 32 -6.17 20.31 -21.32
C GLY A 32 -4.79 20.36 -20.69
N TYR A 33 -4.10 21.49 -20.80
CA TYR A 33 -2.78 21.63 -20.22
C TYR A 33 -2.88 22.62 -19.07
N ASP A 34 -1.98 22.51 -18.11
CA ASP A 34 -2.08 23.36 -16.93
C ASP A 34 -1.65 24.78 -17.26
N VAL A 35 -2.20 25.74 -16.52
CA VAL A 35 -1.83 27.13 -16.63
C VAL A 35 -1.19 27.53 -15.31
N HIS A 36 -0.02 28.15 -15.38
CA HIS A 36 0.72 28.58 -14.21
C HIS A 36 0.76 30.11 -14.19
N TRP A 37 0.78 30.69 -12.99
CA TRP A 37 0.86 32.14 -12.87
C TRP A 37 2.13 32.53 -12.12
N TYR A 38 2.63 33.73 -12.39
CA TYR A 38 3.85 34.20 -11.75
C TYR A 38 3.74 35.68 -11.43
N GLN A 39 4.42 36.08 -10.35
CA GLN A 39 4.49 37.45 -9.88
C GLN A 39 5.95 37.91 -9.86
N GLN A 40 6.23 39.00 -10.57
CA GLN A 40 7.57 39.57 -10.61
C GLN A 40 7.58 40.97 -10.05
N PHE A 41 8.33 41.17 -8.97
CA PHE A 41 8.55 42.50 -8.43
C PHE A 41 9.69 43.14 -9.20
N PRO A 42 9.71 44.47 -9.32
CA PRO A 42 10.78 45.11 -10.10
C PRO A 42 12.13 44.80 -9.47
N GLY A 43 13.08 44.42 -10.32
CA GLY A 43 14.42 44.08 -9.89
C GLY A 43 14.57 42.72 -9.23
N ALA A 44 13.59 41.84 -9.33
CA ALA A 44 13.67 40.53 -8.70
C ALA A 44 13.14 39.45 -9.62
N ALA A 45 13.56 38.22 -9.35
CA ALA A 45 13.08 37.07 -10.11
C ALA A 45 11.64 36.75 -9.73
N PRO A 46 10.84 36.23 -10.66
CA PRO A 46 9.44 35.93 -10.35
C PRO A 46 9.31 34.77 -9.38
N LYS A 47 8.18 34.76 -8.69
CA LYS A 47 7.82 33.72 -7.74
C LYS A 47 6.53 33.06 -8.19
N LEU A 48 6.42 31.75 -7.97
CA LEU A 48 5.20 31.05 -8.36
C LEU A 48 4.03 31.53 -7.52
N LEU A 49 2.91 31.83 -8.18
CA LEU A 49 1.69 32.29 -7.54
C LEU A 49 0.62 31.19 -7.51
N ILE A 50 0.28 30.65 -8.67
CA ILE A 50 -0.71 29.59 -8.78
C ILE A 50 -0.05 28.52 -9.64
N TYR A 51 0.33 27.39 -9.01
CA TYR A 51 1.02 26.33 -9.73
C TYR A 51 0.13 25.57 -10.70
N ALA A 52 -1.11 25.28 -10.31
CA ALA A 52 -2.02 24.62 -11.23
C ALA A 52 -3.03 25.67 -11.69
N TYR A 53 -4.20 25.24 -12.13
CA TYR A 53 -5.22 26.23 -12.50
C TYR A 53 -5.69 27.02 -11.29
N THR A 54 -5.90 26.36 -10.15
CA THR A 54 -6.42 27.02 -8.96
C THR A 54 -5.61 26.81 -7.70
N ASN A 55 -4.58 25.96 -7.72
CA ASN A 55 -3.82 25.64 -6.51
C ASN A 55 -2.90 26.77 -6.08
N ARG A 56 -2.54 26.76 -4.80
CA ARG A 56 -1.63 27.76 -4.25
C ARG A 56 -0.52 27.08 -3.46
N PRO A 57 0.74 27.40 -3.71
CA PRO A 57 1.83 26.85 -2.90
C PRO A 57 1.84 27.47 -1.52
N ALA A 58 2.43 26.72 -0.57
CA ALA A 58 2.49 27.17 0.81
C ALA A 58 3.18 28.53 0.91
N GLY A 59 2.55 29.45 1.62
CA GLY A 59 3.10 30.78 1.81
C GLY A 59 2.41 31.87 1.05
N VAL A 60 1.57 31.53 0.07
CA VAL A 60 0.86 32.52 -0.73
C VAL A 60 -0.43 32.88 -0.02
N PRO A 61 -0.70 34.17 0.23
CA PRO A 61 -1.95 34.55 0.90
C PRO A 61 -3.16 34.06 0.12
N ASP A 62 -4.25 33.82 0.84
CA ASP A 62 -5.49 33.32 0.25
C ASP A 62 -6.24 34.41 -0.52
N ARG A 63 -5.66 35.59 -0.69
CA ARG A 63 -6.34 36.60 -1.51
C ARG A 63 -6.33 36.24 -2.99
N PHE A 64 -5.43 35.35 -3.40
CA PHE A 64 -5.20 35.01 -4.79
C PHE A 64 -5.90 33.70 -5.13
N SER A 65 -6.74 33.69 -6.15
CA SER A 65 -7.30 32.43 -6.64
C SER A 65 -7.45 32.54 -8.14
N GLY A 66 -7.96 31.49 -8.77
CA GLY A 66 -8.09 31.48 -10.21
C GLY A 66 -9.13 30.48 -10.67
N SER A 67 -9.58 30.65 -11.90
CA SER A 67 -10.53 29.70 -12.48
C SER A 67 -10.37 29.64 -13.99
N LYS A 68 -10.79 28.51 -14.55
CA LYS A 68 -10.70 28.27 -15.98
C LYS A 68 -12.10 28.21 -16.59
N SER A 69 -12.31 28.98 -17.65
CA SER A 69 -13.56 28.96 -18.39
C SER A 69 -13.22 28.71 -19.85
N GLY A 70 -13.72 27.61 -20.39
CA GLY A 70 -13.45 27.31 -21.79
C GLY A 70 -11.96 27.25 -22.06
N SER A 71 -11.53 28.07 -23.01
CA SER A 71 -10.13 28.16 -23.42
C SER A 71 -9.40 29.32 -22.78
N SER A 72 -9.95 29.94 -21.73
CA SER A 72 -9.32 31.08 -21.09
C SER A 72 -9.23 30.86 -19.60
N ALA A 73 -8.23 31.49 -18.98
CA ALA A 73 -8.01 31.38 -17.55
C ALA A 73 -8.02 32.77 -16.93
N SER A 74 -8.52 32.87 -15.70
CA SER A 74 -8.58 34.16 -15.03
C SER A 74 -8.05 34.08 -13.61
N LEU A 75 -7.20 35.04 -13.27
CA LEU A 75 -6.62 35.18 -11.93
C LEU A 75 -7.43 36.24 -11.19
N VAL A 76 -7.99 35.88 -10.04
CA VAL A 76 -8.82 36.79 -9.26
C VAL A 76 -8.04 37.18 -8.01
N ILE A 77 -7.90 38.49 -7.80
CA ILE A 77 -7.24 39.05 -6.64
C ILE A 77 -8.18 40.06 -5.98
N SER A 78 -8.58 39.79 -4.75
CA SER A 78 -9.57 40.59 -4.03
C SER A 78 -8.92 41.27 -2.85
N GLY A 79 -9.13 42.59 -2.73
CA GLY A 79 -8.55 43.31 -1.61
C GLY A 79 -7.22 43.96 -1.90
N LEU A 80 -7.16 44.79 -2.95
CA LEU A 80 -5.90 45.40 -3.36
C LEU A 80 -5.21 46.07 -2.18
N GLN A 81 -3.95 45.70 -1.95
CA GLN A 81 -3.09 46.36 -1.01
C GLN A 81 -1.97 47.07 -1.75
N ALA A 82 -1.28 47.97 -1.05
CA ALA A 82 -0.15 48.67 -1.65
C ALA A 82 0.89 47.69 -2.17
N ASP A 83 1.01 46.53 -1.55
CA ASP A 83 2.04 45.55 -1.86
C ASP A 83 1.72 44.70 -3.08
N ASP A 84 0.57 44.90 -3.72
CA ASP A 84 0.19 44.06 -4.85
C ASP A 84 0.80 44.54 -6.17
N GLU A 85 1.43 45.70 -6.19
CA GLU A 85 2.08 46.18 -7.41
C GLU A 85 3.15 45.19 -7.87
N ALA A 86 2.98 44.66 -9.08
CA ALA A 86 3.83 43.61 -9.61
C ALA A 86 3.47 43.37 -11.07
N ASP A 87 4.32 42.60 -11.75
CA ASP A 87 4.04 42.09 -13.09
C ASP A 87 3.55 40.65 -13.01
N TYR A 88 2.39 40.37 -13.61
CA TYR A 88 1.80 39.03 -13.58
C TYR A 88 1.94 38.38 -14.95
N TYR A 89 2.39 37.13 -14.96
CA TYR A 89 2.55 36.37 -16.21
C TYR A 89 1.84 35.03 -16.14
N CYS A 90 1.08 34.70 -17.20
CA CYS A 90 0.50 33.39 -17.41
C CYS A 90 1.35 32.54 -18.34
N GLN A 91 1.45 31.25 -18.02
CA GLN A 91 2.24 30.26 -18.75
C GLN A 91 1.43 28.99 -18.96
N SER A 92 1.63 28.34 -20.11
CA SER A 92 1.00 27.06 -20.38
C SER A 92 1.86 26.28 -21.37
N TYR A 93 1.43 25.07 -21.70
CA TYR A 93 2.13 24.17 -22.60
C TYR A 93 1.38 24.09 -23.93
N ASP A 94 2.01 24.50 -25.02
CA ASP A 94 1.34 24.35 -26.32
C ASP A 94 1.53 22.93 -26.87
N ALA A 95 0.48 22.39 -27.47
CA ALA A 95 0.52 21.03 -27.99
C ALA A 95 0.92 20.95 -29.45
N ARG A 96 0.88 22.06 -30.18
CA ARG A 96 1.24 22.12 -31.59
C ARG A 96 2.67 22.63 -31.77
N LEU A 97 3.35 22.91 -30.67
CA LEU A 97 4.70 23.43 -30.64
C LEU A 97 5.65 22.43 -30.00
N ARG A 98 5.37 21.14 -30.19
CA ARG A 98 6.14 20.04 -29.60
C ARG A 98 6.17 20.12 -28.07
N ASP A 99 5.02 20.42 -27.47
CA ASP A 99 4.88 20.54 -26.02
C ASP A 99 5.84 21.56 -25.43
N GLY A 100 6.00 22.68 -26.15
CA GLY A 100 6.87 23.75 -25.71
C GLY A 100 6.13 24.80 -24.91
N GLU A 101 6.78 25.30 -23.86
CA GLU A 101 6.17 26.30 -22.99
C GLU A 101 5.86 27.60 -23.73
N VAL A 102 4.73 28.18 -23.39
CA VAL A 102 4.27 29.45 -23.92
C VAL A 102 4.08 30.40 -22.74
N PHE A 103 4.53 31.65 -22.90
CA PHE A 103 4.48 32.68 -21.86
C PHE A 103 3.61 33.83 -22.31
N GLY A 104 2.75 34.29 -21.42
CA GLY A 104 1.90 35.43 -21.70
C GLY A 104 2.64 36.74 -21.80
N GLY A 105 1.98 37.71 -22.43
CA GLY A 105 2.55 39.03 -22.61
C GLY A 105 2.83 39.79 -21.32
N GLY A 106 2.16 39.43 -20.23
CA GLY A 106 2.37 40.14 -18.98
C GLY A 106 1.45 41.32 -18.71
N THR A 107 1.07 41.49 -17.44
CA THR A 107 0.20 42.59 -17.02
C THR A 107 0.82 43.34 -15.85
N LYS A 108 0.90 44.65 -15.97
CA LYS A 108 1.36 45.53 -14.89
C LYS A 108 0.17 45.93 -14.01
N LEU A 109 0.36 45.86 -12.70
CA LEU A 109 -0.69 46.23 -11.75
C LEU A 109 -0.40 47.56 -11.09
N THR A 110 -1.44 48.39 -10.98
CA THR A 110 -1.37 49.70 -10.35
C THR A 110 -2.54 49.89 -9.40
N VAL A 111 -2.30 50.61 -8.31
CA VAL A 111 -3.34 50.87 -7.32
C VAL A 111 -3.52 52.38 -7.15
N VAL B 2 16.41 24.61 -1.10
CA VAL B 2 16.70 24.53 -2.53
C VAL B 2 17.39 25.78 -3.01
N GLN B 3 18.67 25.67 -3.37
CA GLN B 3 19.42 26.82 -3.86
C GLN B 3 19.94 26.56 -5.26
N LEU B 4 19.64 27.47 -6.18
CA LEU B 4 20.14 27.40 -7.55
C LEU B 4 21.00 28.64 -7.78
N VAL B 5 22.25 28.42 -8.18
CA VAL B 5 23.18 29.52 -8.45
C VAL B 5 23.64 29.40 -9.90
N GLU B 6 23.58 30.50 -10.64
CA GLU B 6 24.00 30.51 -12.03
C GLU B 6 25.26 31.34 -12.18
N SER B 7 26.21 30.83 -12.94
CA SER B 7 27.50 31.49 -13.07
C SER B 7 28.10 31.30 -14.47
N GLY B 8 29.30 31.85 -14.61
CA GLY B 8 30.15 31.81 -15.79
C GLY B 8 29.62 32.40 -17.08
N GLY B 9 28.98 33.56 -17.02
CA GLY B 9 28.49 34.20 -18.23
C GLY B 9 28.75 35.69 -18.23
N ASN B 10 28.99 36.22 -19.43
CA ASN B 10 29.21 37.63 -19.64
C ASN B 10 29.08 37.96 -21.12
N LEU B 11 29.33 39.22 -21.46
CA LEU B 11 29.18 39.69 -22.83
C LEU B 11 30.05 38.92 -23.81
N ALA B 12 29.51 38.71 -25.01
CA ALA B 12 30.21 38.05 -26.10
C ALA B 12 30.03 38.84 -27.39
N LYS B 13 31.04 38.81 -28.25
CA LYS B 13 30.99 39.51 -29.53
C LYS B 13 30.04 38.81 -30.49
N PRO B 14 29.61 39.48 -31.57
CA PRO B 14 28.73 38.81 -32.54
C PRO B 14 29.45 37.61 -33.14
N GLY B 15 28.74 36.49 -33.19
CA GLY B 15 29.32 35.26 -33.65
C GLY B 15 30.05 34.51 -32.56
N GLY B 16 30.05 35.06 -31.34
CA GLY B 16 30.75 34.45 -30.23
C GLY B 16 30.02 33.28 -29.64
N SER B 17 30.75 32.52 -28.84
CA SER B 17 30.20 31.41 -28.07
C SER B 17 30.40 31.68 -26.58
N LEU B 18 29.33 31.55 -25.82
CA LEU B 18 29.38 31.72 -24.37
C LEU B 18 28.71 30.51 -23.73
N ARG B 19 29.23 30.06 -22.60
CA ARG B 19 28.68 28.92 -21.89
C ARG B 19 28.24 29.36 -20.51
N LEU B 20 27.05 28.94 -20.11
CA LEU B 20 26.49 29.30 -18.82
C LEU B 20 26.30 28.04 -18.00
N SER B 21 26.39 28.15 -16.68
CA SER B 21 26.22 26.98 -15.84
C SER B 21 25.30 27.28 -14.67
N CYS B 22 24.58 26.25 -14.23
CA CYS B 22 23.67 26.34 -13.09
C CYS B 22 23.98 25.21 -12.12
N ALA B 23 24.08 25.55 -10.84
CA ALA B 23 24.37 24.62 -9.75
C ALA B 23 23.13 24.52 -8.87
N ALA B 24 22.68 23.30 -8.62
CA ALA B 24 21.46 23.04 -7.88
C ALA B 24 21.76 22.25 -6.62
N SER B 25 21.16 22.66 -5.51
CA SER B 25 21.37 21.99 -4.23
C SER B 25 20.07 21.94 -3.45
N GLY B 26 20.02 20.98 -2.53
CA GLY B 26 18.86 20.75 -1.68
C GLY B 26 17.79 19.82 -2.24
N PHE B 27 18.00 19.24 -3.41
CA PHE B 27 17.02 18.33 -3.99
C PHE B 27 17.77 17.41 -4.96
N THR B 28 17.09 16.33 -5.38
CA THR B 28 17.72 15.36 -6.26
C THR B 28 17.65 15.87 -7.69
N PHE B 29 18.82 16.28 -8.21
CA PHE B 29 18.92 16.84 -9.55
C PHE B 29 18.57 15.83 -10.63
N SER B 30 18.93 14.55 -10.43
CA SER B 30 18.81 13.55 -11.48
C SER B 30 17.37 13.33 -11.96
N ASP B 31 16.42 13.20 -11.03
CA ASP B 31 15.03 12.95 -11.41
C ASP B 31 14.38 14.12 -12.15
N ALA B 32 14.62 15.34 -11.68
CA ALA B 32 13.93 16.52 -12.20
C ALA B 32 14.30 16.89 -13.64
N TRP B 33 13.31 17.42 -14.34
CA TRP B 33 13.47 17.95 -15.69
C TRP B 33 13.90 19.40 -15.50
N MET B 34 14.76 19.92 -16.37
CA MET B 34 15.22 21.29 -16.17
C MET B 34 15.00 22.19 -17.38
N THR B 35 14.64 23.45 -17.15
CA THR B 35 14.37 24.35 -18.26
C THR B 35 15.08 25.68 -18.07
N TRP B 36 15.34 26.34 -19.21
CA TRP B 36 16.04 27.63 -19.28
C TRP B 36 15.13 28.66 -19.91
N VAL B 37 15.00 29.83 -19.24
CA VAL B 37 14.15 30.93 -19.67
C VAL B 37 15.00 32.18 -19.83
N ARG B 38 14.76 32.96 -20.88
CA ARG B 38 15.49 34.19 -21.09
C ARG B 38 14.48 35.32 -21.11
N GLN B 39 14.76 36.39 -20.36
CA GLN B 39 13.89 37.55 -20.29
C GLN B 39 14.60 38.74 -20.91
N ALA B 40 13.97 39.35 -21.90
CA ALA B 40 14.55 40.52 -22.54
C ALA B 40 14.56 41.68 -21.54
N PRO B 41 15.54 42.56 -21.60
CA PRO B 41 15.58 43.66 -20.62
C PRO B 41 14.36 44.55 -20.78
N GLY B 42 13.65 44.77 -19.67
CA GLY B 42 12.42 45.55 -19.72
C GLY B 42 11.39 45.00 -20.68
N LYS B 43 11.19 43.68 -20.70
CA LYS B 43 10.25 43.06 -21.63
C LYS B 43 9.80 41.71 -21.08
N GLY B 44 8.84 41.12 -21.79
CA GLY B 44 8.24 39.88 -21.34
C GLY B 44 9.16 38.67 -21.36
N LEU B 45 8.78 37.71 -20.54
CA LEU B 45 9.50 36.46 -20.34
C LEU B 45 9.52 35.63 -21.63
N GLU B 46 10.50 34.74 -21.73
CA GLU B 46 10.58 33.84 -22.87
C GLU B 46 11.17 32.52 -22.40
N TRP B 47 10.94 31.46 -23.18
CA TRP B 47 11.37 30.09 -22.89
C TRP B 47 12.52 29.70 -23.82
N VAL B 48 13.70 29.47 -23.27
CA VAL B 48 14.82 29.02 -24.10
C VAL B 48 14.67 27.54 -24.47
N GLY B 49 14.44 26.68 -23.49
CA GLY B 49 14.35 25.27 -23.82
C GLY B 49 14.34 24.38 -22.59
N ARG B 50 14.31 23.06 -22.85
CA ARG B 50 14.23 22.11 -21.75
C ARG B 50 15.01 20.83 -22.03
N ILE B 51 15.51 20.22 -20.95
CA ILE B 51 16.20 18.94 -20.97
C ILE B 51 15.45 17.96 -20.06
N LYS B 52 15.15 16.78 -20.61
CA LYS B 52 14.48 15.68 -19.93
C LYS B 52 15.45 14.95 -19.00
N SER B 53 14.89 14.09 -18.16
CA SER B 53 15.69 13.28 -17.26
C SER B 53 16.43 12.19 -18.03
N ASN B 54 17.53 11.72 -17.44
CA ASN B 54 18.29 10.63 -18.03
C ASN B 54 17.47 9.35 -18.10
N ALA B 55 16.65 9.10 -17.08
CA ALA B 55 15.79 7.91 -17.06
C ALA B 55 14.83 7.89 -18.24
N ASP B 56 14.36 9.06 -18.65
CA ASP B 56 13.42 9.18 -19.76
C ASP B 56 14.10 9.34 -21.11
N GLY B 57 15.41 9.14 -21.18
CA GLY B 57 16.14 9.24 -22.42
C GLY B 57 16.95 10.51 -22.59
N GLY B 58 16.80 11.48 -21.70
CA GLY B 58 17.61 12.70 -21.75
C GLY B 58 17.55 13.47 -23.05
N ALA B 59 16.40 13.49 -23.71
CA ALA B 59 16.26 14.28 -24.92
C ALA B 59 16.09 15.75 -24.55
N THR B 60 16.43 16.63 -25.49
CA THR B 60 16.29 18.07 -25.27
C THR B 60 15.48 18.70 -26.38
N GLU B 61 14.73 19.74 -26.02
CA GLU B 61 13.97 20.49 -27.01
C GLU B 61 14.27 21.98 -26.87
N TYR B 62 14.22 22.68 -27.99
CA TYR B 62 14.59 24.08 -28.09
C TYR B 62 13.48 24.90 -28.71
N ALA B 63 13.52 26.20 -28.44
CA ALA B 63 12.56 27.13 -28.99
C ALA B 63 12.83 27.32 -30.49
N ALA B 64 11.81 27.76 -31.20
CA ALA B 64 11.98 27.93 -32.64
C ALA B 64 13.04 28.94 -33.03
N PRO B 65 13.18 30.11 -32.38
CA PRO B 65 14.24 31.04 -32.78
C PRO B 65 15.63 30.50 -32.52
N VAL B 66 15.81 29.81 -31.38
CA VAL B 66 17.12 29.39 -30.92
C VAL B 66 17.53 28.00 -31.40
N ARG B 67 16.68 27.32 -32.16
CA ARG B 67 16.99 25.96 -32.61
C ARG B 67 18.21 25.93 -33.52
N GLY B 68 19.12 25.01 -33.24
CA GLY B 68 20.35 24.86 -33.99
C GLY B 68 21.51 25.73 -33.54
N ARG B 69 21.28 26.67 -32.62
CA ARG B 69 22.36 27.50 -32.11
C ARG B 69 22.66 27.30 -30.64
N PHE B 70 21.73 26.73 -29.88
CA PHE B 70 21.88 26.54 -28.44
C PHE B 70 21.86 25.06 -28.10
N THR B 71 22.71 24.66 -27.17
CA THR B 71 22.83 23.29 -26.72
C THR B 71 22.59 23.21 -25.22
N ILE B 72 21.78 22.26 -24.79
CA ILE B 72 21.49 22.05 -23.37
C ILE B 72 22.12 20.72 -22.96
N SER B 73 22.67 20.68 -21.75
CA SER B 73 23.19 19.42 -21.24
C SER B 73 23.16 19.42 -19.72
N ARG B 74 23.50 18.28 -19.14
CA ARG B 74 23.48 18.16 -17.69
C ARG B 74 24.50 17.12 -17.23
N ASP B 75 24.96 17.30 -16.00
CA ASP B 75 25.85 16.35 -15.33
C ASP B 75 25.25 15.99 -13.98
N ASP B 76 24.88 14.71 -13.84
CA ASP B 76 24.27 14.22 -12.61
C ASP B 76 25.23 14.22 -11.44
N SER B 77 26.47 13.75 -11.66
CA SER B 77 27.44 13.69 -10.58
C SER B 77 27.79 15.08 -10.07
N ARG B 78 27.97 16.03 -10.97
CA ARG B 78 28.28 17.39 -10.58
C ARG B 78 27.02 18.16 -10.22
N SER B 79 25.84 17.62 -10.55
CA SER B 79 24.56 18.27 -10.30
C SER B 79 24.53 19.65 -10.95
N SER B 80 24.99 19.71 -12.19
CA SER B 80 25.05 20.99 -12.90
C SER B 80 24.36 20.91 -14.25
N LEU B 81 23.81 22.04 -14.67
CA LEU B 81 23.10 22.18 -15.94
C LEU B 81 23.83 23.20 -16.80
N PHE B 82 24.10 22.87 -18.05
CA PHE B 82 24.89 23.72 -18.92
C PHE B 82 24.11 24.18 -20.14
N LEU B 83 24.28 25.45 -20.50
CA LEU B 83 23.72 25.98 -21.73
C LEU B 83 24.85 26.55 -22.57
N GLN B 84 24.99 26.03 -23.78
CA GLN B 84 26.00 26.46 -24.73
C GLN B 84 25.36 27.34 -25.79
N MET B 85 25.76 28.61 -25.83
CA MET B 85 25.27 29.59 -26.77
C MET B 85 26.35 29.80 -27.82
N ASN B 86 26.04 29.53 -29.09
CA ASN B 86 27.04 29.74 -30.12
C ASN B 86 26.40 30.45 -31.30
N SER B 87 27.23 31.08 -32.11
CA SER B 87 26.77 31.91 -33.23
C SER B 87 25.85 33.01 -32.72
N LEU B 88 26.28 33.66 -31.64
CA LEU B 88 25.48 34.68 -30.97
C LEU B 88 25.45 35.94 -31.80
N LYS B 89 24.31 36.21 -32.41
CA LYS B 89 24.10 37.38 -33.24
C LYS B 89 23.51 38.51 -32.40
N THR B 90 22.97 39.52 -33.08
CA THR B 90 22.29 40.63 -32.41
C THR B 90 20.94 40.18 -31.87
N GLU B 91 20.43 40.95 -30.90
CA GLU B 91 19.14 40.69 -30.26
C GLU B 91 19.13 39.41 -29.43
N ASP B 92 20.27 39.00 -28.88
CA ASP B 92 20.31 37.87 -27.98
C ASP B 92 20.47 38.31 -26.53
N THR B 93 20.51 39.62 -26.28
CA THR B 93 20.69 40.16 -24.94
C THR B 93 19.52 39.80 -24.05
N ALA B 94 19.82 39.44 -22.79
CA ALA B 94 18.76 39.09 -21.84
C ALA B 94 19.31 38.58 -20.52
N VAL B 95 18.44 38.44 -19.54
CA VAL B 95 18.77 37.72 -18.31
C VAL B 95 18.30 36.28 -18.44
N TYR B 96 19.20 35.33 -18.21
CA TYR B 96 18.90 33.92 -18.31
C TYR B 96 18.72 33.30 -16.92
N TYR B 97 17.72 32.41 -16.80
CA TYR B 97 17.39 31.71 -15.56
C TYR B 97 17.26 30.21 -15.81
N CYS B 98 17.61 29.41 -14.80
CA CYS B 98 17.44 27.97 -14.82
C CYS B 98 16.42 27.57 -13.76
N LEU B 99 15.29 27.01 -14.20
CA LEU B 99 14.16 26.70 -13.34
C LEU B 99 13.82 25.21 -13.31
N THR B 100 13.47 24.75 -12.09
CA THR B 100 13.07 23.39 -11.75
C THR B 100 11.66 23.05 -12.24
N PRO B 101 11.30 21.76 -12.24
CA PRO B 101 9.97 21.32 -12.69
C PRO B 101 8.85 21.64 -11.71
N PRO B 102 7.73 22.16 -12.20
CA PRO B 102 6.58 22.49 -11.34
C PRO B 102 6.01 21.23 -10.71
N PRO B 103 5.60 21.28 -9.43
CA PRO B 103 5.47 22.41 -8.51
C PRO B 103 6.80 22.88 -7.94
N ARG B 104 6.77 24.00 -7.20
CA ARG B 104 7.97 24.56 -6.60
C ARG B 104 9.04 24.85 -7.66
N ARG B 105 8.67 25.71 -8.61
CA ARG B 105 9.59 26.06 -9.68
C ARG B 105 10.89 26.68 -9.17
N TYR B 106 10.83 27.55 -8.18
CA TYR B 106 12.04 28.11 -7.54
C TYR B 106 13.09 28.68 -8.51
N TRP B 107 12.74 29.68 -9.30
CA TRP B 107 13.71 30.24 -10.22
C TRP B 107 14.94 30.79 -9.50
N GLY B 108 16.11 30.62 -10.13
CA GLY B 108 17.38 31.14 -9.64
C GLY B 108 17.49 32.66 -9.61
N GLN B 109 18.72 33.19 -9.58
CA GLN B 109 18.90 34.65 -9.55
C GLN B 109 19.08 35.31 -10.90
N GLY B 110 19.65 34.65 -11.91
CA GLY B 110 19.73 35.33 -13.19
C GLY B 110 21.10 35.80 -13.66
N ILE B 111 21.46 35.49 -14.91
CA ILE B 111 22.74 35.91 -15.48
C ILE B 111 22.49 36.84 -16.66
N LEU B 112 23.08 38.04 -16.62
CA LEU B 112 22.89 39.00 -17.68
C LEU B 112 23.87 38.74 -18.82
N VAL B 113 23.38 38.61 -20.04
CA VAL B 113 24.21 38.43 -21.22
C VAL B 113 23.94 39.57 -22.20
N THR B 114 24.99 40.34 -22.50
CA THR B 114 24.95 41.52 -23.35
C THR B 114 25.86 41.35 -24.56
N VAL B 115 25.34 40.96 -25.72
CA VAL B 115 26.23 40.90 -26.88
C VAL B 115 26.62 42.34 -27.23
N SER B 116 27.91 42.55 -27.50
CA SER B 116 28.45 43.87 -27.78
C SER B 116 28.97 43.93 -29.20
N SER B 117 28.60 44.99 -29.92
CA SER B 117 29.03 45.17 -31.29
C SER B 117 29.86 46.44 -31.43
N SER C 5 -29.03 -10.07 -15.57
CA SER C 5 -29.46 -10.25 -16.94
C SER C 5 -28.31 -10.07 -17.92
N ILE C 6 -27.38 -11.02 -17.93
CA ILE C 6 -26.24 -11.02 -18.82
C ILE C 6 -26.36 -12.23 -19.73
N PRO C 7 -26.33 -12.05 -21.05
CA PRO C 7 -26.48 -13.17 -21.98
C PRO C 7 -25.57 -14.36 -21.72
N LEU C 8 -26.17 -15.49 -21.36
CA LEU C 8 -25.47 -16.75 -21.21
C LEU C 8 -25.69 -17.59 -22.46
N GLY C 9 -24.61 -17.97 -23.14
CA GLY C 9 -24.71 -18.69 -24.40
C GLY C 9 -24.43 -20.16 -24.19
N VAL C 10 -25.35 -21.00 -24.65
CA VAL C 10 -25.25 -22.45 -24.50
C VAL C 10 -24.92 -23.07 -25.85
N ILE C 11 -23.90 -23.92 -25.87
CA ILE C 11 -23.49 -24.63 -27.07
C ILE C 11 -24.32 -25.91 -27.19
N HIS C 12 -25.02 -26.04 -28.31
CA HIS C 12 -25.82 -27.19 -28.68
C HIS C 12 -24.90 -28.14 -29.44
N ASN C 13 -25.45 -29.03 -30.25
CA ASN C 13 -24.57 -29.91 -31.00
C ASN C 13 -23.83 -29.10 -32.07
N SER C 14 -22.63 -28.63 -31.72
CA SER C 14 -21.77 -27.86 -32.60
C SER C 14 -22.43 -26.60 -33.14
N ALA C 15 -23.23 -25.94 -32.30
CA ALA C 15 -23.91 -24.70 -32.67
C ALA C 15 -24.05 -23.89 -31.40
N LEU C 16 -24.23 -22.57 -31.53
CA LEU C 16 -24.33 -21.71 -30.36
C LEU C 16 -25.65 -20.96 -30.34
N GLN C 17 -26.46 -21.18 -29.30
CA GLN C 17 -27.67 -20.41 -29.10
C GLN C 17 -27.59 -19.68 -27.77
N VAL C 18 -28.07 -18.44 -27.73
CA VAL C 18 -28.04 -17.67 -26.50
C VAL C 18 -29.21 -18.10 -25.62
N SER C 19 -28.90 -18.78 -24.53
CA SER C 19 -29.92 -19.39 -23.69
C SER C 19 -30.79 -18.33 -23.05
N ASP C 20 -32.10 -18.46 -23.23
CA ASP C 20 -33.05 -17.51 -22.67
C ASP C 20 -33.44 -18.00 -21.28
N VAL C 21 -33.10 -17.21 -20.25
CA VAL C 21 -33.32 -17.65 -18.88
C VAL C 21 -34.75 -17.47 -18.39
N ASP C 22 -35.53 -16.55 -18.98
CA ASP C 22 -36.89 -16.31 -18.49
C ASP C 22 -37.77 -17.55 -18.64
N LYS C 23 -37.75 -18.16 -19.83
CA LYS C 23 -38.42 -19.45 -19.97
C LYS C 23 -37.51 -20.54 -19.41
N LEU C 24 -38.07 -21.73 -19.23
CA LEU C 24 -37.32 -22.87 -18.71
C LEU C 24 -37.48 -24.04 -19.67
N VAL C 25 -36.48 -24.27 -20.51
CA VAL C 25 -36.43 -25.40 -21.43
C VAL C 25 -35.28 -26.30 -20.94
N CYS C 26 -35.65 -27.41 -20.29
CA CYS C 26 -34.72 -28.27 -19.58
C CYS C 26 -33.79 -29.13 -20.43
N ARG C 27 -33.91 -29.14 -21.77
CA ARG C 27 -33.09 -30.09 -22.52
C ARG C 27 -31.60 -29.78 -22.41
N ASP C 28 -31.24 -28.53 -22.12
CA ASP C 28 -29.88 -28.20 -21.74
C ASP C 28 -29.50 -28.89 -20.43
N LYS C 29 -28.30 -29.45 -20.39
CA LYS C 29 -27.84 -30.20 -19.23
C LYS C 29 -26.58 -29.55 -18.70
N LEU C 30 -26.63 -29.10 -17.45
CA LEU C 30 -25.49 -28.51 -16.76
C LEU C 30 -25.30 -29.33 -15.50
N SER C 31 -24.40 -30.32 -15.53
CA SER C 31 -24.24 -31.21 -14.40
C SER C 31 -23.07 -30.85 -13.48
N SER C 32 -22.31 -29.81 -13.78
CA SER C 32 -21.16 -29.48 -12.95
C SER C 32 -20.70 -28.07 -13.26
N THR C 33 -20.05 -27.45 -12.28
CA THR C 33 -19.51 -26.11 -12.47
C THR C 33 -18.36 -26.06 -13.48
N ASN C 34 -17.77 -27.19 -13.84
CA ASN C 34 -16.74 -27.20 -14.87
C ASN C 34 -17.25 -26.80 -16.25
N GLN C 35 -18.55 -26.97 -16.52
CA GLN C 35 -19.07 -26.62 -17.83
C GLN C 35 -19.18 -25.11 -18.05
N LEU C 36 -19.02 -24.29 -17.01
CA LEU C 36 -19.15 -22.85 -17.13
C LEU C 36 -17.80 -22.22 -17.44
N ARG C 37 -17.76 -21.36 -18.47
CA ARG C 37 -16.52 -20.75 -18.92
C ARG C 37 -16.72 -19.28 -19.25
N SER C 38 -15.68 -18.47 -19.04
CA SER C 38 -15.61 -17.12 -19.58
C SER C 38 -14.48 -17.04 -20.60
N VAL C 39 -14.71 -16.30 -21.68
CA VAL C 39 -13.76 -16.21 -22.78
C VAL C 39 -13.59 -14.76 -23.19
N GLY C 40 -12.35 -14.36 -23.45
CA GLY C 40 -12.03 -13.02 -23.95
C GLY C 40 -11.69 -13.06 -25.42
N LEU C 41 -12.33 -12.17 -26.18
CA LEU C 41 -12.16 -12.11 -27.63
C LEU C 41 -11.57 -10.76 -28.02
N ASN C 42 -10.68 -10.77 -29.02
CA ASN C 42 -9.96 -9.57 -29.45
C ASN C 42 -10.75 -8.78 -30.49
N LEU C 43 -10.79 -7.46 -30.30
CA LEU C 43 -11.47 -6.56 -31.22
C LEU C 43 -10.88 -6.61 -32.63
N GLU C 44 -9.57 -6.77 -32.75
CA GLU C 44 -8.88 -7.01 -34.01
C GLU C 44 -9.64 -8.00 -34.90
N GLY C 45 -10.12 -9.10 -34.31
CA GLY C 45 -10.79 -10.13 -35.08
C GLY C 45 -12.07 -9.68 -35.73
N ASN C 46 -12.57 -8.50 -35.37
CA ASN C 46 -13.76 -7.92 -36.00
C ASN C 46 -13.43 -6.91 -37.08
N GLY C 47 -12.15 -6.71 -37.38
CA GLY C 47 -11.75 -5.85 -38.47
C GLY C 47 -11.46 -4.40 -38.15
N VAL C 48 -11.27 -4.05 -36.88
CA VAL C 48 -10.96 -2.66 -36.57
C VAL C 48 -9.53 -2.34 -37.01
N ALA C 49 -9.30 -1.09 -37.40
CA ALA C 49 -7.96 -0.66 -37.78
C ALA C 49 -7.01 -0.79 -36.61
N THR C 50 -5.83 -1.36 -36.88
CA THR C 50 -4.86 -1.67 -35.84
C THR C 50 -3.69 -0.71 -35.83
N ASP C 51 -3.64 0.21 -36.80
CA ASP C 51 -2.60 1.24 -36.82
C ASP C 51 -2.58 1.97 -35.48
N VAL C 52 -1.37 2.33 -35.03
CA VAL C 52 -1.24 3.00 -33.74
C VAL C 52 -2.01 4.32 -33.70
N PRO C 53 -1.89 5.22 -34.68
CA PRO C 53 -2.70 6.45 -34.63
C PRO C 53 -4.19 6.21 -34.62
N SER C 54 -4.68 5.21 -35.34
CA SER C 54 -6.11 4.91 -35.32
C SER C 54 -6.52 4.33 -33.98
N ALA C 55 -5.73 3.42 -33.44
CA ALA C 55 -6.07 2.76 -32.18
C ALA C 55 -6.11 3.76 -31.03
N THR C 56 -5.14 4.64 -30.94
CA THR C 56 -5.07 5.56 -29.81
C THR C 56 -6.21 6.55 -29.77
N LYS C 57 -6.90 6.79 -30.90
CA LYS C 57 -8.07 7.66 -30.88
C LYS C 57 -9.25 7.07 -30.13
N ARG C 58 -9.24 5.77 -29.86
CA ARG C 58 -10.34 5.13 -29.13
C ARG C 58 -10.26 5.30 -27.62
N TRP C 59 -9.19 5.88 -27.08
CA TRP C 59 -9.03 6.01 -25.64
C TRP C 59 -9.10 7.48 -25.23
N GLY C 60 -9.59 7.73 -24.01
CA GLY C 60 -9.76 9.08 -23.54
C GLY C 60 -9.75 9.17 -22.03
N PHE C 61 -9.33 10.31 -21.51
CA PHE C 61 -9.21 10.53 -20.06
C PHE C 61 -10.47 11.13 -19.45
N ARG C 62 -10.76 10.72 -18.21
CA ARG C 62 -11.98 11.07 -17.51
C ARG C 62 -11.74 10.99 -16.02
N SER C 63 -12.30 11.94 -15.27
CA SER C 63 -12.32 11.95 -13.81
C SER C 63 -13.67 11.53 -13.24
N GLY C 64 -13.64 11.08 -11.98
CA GLY C 64 -14.84 10.78 -11.22
C GLY C 64 -15.41 9.38 -11.29
N VAL C 65 -14.83 8.48 -12.09
CA VAL C 65 -15.39 7.14 -12.30
C VAL C 65 -14.42 6.11 -11.73
N PRO C 66 -14.80 5.33 -10.71
CA PRO C 66 -13.90 4.30 -10.15
C PRO C 66 -13.64 3.16 -11.12
N PRO C 67 -12.39 2.69 -11.23
CA PRO C 67 -12.09 1.55 -12.10
C PRO C 67 -12.61 0.23 -11.54
N LYS C 68 -12.77 -0.74 -12.43
CA LYS C 68 -13.33 -2.06 -12.10
C LYS C 68 -12.62 -3.14 -12.90
N VAL C 69 -12.53 -4.33 -12.32
CA VAL C 69 -11.80 -5.45 -12.91
C VAL C 69 -12.68 -6.69 -12.82
N VAL C 70 -12.64 -7.53 -13.87
CA VAL C 70 -13.38 -8.79 -13.90
C VAL C 70 -12.48 -9.85 -14.55
N ASN C 71 -12.50 -11.06 -14.02
CA ASN C 71 -11.63 -12.11 -14.54
C ASN C 71 -12.22 -12.86 -15.72
N TYR C 72 -11.36 -13.55 -16.45
CA TYR C 72 -11.73 -14.45 -17.53
C TYR C 72 -10.70 -15.57 -17.59
N GLU C 73 -11.17 -16.75 -18.01
CA GLU C 73 -10.37 -17.96 -17.88
C GLU C 73 -9.64 -18.35 -19.16
N ALA C 74 -10.15 -17.97 -20.32
CA ALA C 74 -9.59 -18.40 -21.59
C ALA C 74 -9.61 -17.23 -22.54
N GLY C 75 -8.60 -17.17 -23.42
CA GLY C 75 -8.41 -16.02 -24.27
C GLY C 75 -7.98 -16.43 -25.66
N GLU C 76 -7.70 -15.41 -26.46
CA GLU C 76 -7.32 -15.54 -27.86
C GLU C 76 -5.89 -15.02 -28.04
N TRP C 77 -5.17 -15.62 -28.98
CA TRP C 77 -3.86 -15.07 -29.37
C TRP C 77 -4.06 -13.70 -30.01
N ALA C 78 -3.29 -12.72 -29.56
CA ALA C 78 -3.37 -11.37 -30.09
C ALA C 78 -2.27 -11.16 -31.12
N GLU C 79 -2.61 -10.46 -32.20
CA GLU C 79 -1.60 -10.01 -33.14
C GLU C 79 -0.92 -8.73 -32.67
N ASN C 80 -1.69 -7.80 -32.08
CA ASN C 80 -1.21 -6.48 -31.70
C ASN C 80 -1.55 -6.22 -30.24
N CYS C 81 -0.53 -5.90 -29.45
CA CYS C 81 -0.68 -5.37 -28.10
C CYS C 81 -0.02 -4.01 -28.03
N TYR C 82 -0.33 -3.26 -26.99
CA TYR C 82 0.16 -1.90 -26.83
C TYR C 82 0.69 -1.72 -25.41
N ASN C 83 1.64 -0.81 -25.27
CA ASN C 83 2.32 -0.57 -24.00
C ASN C 83 2.66 0.90 -23.93
N LEU C 84 2.08 1.63 -22.98
CA LEU C 84 2.14 3.08 -22.95
C LEU C 84 3.00 3.58 -21.80
N GLU C 85 3.88 4.54 -22.11
CA GLU C 85 4.71 5.24 -21.13
C GLU C 85 4.56 6.73 -21.42
N ILE C 86 3.49 7.35 -20.90
CA ILE C 86 3.15 8.73 -21.21
C ILE C 86 3.31 9.59 -19.97
N LYS C 87 3.87 10.79 -20.16
CA LYS C 87 4.15 11.72 -19.07
C LYS C 87 3.64 13.11 -19.42
N LYS C 88 3.43 13.94 -18.39
CA LYS C 88 3.07 15.32 -18.62
C LYS C 88 4.27 16.16 -19.05
N PRO C 89 4.05 17.28 -19.75
CA PRO C 89 5.19 18.05 -20.26
C PRO C 89 6.14 18.55 -19.18
N ASP C 90 5.66 18.76 -17.95
CA ASP C 90 6.60 19.08 -16.87
C ASP C 90 7.38 17.84 -16.44
N GLY C 91 6.76 16.68 -16.50
CA GLY C 91 7.35 15.42 -16.10
C GLY C 91 6.63 14.89 -14.88
N SER C 92 5.63 14.06 -15.13
CA SER C 92 4.79 13.48 -14.10
C SER C 92 4.07 12.30 -14.73
N GLU C 93 3.48 11.48 -13.89
CA GLU C 93 2.82 10.26 -14.33
C GLU C 93 1.33 10.51 -14.45
N CYS C 94 0.76 10.23 -15.63
CA CYS C 94 -0.68 10.32 -15.80
C CYS C 94 -1.34 8.95 -15.88
N LEU C 95 -0.59 7.87 -15.80
CA LEU C 95 -1.12 6.52 -15.76
C LEU C 95 -0.72 5.84 -14.46
N PRO C 96 -1.65 5.24 -13.73
CA PRO C 96 -1.30 4.59 -12.46
C PRO C 96 -0.51 3.31 -12.64
N ALA C 97 0.34 3.01 -11.65
CA ALA C 97 1.12 1.79 -11.64
C ALA C 97 0.22 0.56 -11.54
N ALA C 98 0.65 -0.52 -12.17
CA ALA C 98 -0.10 -1.77 -12.14
C ALA C 98 -0.30 -2.28 -10.71
N PRO C 99 -1.53 -2.53 -10.29
CA PRO C 99 -1.74 -3.17 -8.98
C PRO C 99 -1.10 -4.54 -8.91
N ASP C 100 -0.94 -5.01 -7.68
CA ASP C 100 -0.41 -6.35 -7.42
C ASP C 100 -1.22 -7.42 -8.14
N GLY C 101 -0.52 -8.25 -8.91
CA GLY C 101 -1.13 -9.37 -9.59
C GLY C 101 -1.82 -9.06 -10.90
N ILE C 102 -1.51 -7.93 -11.53
CA ILE C 102 -1.94 -7.64 -12.89
C ILE C 102 -0.70 -7.65 -13.78
N ARG C 103 -0.55 -8.72 -14.55
CA ARG C 103 0.54 -8.86 -15.50
C ARG C 103 0.05 -8.69 -16.93
N GLY C 104 1.01 -8.55 -17.84
CA GLY C 104 0.67 -8.28 -19.22
C GLY C 104 0.03 -9.45 -19.93
N PHE C 105 -0.59 -9.14 -21.06
CA PHE C 105 -1.22 -10.15 -21.88
C PHE C 105 -0.18 -11.19 -22.32
N PRO C 106 -0.44 -12.49 -22.15
CA PRO C 106 0.60 -13.49 -22.40
C PRO C 106 1.07 -13.61 -23.83
N ARG C 107 0.17 -13.67 -24.81
CA ARG C 107 0.53 -13.99 -26.19
C ARG C 107 0.16 -12.88 -27.17
N CYS C 108 1.16 -12.12 -27.63
CA CYS C 108 0.98 -11.25 -28.79
C CYS C 108 2.26 -11.17 -29.61
N ARG C 109 2.08 -11.28 -30.93
CA ARG C 109 3.21 -11.25 -31.85
C ARG C 109 3.94 -9.90 -31.80
N TYR C 110 3.21 -8.80 -31.73
CA TYR C 110 3.80 -7.46 -31.78
C TYR C 110 3.36 -6.66 -30.56
N VAL C 111 4.31 -6.02 -29.89
CA VAL C 111 4.05 -5.09 -28.80
C VAL C 111 4.53 -3.71 -29.23
N HIS C 112 3.58 -2.80 -29.46
CA HIS C 112 3.86 -1.41 -29.82
C HIS C 112 4.08 -0.60 -28.55
N LYS C 113 5.34 -0.27 -28.24
CA LYS C 113 5.65 0.46 -27.01
C LYS C 113 5.77 1.94 -27.32
N VAL C 114 4.83 2.73 -26.80
CA VAL C 114 4.73 4.16 -27.09
C VAL C 114 5.21 4.96 -25.88
N SER C 115 6.14 5.87 -26.12
CA SER C 115 6.64 6.80 -25.11
C SER C 115 6.40 8.22 -25.57
N GLY C 116 6.29 9.14 -24.62
CA GLY C 116 6.17 10.54 -24.99
C GLY C 116 5.50 11.37 -23.90
N THR C 117 4.91 12.49 -24.34
CA THR C 117 4.28 13.46 -23.46
C THR C 117 2.89 13.80 -23.97
N GLY C 118 2.01 14.17 -23.06
CA GLY C 118 0.68 14.60 -23.41
C GLY C 118 0.02 15.39 -22.30
N PRO C 119 -1.16 15.96 -22.57
CA PRO C 119 -1.85 16.71 -21.50
C PRO C 119 -2.45 15.85 -20.40
N CYS C 120 -2.85 14.61 -20.71
CA CYS C 120 -3.38 13.64 -19.74
C CYS C 120 -4.44 14.28 -18.84
N ALA C 121 -5.50 14.80 -19.48
CA ALA C 121 -6.51 15.62 -18.80
C ALA C 121 -7.63 14.77 -18.20
N GLY C 122 -7.29 14.04 -17.16
CA GLY C 122 -8.23 13.15 -16.49
C GLY C 122 -7.52 12.16 -15.61
N ASP C 123 -8.25 11.64 -14.63
CA ASP C 123 -7.63 10.73 -13.67
C ASP C 123 -7.40 9.35 -14.27
N PHE C 124 -8.29 8.87 -15.13
CA PHE C 124 -8.11 7.54 -15.70
C PHE C 124 -8.46 7.55 -17.18
N ALA C 125 -7.84 6.63 -17.93
CA ALA C 125 -8.07 6.49 -19.37
C ALA C 125 -9.01 5.32 -19.63
N PHE C 126 -10.13 5.60 -20.29
CA PHE C 126 -11.19 4.67 -20.60
C PHE C 126 -11.24 4.44 -22.11
N HIS C 127 -11.96 3.40 -22.51
CA HIS C 127 -12.24 3.09 -23.90
C HIS C 127 -13.51 3.79 -24.36
N LYS C 128 -13.40 4.56 -25.43
CA LYS C 128 -14.52 5.38 -25.88
C LYS C 128 -15.67 4.56 -26.44
N GLU C 129 -15.45 3.32 -26.84
CA GLU C 129 -16.52 2.45 -27.31
C GLU C 129 -16.99 1.45 -26.26
N GLY C 130 -16.51 1.54 -25.04
CA GLY C 130 -16.96 0.70 -23.96
C GLY C 130 -16.35 -0.69 -23.89
N ALA C 131 -15.35 -0.99 -24.72
CA ALA C 131 -14.70 -2.29 -24.67
C ALA C 131 -13.75 -2.36 -23.48
N PHE C 132 -13.12 -3.52 -23.28
CA PHE C 132 -12.21 -3.72 -22.16
C PHE C 132 -10.76 -3.79 -22.61
N PHE C 133 -9.87 -3.54 -21.66
CA PHE C 133 -8.44 -3.76 -21.81
C PHE C 133 -8.08 -5.07 -21.14
N LEU C 134 -7.65 -6.04 -21.92
CA LEU C 134 -7.38 -7.39 -21.46
C LEU C 134 -5.91 -7.54 -21.10
N TYR C 135 -5.67 -8.06 -19.91
CA TYR C 135 -4.38 -8.42 -19.35
C TYR C 135 -4.39 -9.93 -19.12
N ASP C 136 -3.43 -10.41 -18.35
CA ASP C 136 -3.36 -11.84 -18.10
C ASP C 136 -4.50 -12.28 -17.17
N ARG C 137 -5.61 -12.70 -17.79
CA ARG C 137 -6.80 -13.24 -17.12
C ARG C 137 -7.49 -12.24 -16.20
N LEU C 138 -7.31 -10.95 -16.45
CA LEU C 138 -8.08 -9.90 -15.79
C LEU C 138 -8.35 -8.82 -16.81
N ALA C 139 -9.60 -8.42 -16.95
CA ALA C 139 -10.00 -7.35 -17.83
C ALA C 139 -10.37 -6.13 -16.99
N SER C 140 -9.81 -4.99 -17.34
CA SER C 140 -10.02 -3.78 -16.58
C SER C 140 -10.62 -2.71 -17.48
N THR C 141 -11.31 -1.77 -16.85
CA THR C 141 -11.84 -0.62 -17.57
C THR C 141 -10.80 0.47 -17.83
N VAL C 142 -9.62 0.39 -17.24
CA VAL C 142 -8.63 1.45 -17.34
C VAL C 142 -7.27 0.88 -17.76
N ILE C 143 -6.41 1.79 -18.24
CA ILE C 143 -5.05 1.48 -18.68
C ILE C 143 -4.10 1.68 -17.51
N TYR C 144 -3.25 0.69 -17.27
CA TYR C 144 -2.19 0.81 -16.29
C TYR C 144 -0.84 1.10 -16.95
N ARG C 145 0.05 1.70 -16.17
CA ARG C 145 1.36 2.10 -16.66
C ARG C 145 2.24 0.88 -16.95
N GLY C 146 2.93 0.94 -18.09
CA GLY C 146 3.99 -0.01 -18.40
C GLY C 146 3.56 -1.46 -18.51
N THR C 147 2.30 -1.72 -18.86
CA THR C 147 1.74 -3.07 -18.85
C THR C 147 1.07 -3.34 -20.18
N THR C 148 1.53 -4.37 -20.89
CA THR C 148 1.02 -4.68 -22.22
C THR C 148 -0.40 -5.23 -22.16
N PHE C 149 -1.27 -4.70 -23.02
CA PHE C 149 -2.68 -5.08 -23.03
C PHE C 149 -3.15 -5.34 -24.46
N ALA C 150 -4.28 -6.04 -24.56
CA ALA C 150 -5.02 -6.21 -25.81
C ALA C 150 -6.40 -5.61 -25.65
N GLU C 151 -6.99 -5.13 -26.73
CA GLU C 151 -8.39 -4.69 -26.67
C GLU C 151 -9.31 -5.89 -26.83
N GLY C 152 -10.35 -5.99 -26.00
CA GLY C 152 -11.21 -7.15 -26.13
C GLY C 152 -12.50 -7.03 -25.35
N VAL C 153 -13.28 -8.12 -25.41
CA VAL C 153 -14.61 -8.23 -24.84
C VAL C 153 -14.76 -9.63 -24.24
N VAL C 154 -15.73 -9.78 -23.34
CA VAL C 154 -15.90 -11.01 -22.54
C VAL C 154 -17.26 -11.63 -22.83
N ALA C 155 -17.28 -12.96 -23.01
CA ALA C 155 -18.51 -13.75 -23.12
C ALA C 155 -18.52 -14.90 -22.12
N PHE C 156 -19.72 -15.38 -21.81
CA PHE C 156 -19.93 -16.49 -20.88
C PHE C 156 -20.65 -17.65 -21.55
N LEU C 157 -20.17 -18.87 -21.30
CA LEU C 157 -20.61 -20.05 -22.02
C LEU C 157 -20.90 -21.21 -21.07
N ILE C 158 -21.89 -22.02 -21.44
CA ILE C 158 -22.06 -23.38 -20.93
C ILE C 158 -21.49 -24.32 -21.96
N LEU C 159 -20.38 -24.97 -21.63
CA LEU C 159 -19.74 -25.86 -22.57
C LEU C 159 -20.47 -27.20 -22.62
N PRO C 160 -20.29 -27.98 -23.69
CA PRO C 160 -20.91 -29.30 -23.74
C PRO C 160 -20.20 -30.28 -22.82
N GLN C 161 -20.90 -31.38 -22.55
CA GLN C 161 -20.41 -32.38 -21.59
C GLN C 161 -19.04 -32.92 -22.00
N ALA C 162 -18.82 -33.15 -23.29
CA ALA C 162 -17.55 -33.69 -23.76
C ALA C 162 -16.44 -32.65 -23.64
N LYS C 163 -15.34 -33.03 -22.99
CA LYS C 163 -14.21 -32.12 -22.81
C LYS C 163 -13.51 -31.84 -24.13
N LYS C 164 -13.32 -32.87 -24.95
CA LYS C 164 -12.25 -32.85 -25.96
C LYS C 164 -12.50 -31.81 -27.05
N ASP C 165 -13.75 -31.63 -27.46
CA ASP C 165 -14.05 -30.75 -28.60
C ASP C 165 -13.65 -29.30 -28.32
N PHE C 166 -13.82 -28.83 -27.08
CA PHE C 166 -13.53 -27.44 -26.73
C PHE C 166 -12.36 -27.36 -25.75
N PHE C 167 -11.39 -26.52 -26.09
CA PHE C 167 -10.28 -26.12 -25.24
C PHE C 167 -9.53 -27.30 -24.62
N TYR C 186 6.99 -19.64 -29.07
CA TYR C 186 6.41 -18.32 -28.91
C TYR C 186 7.47 -17.22 -28.89
N TYR C 187 7.28 -16.23 -29.74
CA TYR C 187 8.20 -15.11 -29.87
C TYR C 187 7.42 -13.80 -29.90
N SER C 188 8.06 -12.73 -29.45
CA SER C 188 7.45 -11.41 -29.43
C SER C 188 8.41 -10.40 -30.04
N THR C 189 7.85 -9.31 -30.56
CA THR C 189 8.64 -8.24 -31.15
C THR C 189 8.14 -6.91 -30.61
N THR C 190 9.05 -5.97 -30.39
CA THR C 190 8.71 -4.65 -29.87
C THR C 190 9.01 -3.59 -30.93
N ILE C 191 8.04 -2.72 -31.18
CA ILE C 191 8.18 -1.60 -32.10
C ILE C 191 8.02 -0.32 -31.31
N ARG C 192 9.04 0.52 -31.32
CA ARG C 192 9.07 1.70 -30.47
C ARG C 192 8.63 2.97 -31.19
N TYR C 193 7.91 3.82 -30.47
CA TYR C 193 7.44 5.10 -30.97
C TYR C 193 7.71 6.18 -29.92
N GLN C 194 8.01 7.38 -30.39
CA GLN C 194 8.00 8.59 -29.57
C GLN C 194 6.83 9.46 -29.99
N ALA C 195 6.15 10.06 -29.02
CA ALA C 195 4.96 10.83 -29.31
C ALA C 195 4.94 12.12 -28.52
N THR C 196 4.44 13.18 -29.16
CA THR C 196 4.12 14.41 -28.48
C THR C 196 2.67 14.77 -28.82
N GLY C 197 2.00 15.43 -27.88
CA GLY C 197 0.60 15.72 -28.07
C GLY C 197 -0.24 14.46 -28.14
N PHE C 198 0.08 13.48 -27.31
CA PHE C 198 -0.63 12.22 -27.31
C PHE C 198 -2.07 12.43 -26.87
N GLY C 199 -3.00 11.79 -27.56
CA GLY C 199 -4.41 11.97 -27.29
C GLY C 199 -4.94 13.36 -27.58
N THR C 200 -4.46 14.00 -28.65
CA THR C 200 -4.91 15.33 -29.06
C THR C 200 -5.24 15.30 -30.54
N ASN C 201 -5.84 16.40 -31.00
CA ASN C 201 -6.31 16.49 -32.37
C ASN C 201 -5.18 16.22 -33.36
N GLU C 202 -4.03 16.87 -33.18
CA GLU C 202 -2.83 16.58 -33.96
C GLU C 202 -1.72 16.06 -33.05
N THR C 203 -1.30 14.82 -33.30
CA THR C 203 -0.31 14.12 -32.49
C THR C 203 0.90 13.76 -33.34
N GLU C 204 2.08 13.93 -32.76
CA GLU C 204 3.34 13.73 -33.49
C GLU C 204 3.94 12.39 -33.06
N TYR C 205 4.13 11.50 -34.02
CA TYR C 205 4.76 10.20 -33.79
C TYR C 205 6.05 10.11 -34.60
N LEU C 206 7.07 9.48 -34.02
CA LEU C 206 8.22 9.01 -34.78
C LEU C 206 8.52 7.57 -34.36
N PHE C 207 8.47 6.65 -35.32
CA PHE C 207 8.84 5.27 -35.06
C PHE C 207 10.34 5.09 -35.29
N GLU C 208 11.00 4.38 -34.39
CA GLU C 208 12.45 4.22 -34.47
C GLU C 208 12.82 3.00 -35.29
N ALA D 2 -29.35 -18.58 -32.19
CA ALA D 2 -30.17 -17.57 -32.88
C ALA D 2 -29.42 -16.25 -32.99
N ILE D 3 -28.10 -16.33 -33.13
CA ILE D 3 -27.24 -15.15 -33.25
C ILE D 3 -26.65 -15.12 -34.65
N VAL D 4 -26.82 -13.99 -35.33
CA VAL D 4 -26.32 -13.78 -36.68
C VAL D 4 -25.26 -12.68 -36.63
N ASN D 5 -24.09 -12.98 -37.20
CA ASN D 5 -22.99 -12.04 -37.16
C ASN D 5 -23.30 -10.79 -37.98
N ALA D 6 -23.06 -9.62 -37.39
CA ALA D 6 -23.26 -8.33 -38.02
C ALA D 6 -22.02 -7.46 -37.88
N GLN D 7 -20.85 -8.08 -37.88
CA GLN D 7 -19.56 -7.41 -37.80
C GLN D 7 -19.02 -7.14 -39.19
N PRO D 8 -18.10 -6.19 -39.34
CA PRO D 8 -17.49 -5.97 -40.66
C PRO D 8 -16.79 -7.20 -41.19
N LYS D 9 -16.06 -7.93 -40.35
CA LYS D 9 -15.40 -9.16 -40.78
C LYS D 9 -15.57 -10.24 -39.71
N CYS D 10 -15.13 -11.44 -40.07
CA CYS D 10 -15.00 -12.56 -39.16
C CYS D 10 -13.62 -13.15 -39.36
N ASN D 11 -12.81 -13.13 -38.33
CA ASN D 11 -11.68 -14.04 -38.42
C ASN D 11 -12.26 -15.40 -38.06
N PRO D 12 -12.40 -16.32 -39.03
CA PRO D 12 -13.12 -17.56 -38.75
C PRO D 12 -12.36 -18.55 -37.90
N ASN D 13 -11.10 -18.29 -37.59
CA ASN D 13 -10.29 -19.23 -36.82
C ASN D 13 -10.03 -18.68 -35.43
N LEU D 14 -10.05 -19.57 -34.45
CA LEU D 14 -9.86 -19.20 -33.04
C LEU D 14 -8.63 -19.92 -32.52
N HIS D 15 -7.50 -19.22 -32.50
CA HIS D 15 -6.27 -19.72 -31.91
C HIS D 15 -6.25 -19.27 -30.45
N TYR D 16 -6.57 -20.18 -29.53
CA TYR D 16 -6.85 -19.88 -28.14
C TYR D 16 -5.76 -20.36 -27.19
N TRP D 17 -5.74 -19.76 -26.00
CA TRP D 17 -4.91 -20.20 -24.87
C TRP D 17 -5.77 -20.34 -23.63
N THR D 18 -5.39 -21.26 -22.74
CA THR D 18 -6.05 -21.40 -21.44
C THR D 18 -5.11 -22.11 -20.47
N THR D 19 -5.55 -22.26 -19.23
CA THR D 19 -4.85 -23.04 -18.22
C THR D 19 -5.55 -24.38 -17.97
N GLN D 20 -4.77 -25.43 -17.70
CA GLN D 20 -5.33 -26.72 -17.29
C GLN D 20 -5.35 -26.82 -15.76
N ASP D 21 -6.53 -26.67 -15.16
CA ASP D 21 -6.65 -26.69 -13.70
C ASP D 21 -6.19 -28.01 -13.09
N GLU D 22 -6.30 -29.12 -13.82
CA GLU D 22 -5.79 -30.41 -13.35
C GLU D 22 -4.99 -31.10 -14.45
N GLY D 23 -3.72 -30.72 -14.57
CA GLY D 23 -2.82 -31.45 -15.43
C GLY D 23 -2.35 -32.72 -14.78
N ALA D 24 -2.13 -33.76 -15.59
CA ALA D 24 -1.55 -35.00 -15.10
C ALA D 24 -0.07 -34.73 -14.83
N ALA D 25 0.21 -34.17 -13.65
CA ALA D 25 1.54 -33.69 -13.34
C ALA D 25 2.56 -34.84 -13.35
N ILE D 26 3.81 -34.50 -13.61
CA ILE D 26 4.86 -35.50 -13.75
C ILE D 26 5.85 -35.39 -12.60
N GLY D 27 5.63 -36.18 -11.56
CA GLY D 27 6.53 -36.18 -10.42
C GLY D 27 6.47 -34.93 -9.57
N LEU D 28 7.55 -34.15 -9.58
CA LEU D 28 7.67 -32.98 -8.72
C LEU D 28 7.23 -31.70 -9.38
N ALA D 29 6.68 -31.75 -10.60
CA ALA D 29 6.31 -30.53 -11.30
C ALA D 29 5.19 -29.77 -10.63
N TRP D 30 4.37 -30.43 -9.80
CA TRP D 30 3.30 -29.72 -9.10
C TRP D 30 3.83 -28.87 -7.96
N ILE D 31 5.00 -29.19 -7.42
CA ILE D 31 5.60 -28.47 -6.30
C ILE D 31 6.03 -27.07 -6.75
N PRO D 32 5.53 -26.01 -6.12
CA PRO D 32 5.86 -24.65 -6.58
C PRO D 32 7.34 -24.37 -6.73
N TYR D 33 8.16 -24.83 -5.79
CA TYR D 33 9.60 -24.63 -5.87
C TYR D 33 10.20 -25.22 -7.14
N PHE D 34 9.72 -26.39 -7.56
CA PHE D 34 10.26 -27.08 -8.72
C PHE D 34 9.50 -26.82 -10.02
N GLY D 35 8.26 -26.36 -9.95
CA GLY D 35 7.41 -26.25 -11.11
C GLY D 35 7.82 -25.19 -12.11
N PRO D 36 6.97 -24.95 -13.10
CA PRO D 36 7.27 -23.95 -14.13
C PRO D 36 7.14 -22.54 -13.60
N ALA D 37 7.77 -21.60 -14.32
CA ALA D 37 7.61 -20.21 -14.01
C ALA D 37 6.23 -19.72 -14.43
N ALA D 38 5.89 -18.50 -14.03
CA ALA D 38 4.60 -17.91 -14.35
C ALA D 38 4.27 -17.97 -15.84
N GLU D 39 5.29 -17.86 -16.69
CA GLU D 39 5.08 -17.77 -18.13
C GLU D 39 4.78 -19.11 -18.79
N GLY D 40 5.06 -20.23 -18.13
CA GLY D 40 4.95 -21.52 -18.78
C GLY D 40 3.77 -22.38 -18.38
N ILE D 41 2.72 -21.77 -17.84
CA ILE D 41 1.58 -22.53 -17.33
C ILE D 41 0.43 -22.61 -18.32
N TYR D 42 0.60 -22.10 -19.54
CA TYR D 42 -0.49 -22.01 -20.51
C TYR D 42 -0.43 -23.16 -21.52
N ILE D 43 -1.61 -23.56 -21.99
CA ILE D 43 -1.77 -24.44 -23.14
C ILE D 43 -2.48 -23.69 -24.25
N GLU D 44 -2.31 -24.17 -25.48
CA GLU D 44 -2.82 -23.52 -26.68
C GLU D 44 -3.58 -24.51 -27.56
N GLY D 45 -4.38 -23.96 -28.47
CA GLY D 45 -5.08 -24.79 -29.44
C GLY D 45 -5.64 -23.97 -30.57
N LEU D 46 -6.22 -24.68 -31.55
CA LEU D 46 -6.76 -24.10 -32.77
C LEU D 46 -8.12 -24.69 -33.06
N MET D 47 -9.14 -23.83 -33.17
CA MET D 47 -10.49 -24.22 -33.57
C MET D 47 -10.87 -23.51 -34.86
N HIS D 48 -11.54 -24.22 -35.77
CA HIS D 48 -11.97 -23.62 -37.02
C HIS D 48 -13.46 -23.25 -36.96
N ASN D 49 -13.95 -22.65 -38.05
CA ASN D 49 -15.29 -22.06 -38.11
C ASN D 49 -16.33 -23.05 -38.58
N GLN D 50 -16.19 -24.32 -38.25
CA GLN D 50 -17.23 -25.28 -38.63
C GLN D 50 -18.58 -24.86 -38.07
N ASP D 51 -19.63 -25.15 -38.83
CA ASP D 51 -21.00 -24.94 -38.41
C ASP D 51 -21.31 -23.46 -38.16
N GLY D 52 -20.48 -22.57 -38.71
CA GLY D 52 -20.60 -21.15 -38.45
C GLY D 52 -20.55 -20.77 -36.98
N LEU D 53 -19.88 -21.57 -36.15
CA LEU D 53 -19.96 -21.32 -34.71
C LEU D 53 -19.15 -20.07 -34.32
N ILE D 54 -17.99 -19.86 -34.93
CA ILE D 54 -17.10 -18.81 -34.46
C ILE D 54 -17.72 -17.44 -34.65
N CYS D 55 -18.24 -17.15 -35.85
CA CYS D 55 -18.92 -15.87 -36.03
C CYS D 55 -20.05 -15.66 -35.04
N GLY D 56 -20.73 -16.74 -34.64
CA GLY D 56 -21.72 -16.60 -33.59
C GLY D 56 -21.09 -16.17 -32.28
N LEU D 57 -20.03 -16.86 -31.87
CA LEU D 57 -19.43 -16.63 -30.56
C LEU D 57 -18.97 -15.19 -30.43
N ARG D 58 -18.27 -14.67 -31.44
CA ARG D 58 -17.81 -13.31 -31.42
C ARG D 58 -18.97 -12.35 -31.22
N GLN D 59 -20.06 -12.55 -31.97
CA GLN D 59 -21.19 -11.65 -31.87
C GLN D 59 -21.75 -11.68 -30.45
N LEU D 60 -21.82 -12.87 -29.85
CA LEU D 60 -22.32 -12.96 -28.48
C LEU D 60 -21.52 -12.05 -27.56
N ALA D 61 -20.19 -12.08 -27.70
CA ALA D 61 -19.36 -11.24 -26.84
C ALA D 61 -19.77 -9.78 -26.97
N ASN D 62 -19.93 -9.32 -28.21
CA ASN D 62 -20.39 -7.96 -28.44
C ASN D 62 -21.65 -7.67 -27.64
N GLU D 63 -22.66 -8.52 -27.78
CA GLU D 63 -23.95 -8.24 -27.16
C GLU D 63 -23.84 -8.21 -25.65
N THR D 64 -22.88 -8.93 -25.08
CA THR D 64 -22.78 -9.00 -23.64
C THR D 64 -22.32 -7.68 -23.04
N THR D 65 -21.49 -6.92 -23.77
CA THR D 65 -20.71 -5.87 -23.13
C THR D 65 -21.59 -4.91 -22.36
N GLN D 66 -22.64 -4.40 -23.00
CA GLN D 66 -23.51 -3.42 -22.37
C GLN D 66 -23.97 -3.92 -21.01
N ALA D 67 -24.58 -5.10 -20.97
CA ALA D 67 -25.14 -5.57 -19.71
C ALA D 67 -24.03 -5.69 -18.68
N LEU D 68 -22.88 -6.24 -19.10
CA LEU D 68 -21.78 -6.43 -18.17
C LEU D 68 -21.35 -5.10 -17.58
N GLN D 69 -21.26 -4.06 -18.41
CA GLN D 69 -20.85 -2.76 -17.89
C GLN D 69 -21.81 -2.28 -16.82
N LEU D 70 -23.11 -2.39 -17.07
CA LEU D 70 -24.07 -1.90 -16.10
C LEU D 70 -23.96 -2.67 -14.80
N PHE D 71 -23.53 -3.92 -14.87
CA PHE D 71 -23.32 -4.69 -13.66
C PHE D 71 -22.17 -4.11 -12.85
N LEU D 72 -21.02 -3.87 -13.50
CA LEU D 72 -19.83 -3.45 -12.76
C LEU D 72 -19.98 -2.03 -12.23
N ARG D 73 -20.74 -1.19 -12.92
CA ARG D 73 -21.03 0.14 -12.38
C ARG D 73 -21.72 0.05 -11.03
N ALA D 74 -22.59 -0.95 -10.85
CA ALA D 74 -23.41 -1.00 -9.65
C ALA D 74 -22.72 -1.68 -8.47
N THR D 75 -21.65 -2.43 -8.71
CA THR D 75 -20.96 -3.11 -7.63
C THR D 75 -19.91 -2.20 -7.00
N THR D 76 -19.58 -2.49 -5.75
CA THR D 76 -18.53 -1.79 -5.02
C THR D 76 -17.25 -2.61 -4.86
N GLU D 77 -17.28 -3.89 -5.24
CA GLU D 77 -16.09 -4.72 -5.24
C GLU D 77 -15.10 -4.26 -6.31
N LEU D 78 -13.81 -4.33 -5.98
CA LEU D 78 -12.78 -3.90 -6.93
C LEU D 78 -12.52 -4.97 -7.99
N ARG D 79 -12.46 -6.24 -7.60
CA ARG D 79 -12.25 -7.35 -8.54
C ARG D 79 -13.37 -8.36 -8.35
N THR D 80 -14.07 -8.67 -9.43
CA THR D 80 -15.21 -9.58 -9.40
C THR D 80 -14.81 -10.96 -9.88
N PHE D 81 -14.97 -11.96 -9.02
CA PHE D 81 -14.68 -13.34 -9.37
C PHE D 81 -15.91 -14.25 -9.35
N SER D 82 -17.10 -13.72 -9.07
CA SER D 82 -18.23 -14.53 -8.65
C SER D 82 -19.38 -14.60 -9.65
N ILE D 83 -19.21 -14.14 -10.89
CA ILE D 83 -20.34 -14.12 -11.81
C ILE D 83 -20.84 -15.53 -12.14
N LEU D 84 -19.90 -16.46 -12.36
CA LEU D 84 -20.31 -17.81 -12.75
C LEU D 84 -21.03 -18.53 -11.60
N ASN D 85 -20.58 -18.29 -10.37
CA ASN D 85 -21.25 -18.89 -9.22
C ASN D 85 -22.67 -18.39 -9.09
N ARG D 86 -22.89 -17.08 -9.26
CA ARG D 86 -24.26 -16.57 -9.20
C ARG D 86 -25.10 -17.13 -10.32
N LYS D 87 -24.52 -17.30 -11.50
CA LYS D 87 -25.29 -17.86 -12.61
C LYS D 87 -25.75 -19.28 -12.28
N ALA D 88 -24.86 -20.08 -11.70
CA ALA D 88 -25.23 -21.45 -11.33
C ALA D 88 -26.30 -21.46 -10.23
N ILE D 89 -26.17 -20.60 -9.22
CA ILE D 89 -27.17 -20.55 -8.15
C ILE D 89 -28.53 -20.14 -8.72
N ASP D 90 -28.56 -19.16 -9.64
CA ASP D 90 -29.81 -18.76 -10.26
C ASP D 90 -30.41 -19.90 -11.03
N PHE D 91 -29.57 -20.65 -11.75
CA PHE D 91 -30.05 -21.79 -12.51
C PHE D 91 -30.71 -22.81 -11.62
N LEU D 92 -30.09 -23.11 -10.48
CA LEU D 92 -30.68 -24.07 -9.54
C LEU D 92 -31.98 -23.54 -8.95
N LEU D 93 -32.02 -22.24 -8.62
CA LEU D 93 -33.21 -21.68 -8.00
C LEU D 93 -34.42 -21.67 -8.93
N GLN D 94 -34.23 -21.29 -10.20
CA GLN D 94 -35.38 -21.30 -11.10
C GLN D 94 -36.07 -22.66 -11.14
N ARG D 95 -35.28 -23.73 -11.12
CA ARG D 95 -35.87 -25.05 -11.28
C ARG D 95 -36.38 -25.64 -9.97
N TRP D 96 -35.62 -25.53 -8.89
CA TRP D 96 -35.99 -26.20 -7.66
C TRP D 96 -36.31 -25.24 -6.54
N GLY D 97 -36.42 -23.94 -6.83
CA GLY D 97 -36.70 -22.95 -5.82
C GLY D 97 -38.13 -22.92 -5.35
N GLY D 98 -39.04 -23.53 -6.10
CA GLY D 98 -40.43 -23.59 -5.70
C GLY D 98 -41.01 -24.99 -5.77
N THR D 99 -42.31 -25.09 -5.52
CA THR D 99 -43.00 -26.37 -5.57
C THR D 99 -43.07 -26.90 -7.00
N CYS D 100 -42.65 -28.15 -7.19
CA CYS D 100 -42.67 -28.82 -8.48
C CYS D 100 -44.00 -29.55 -8.64
N HIS D 101 -44.86 -29.03 -9.50
CA HIS D 101 -46.10 -29.72 -9.89
C HIS D 101 -45.86 -30.50 -11.16
N ILE D 102 -45.96 -31.83 -11.07
CA ILE D 102 -45.70 -32.69 -12.23
C ILE D 102 -46.77 -32.44 -13.29
N LEU D 103 -46.36 -32.52 -14.56
CA LEU D 103 -47.10 -32.18 -15.76
C LEU D 103 -47.16 -30.66 -15.95
N GLY D 104 -46.62 -29.88 -15.02
CA GLY D 104 -46.49 -28.46 -15.21
C GLY D 104 -45.44 -28.15 -16.24
N PRO D 105 -45.51 -26.95 -16.83
CA PRO D 105 -44.55 -26.62 -17.89
C PRO D 105 -43.15 -26.33 -17.39
N ASP D 106 -42.95 -26.10 -16.09
CA ASP D 106 -41.63 -25.81 -15.57
C ASP D 106 -41.08 -26.89 -14.64
N CYS D 107 -41.78 -28.01 -14.47
CA CYS D 107 -41.27 -29.13 -13.67
C CYS D 107 -40.84 -30.24 -14.63
N CYS D 108 -39.54 -30.48 -14.69
CA CYS D 108 -38.95 -31.39 -15.67
C CYS D 108 -38.66 -32.77 -15.07
N ILE D 109 -39.72 -33.41 -14.57
CA ILE D 109 -39.66 -34.81 -14.19
C ILE D 109 -40.65 -35.58 -15.06
N GLU D 110 -40.13 -36.60 -15.77
CA GLU D 110 -40.97 -37.48 -16.57
C GLU D 110 -41.19 -38.78 -15.82
N PRO D 111 -42.40 -39.08 -15.36
CA PRO D 111 -42.69 -40.34 -14.68
C PRO D 111 -43.24 -41.41 -15.62
N ALA E 2 -11.90 -45.73 3.10
CA ALA E 2 -11.03 -46.61 2.33
C ALA E 2 -9.61 -46.04 2.27
N ILE E 3 -9.20 -45.36 3.33
CA ILE E 3 -7.89 -44.75 3.43
C ILE E 3 -7.09 -45.47 4.50
N VAL E 4 -5.90 -45.93 4.13
CA VAL E 4 -5.01 -46.64 5.04
C VAL E 4 -3.75 -45.80 5.24
N ASN E 5 -3.40 -45.56 6.49
CA ASN E 5 -2.26 -44.72 6.82
C ASN E 5 -0.95 -45.36 6.36
N ALA E 6 -0.13 -44.57 5.66
CA ALA E 6 1.17 -45.00 5.18
C ALA E 6 2.25 -44.00 5.58
N GLN E 7 2.09 -43.38 6.75
CA GLN E 7 3.03 -42.43 7.31
C GLN E 7 4.01 -43.14 8.23
N PRO E 8 5.18 -42.55 8.49
CA PRO E 8 6.10 -43.18 9.45
C PRO E 8 5.49 -43.35 10.83
N LYS E 9 4.75 -42.36 11.32
CA LYS E 9 4.09 -42.47 12.61
C LYS E 9 2.67 -41.91 12.52
N CYS E 10 1.93 -42.10 13.61
CA CYS E 10 0.63 -41.49 13.83
C CYS E 10 0.65 -40.89 15.23
N ASN E 11 0.50 -39.60 15.32
CA ASN E 11 0.11 -39.11 16.64
C ASN E 11 -1.37 -39.40 16.73
N PRO E 12 -1.80 -40.36 17.54
CA PRO E 12 -3.21 -40.78 17.49
C PRO E 12 -4.17 -39.81 18.14
N ASN E 13 -3.69 -38.76 18.79
CA ASN E 13 -4.54 -37.81 19.48
C ASN E 13 -4.57 -36.49 18.73
N LEU E 14 -5.74 -35.86 18.69
CA LEU E 14 -5.93 -34.61 17.97
C LEU E 14 -6.39 -33.56 18.99
N HIS E 15 -5.44 -32.74 19.45
CA HIS E 15 -5.73 -31.61 20.32
C HIS E 15 -5.94 -30.40 19.41
N TYR E 16 -7.20 -30.02 19.20
CA TYR E 16 -7.60 -29.06 18.19
C TYR E 16 -8.06 -27.73 18.77
N TRP E 17 -8.04 -26.69 17.93
CA TRP E 17 -8.61 -25.39 18.22
C TRP E 17 -9.52 -24.95 17.07
N THR E 18 -10.55 -24.18 17.39
CA THR E 18 -11.42 -23.59 16.37
C THR E 18 -12.13 -22.37 16.95
N THR E 19 -12.91 -21.69 16.11
CA THR E 19 -13.77 -20.60 16.53
C THR E 19 -15.24 -21.04 16.57
N GLN E 20 -16.01 -20.51 17.53
CA GLN E 20 -17.45 -20.73 17.56
C GLN E 20 -18.18 -19.56 16.89
N ASP E 21 -18.67 -19.80 15.67
CA ASP E 21 -19.33 -18.74 14.90
C ASP E 21 -20.55 -18.18 15.61
N GLU E 22 -21.24 -18.99 16.42
CA GLU E 22 -22.38 -18.49 17.22
C GLU E 22 -22.25 -18.97 18.65
N GLY E 23 -21.49 -18.24 19.45
CA GLY E 23 -21.47 -18.48 20.87
C GLY E 23 -22.68 -17.87 21.55
N ALA E 24 -23.15 -18.52 22.60
CA ALA E 24 -24.24 -17.97 23.41
C ALA E 24 -23.65 -16.83 24.23
N ALA E 25 -23.57 -15.66 23.59
CA ALA E 25 -22.88 -14.52 24.18
C ALA E 25 -23.52 -14.09 25.48
N ILE E 26 -22.73 -13.47 26.35
CA ILE E 26 -23.19 -13.10 27.68
C ILE E 26 -23.28 -11.58 27.80
N GLY E 27 -24.44 -11.02 27.54
CA GLY E 27 -24.63 -9.59 27.66
C GLY E 27 -23.93 -8.77 26.60
N LEU E 28 -22.93 -8.01 26.99
CA LEU E 28 -22.25 -7.09 26.09
C LEU E 28 -21.01 -7.67 25.45
N ALA E 29 -20.73 -8.96 25.64
CA ALA E 29 -19.52 -9.55 25.10
C ALA E 29 -19.50 -9.60 23.59
N TRP E 30 -20.66 -9.56 22.94
CA TRP E 30 -20.68 -9.55 21.47
C TRP E 30 -20.26 -8.21 20.89
N ILE E 31 -20.38 -7.13 21.65
CA ILE E 31 -20.04 -5.78 21.19
C ILE E 31 -18.54 -5.66 21.03
N PRO E 32 -18.04 -5.32 19.83
CA PRO E 32 -16.59 -5.26 19.61
C PRO E 32 -15.81 -4.43 20.62
N TYR E 33 -16.34 -3.27 21.00
CA TYR E 33 -15.69 -2.41 21.99
C TYR E 33 -15.47 -3.13 23.32
N PHE E 34 -16.45 -3.93 23.75
CA PHE E 34 -16.39 -4.61 25.04
C PHE E 34 -15.87 -6.04 24.98
N GLY E 35 -15.89 -6.67 23.81
CA GLY E 35 -15.58 -8.08 23.68
C GLY E 35 -14.13 -8.45 23.93
N PRO E 36 -13.80 -9.71 23.66
CA PRO E 36 -12.41 -10.16 23.86
C PRO E 36 -11.46 -9.62 22.81
N ALA E 37 -10.18 -9.66 23.15
CA ALA E 37 -9.16 -9.30 22.19
C ALA E 37 -9.02 -10.40 21.14
N ALA E 38 -8.24 -10.09 20.10
CA ALA E 38 -8.02 -11.05 19.02
C ALA E 38 -7.56 -12.41 19.52
N GLU E 39 -6.78 -12.43 20.60
CA GLU E 39 -6.18 -13.68 21.08
C GLU E 39 -7.15 -14.58 21.84
N GLY E 40 -8.28 -14.06 22.30
CA GLY E 40 -9.14 -14.83 23.17
C GLY E 40 -10.42 -15.36 22.55
N ILE E 41 -10.46 -15.50 21.23
CA ILE E 41 -11.68 -15.90 20.53
C ILE E 41 -11.70 -17.40 20.19
N TYR E 42 -10.71 -18.16 20.66
CA TYR E 42 -10.57 -19.55 20.28
C TYR E 42 -11.12 -20.49 21.36
N ILE E 43 -11.64 -21.63 20.92
CA ILE E 43 -11.96 -22.76 21.80
C ILE E 43 -11.08 -23.95 21.43
N GLU E 44 -10.94 -24.87 22.37
CA GLU E 44 -10.04 -26.02 22.24
C GLU E 44 -10.76 -27.31 22.61
N GLY E 45 -10.17 -28.43 22.18
CA GLY E 45 -10.70 -29.73 22.54
C GLY E 45 -9.70 -30.83 22.26
N LEU E 46 -10.09 -32.05 22.65
CA LEU E 46 -9.26 -33.24 22.55
C LEU E 46 -10.08 -34.39 21.99
N MET E 47 -9.62 -34.97 20.88
CA MET E 47 -10.21 -36.16 20.27
C MET E 47 -9.19 -37.29 20.26
N HIS E 48 -9.63 -38.51 20.55
CA HIS E 48 -8.74 -39.66 20.53
C HIS E 48 -8.91 -40.46 19.24
N ASN E 49 -8.11 -41.51 19.10
CA ASN E 49 -8.00 -42.30 17.86
C ASN E 49 -8.98 -43.45 17.81
N GLN E 50 -10.16 -43.29 18.39
CA GLN E 50 -11.14 -44.36 18.29
C GLN E 50 -11.44 -44.68 16.83
N ASP E 51 -11.71 -45.96 16.58
CA ASP E 51 -12.13 -46.44 15.27
C ASP E 51 -11.08 -46.21 14.20
N GLY E 52 -9.83 -46.00 14.62
CA GLY E 52 -8.76 -45.66 13.69
C GLY E 52 -9.02 -44.43 12.85
N LEU E 53 -9.84 -43.49 13.35
CA LEU E 53 -10.23 -42.38 12.48
C LEU E 53 -9.09 -41.40 12.27
N ILE E 54 -8.29 -41.13 13.29
CA ILE E 54 -7.31 -40.06 13.20
C ILE E 54 -6.26 -40.37 12.15
N CYS E 55 -5.68 -41.58 12.20
CA CYS E 55 -4.72 -41.95 11.15
C CYS E 55 -5.31 -41.83 9.76
N GLY E 56 -6.61 -42.10 9.61
CA GLY E 56 -7.24 -41.86 8.33
C GLY E 56 -7.21 -40.40 7.94
N LEU E 57 -7.64 -39.54 8.87
CA LEU E 57 -7.79 -38.12 8.58
C LEU E 57 -6.46 -37.52 8.12
N ARG E 58 -5.39 -37.81 8.86
CA ARG E 58 -4.08 -37.29 8.50
C ARG E 58 -3.72 -37.71 7.09
N GLN E 59 -3.92 -38.98 6.75
CA GLN E 59 -3.55 -39.44 5.43
C GLN E 59 -4.35 -38.70 4.37
N LEU E 60 -5.62 -38.45 4.63
CA LEU E 60 -6.43 -37.70 3.66
C LEU E 60 -5.78 -36.37 3.36
N ALA E 61 -5.32 -35.66 4.40
CA ALA E 61 -4.71 -34.36 4.18
C ALA E 61 -3.54 -34.49 3.21
N ASN E 62 -2.68 -35.48 3.45
CA ASN E 62 -1.56 -35.74 2.56
C ASN E 62 -2.04 -35.82 1.11
N GLU E 63 -3.03 -36.69 0.86
CA GLU E 63 -3.46 -36.95 -0.50
C GLU E 63 -4.03 -35.71 -1.15
N THR E 64 -4.57 -34.79 -0.36
CA THR E 64 -5.20 -33.61 -0.93
C THR E 64 -4.17 -32.67 -1.54
N THR E 65 -2.96 -32.62 -0.97
CA THR E 65 -2.07 -31.48 -1.23
C THR E 65 -1.86 -31.28 -2.71
N GLN E 66 -1.49 -32.34 -3.42
CA GLN E 66 -1.19 -32.23 -4.84
C GLN E 66 -2.32 -31.52 -5.58
N ALA E 67 -3.54 -32.05 -5.46
CA ALA E 67 -4.64 -31.47 -6.22
C ALA E 67 -4.83 -30.02 -5.83
N LEU E 68 -4.75 -29.73 -4.53
CA LEU E 68 -4.95 -28.36 -4.07
C LEU E 68 -3.92 -27.44 -4.70
N GLN E 69 -2.66 -27.88 -4.76
CA GLN E 69 -1.64 -27.02 -5.35
C GLN E 69 -1.98 -26.69 -6.79
N LEU E 70 -2.38 -27.71 -7.57
CA LEU E 70 -2.66 -27.46 -8.97
C LEU E 70 -3.82 -26.50 -9.13
N PHE E 71 -4.73 -26.48 -8.15
CA PHE E 71 -5.82 -25.53 -8.19
C PHE E 71 -5.30 -24.11 -8.02
N LEU E 72 -4.46 -23.88 -7.00
CA LEU E 72 -4.03 -22.51 -6.70
C LEU E 72 -3.09 -21.98 -7.75
N ARG E 73 -2.32 -22.85 -8.41
CA ARG E 73 -1.50 -22.41 -9.53
C ARG E 73 -2.36 -21.79 -10.63
N ALA E 74 -3.55 -22.33 -10.85
CA ALA E 74 -4.35 -21.89 -11.99
C ALA E 74 -5.19 -20.66 -11.71
N THR E 75 -5.41 -20.31 -10.44
CA THR E 75 -6.22 -19.15 -10.10
C THR E 75 -5.37 -17.89 -10.08
N THR E 76 -6.03 -16.76 -10.31
CA THR E 76 -5.40 -15.45 -10.23
C THR E 76 -5.77 -14.67 -8.97
N GLU E 77 -6.71 -15.17 -8.18
CA GLU E 77 -7.04 -14.57 -6.89
C GLU E 77 -5.91 -14.73 -5.90
N LEU E 78 -5.68 -13.70 -5.08
CA LEU E 78 -4.61 -13.76 -4.09
C LEU E 78 -4.99 -14.57 -2.88
N ARG E 79 -6.22 -14.43 -2.38
CA ARG E 79 -6.71 -15.19 -1.24
C ARG E 79 -8.01 -15.89 -1.64
N THR E 80 -8.05 -17.19 -1.48
CA THR E 80 -9.19 -18.02 -1.88
C THR E 80 -10.05 -18.36 -0.67
N PHE E 81 -11.31 -17.94 -0.69
CA PHE E 81 -12.26 -18.23 0.37
C PHE E 81 -13.42 -19.11 -0.08
N SER E 82 -13.46 -19.54 -1.34
CA SER E 82 -14.69 -20.02 -1.96
C SER E 82 -14.70 -21.51 -2.28
N ILE E 83 -13.74 -22.30 -1.80
CA ILE E 83 -13.70 -23.71 -2.21
C ILE E 83 -14.91 -24.47 -1.71
N LEU E 84 -15.33 -24.22 -0.47
CA LEU E 84 -16.45 -24.97 0.09
C LEU E 84 -17.76 -24.63 -0.61
N ASN E 85 -17.93 -23.36 -0.98
CA ASN E 85 -19.13 -22.97 -1.71
C ASN E 85 -19.21 -23.66 -3.06
N ARG E 86 -18.08 -23.73 -3.79
CA ARG E 86 -18.11 -24.42 -5.06
C ARG E 86 -18.39 -25.90 -4.87
N LYS E 87 -17.85 -26.49 -3.81
CA LYS E 87 -18.12 -27.91 -3.57
C LYS E 87 -19.60 -28.15 -3.34
N ALA E 88 -20.26 -27.28 -2.57
CA ALA E 88 -21.70 -27.41 -2.35
C ALA E 88 -22.50 -27.23 -3.63
N ILE E 89 -22.14 -26.22 -4.44
CA ILE E 89 -22.85 -26.01 -5.70
C ILE E 89 -22.69 -27.21 -6.63
N ASP E 90 -21.49 -27.78 -6.70
CA ASP E 90 -21.28 -28.97 -7.52
C ASP E 90 -22.14 -30.12 -7.02
N PHE E 91 -22.21 -30.28 -5.69
CA PHE E 91 -23.01 -31.34 -5.12
C PHE E 91 -24.48 -31.19 -5.52
N LEU E 92 -25.00 -29.97 -5.45
CA LEU E 92 -26.39 -29.76 -5.85
C LEU E 92 -26.59 -30.00 -7.33
N LEU E 93 -25.64 -29.58 -8.16
CA LEU E 93 -25.79 -29.73 -9.61
C LEU E 93 -25.77 -31.19 -10.04
N GLN E 94 -24.86 -32.01 -9.50
CA GLN E 94 -24.86 -33.41 -9.91
C GLN E 94 -26.21 -34.07 -9.70
N ARG E 95 -26.90 -33.74 -8.61
CA ARG E 95 -28.15 -34.41 -8.31
C ARG E 95 -29.35 -33.80 -9.01
N TRP E 96 -29.46 -32.48 -9.02
CA TRP E 96 -30.67 -31.85 -9.54
C TRP E 96 -30.41 -31.02 -10.79
N GLY E 97 -29.21 -31.13 -11.36
CA GLY E 97 -28.88 -30.35 -12.53
C GLY E 97 -29.49 -30.86 -13.81
N GLY E 98 -29.99 -32.09 -13.81
CA GLY E 98 -30.64 -32.64 -14.99
C GLY E 98 -32.00 -33.25 -14.69
N THR E 99 -32.60 -33.87 -15.70
CA THR E 99 -33.88 -34.52 -15.53
C THR E 99 -33.76 -35.76 -14.64
N CYS E 100 -34.63 -35.83 -13.64
CA CYS E 100 -34.67 -36.96 -12.70
C CYS E 100 -35.65 -38.01 -13.23
N HIS E 101 -35.13 -39.13 -13.71
CA HIS E 101 -35.94 -40.27 -14.08
C HIS E 101 -36.00 -41.26 -12.92
N ILE E 102 -37.21 -41.44 -12.36
CA ILE E 102 -37.38 -42.30 -11.20
C ILE E 102 -37.08 -43.74 -11.60
N LEU E 103 -36.48 -44.49 -10.66
CA LEU E 103 -35.92 -45.84 -10.81
C LEU E 103 -34.57 -45.79 -11.52
N GLY E 104 -34.12 -44.61 -11.94
CA GLY E 104 -32.79 -44.47 -12.48
C GLY E 104 -31.75 -44.58 -11.38
N PRO E 105 -30.51 -44.89 -11.74
CA PRO E 105 -29.48 -45.08 -10.72
C PRO E 105 -29.01 -43.80 -10.07
N ASP E 106 -29.28 -42.64 -10.66
CA ASP E 106 -28.84 -41.37 -10.10
C ASP E 106 -29.97 -40.49 -9.59
N CYS E 107 -31.22 -40.95 -9.62
CA CYS E 107 -32.34 -40.19 -9.08
C CYS E 107 -32.76 -40.84 -7.76
N CYS E 108 -32.54 -40.13 -6.66
CA CYS E 108 -32.71 -40.68 -5.31
C CYS E 108 -34.04 -40.25 -4.70
N ILE E 109 -35.13 -40.59 -5.39
CA ILE E 109 -36.47 -40.47 -4.83
C ILE E 109 -37.08 -41.87 -4.74
N GLU E 110 -37.49 -42.26 -3.54
CA GLU E 110 -38.18 -43.53 -3.33
C GLU E 110 -39.67 -43.27 -3.19
N PRO E 111 -40.51 -43.70 -4.15
CA PRO E 111 -41.96 -43.54 -4.06
C PRO E 111 -42.65 -44.76 -3.47
N ALA F 2 -43.94 -11.76 12.90
CA ALA F 2 -44.08 -11.95 14.33
C ALA F 2 -43.12 -11.06 15.11
N ILE F 3 -42.86 -9.87 14.57
CA ILE F 3 -41.95 -8.90 15.17
C ILE F 3 -42.76 -7.69 15.61
N VAL F 4 -42.62 -7.33 16.88
CA VAL F 4 -43.32 -6.20 17.48
C VAL F 4 -42.28 -5.15 17.87
N ASN F 5 -42.50 -3.92 17.42
CA ASN F 5 -41.54 -2.84 17.68
C ASN F 5 -41.48 -2.51 19.16
N ALA F 6 -40.25 -2.43 19.68
CA ALA F 6 -39.99 -2.08 21.07
C ALA F 6 -38.96 -0.96 21.16
N GLN F 7 -38.98 -0.06 20.19
CA GLN F 7 -38.10 1.10 20.15
C GLN F 7 -38.78 2.29 20.78
N PRO F 8 -38.02 3.30 21.22
CA PRO F 8 -38.65 4.52 21.75
C PRO F 8 -39.57 5.19 20.76
N LYS F 9 -39.17 5.29 19.48
CA LYS F 9 -40.01 5.87 18.46
C LYS F 9 -39.96 5.03 17.19
N CYS F 10 -40.82 5.40 16.24
CA CYS F 10 -40.80 4.88 14.89
C CYS F 10 -40.87 6.07 13.95
N ASN F 11 -39.86 6.25 13.14
CA ASN F 11 -40.12 7.12 12.00
C ASN F 11 -40.89 6.24 11.02
N PRO F 12 -42.19 6.47 10.82
CA PRO F 12 -42.97 5.51 10.04
C PRO F 12 -42.72 5.59 8.54
N ASN F 13 -41.94 6.55 8.06
CA ASN F 13 -41.70 6.72 6.64
C ASN F 13 -40.27 6.32 6.30
N LEU F 14 -40.10 5.68 5.15
CA LEU F 14 -38.79 5.19 4.71
C LEU F 14 -38.48 5.88 3.38
N HIS F 15 -37.68 6.93 3.44
CA HIS F 15 -37.17 7.61 2.26
C HIS F 15 -35.82 6.97 1.92
N TYR F 16 -35.82 6.10 0.91
CA TYR F 16 -34.70 5.21 0.60
C TYR F 16 -33.98 5.60 -0.68
N TRP F 17 -32.73 5.10 -0.79
CA TRP F 17 -31.92 5.19 -2.00
C TRP F 17 -31.36 3.81 -2.34
N THR F 18 -31.17 3.55 -3.63
CA THR F 18 -30.53 2.32 -4.08
C THR F 18 -29.96 2.53 -5.49
N THR F 19 -29.28 1.51 -6.00
CA THR F 19 -28.81 1.48 -7.38
C THR F 19 -29.67 0.56 -8.24
N GLN F 20 -29.86 0.92 -9.52
CA GLN F 20 -30.53 0.04 -10.47
C GLN F 20 -29.48 -0.75 -11.28
N ASP F 21 -29.34 -2.04 -10.94
CA ASP F 21 -28.32 -2.86 -11.60
C ASP F 21 -28.53 -2.97 -13.10
N GLU F 22 -29.78 -2.88 -13.59
CA GLU F 22 -30.07 -2.88 -15.02
C GLU F 22 -31.04 -1.76 -15.36
N GLY F 23 -30.49 -0.55 -15.55
CA GLY F 23 -31.28 0.53 -16.07
C GLY F 23 -31.44 0.42 -17.57
N ALA F 24 -32.60 0.86 -18.08
CA ALA F 24 -32.81 0.91 -19.52
C ALA F 24 -31.99 2.08 -20.05
N ALA F 25 -30.71 1.82 -20.29
CA ALA F 25 -29.76 2.87 -20.62
C ALA F 25 -30.15 3.56 -21.92
N ILE F 26 -29.73 4.82 -22.07
CA ILE F 26 -30.12 5.63 -23.21
C ILE F 26 -28.90 5.91 -24.08
N GLY F 27 -28.70 5.08 -25.09
CA GLY F 27 -27.60 5.29 -26.01
C GLY F 27 -26.23 5.00 -25.43
N LEU F 28 -25.42 6.04 -25.25
CA LEU F 28 -24.04 5.89 -24.81
C LEU F 28 -23.87 6.05 -23.31
N ALA F 29 -24.96 6.17 -22.56
CA ALA F 29 -24.85 6.40 -21.12
C ALA F 29 -24.24 5.22 -20.38
N TRP F 30 -24.31 4.01 -20.93
CA TRP F 30 -23.70 2.87 -20.27
C TRP F 30 -22.19 2.87 -20.38
N ILE F 31 -21.62 3.56 -21.36
CA ILE F 31 -20.18 3.62 -21.59
C ILE F 31 -19.52 4.42 -20.47
N PRO F 32 -18.57 3.84 -19.73
CA PRO F 32 -17.96 4.56 -18.59
C PRO F 32 -17.44 5.94 -18.93
N TYR F 33 -16.78 6.10 -20.07
CA TYR F 33 -16.26 7.41 -20.47
C TYR F 33 -17.35 8.46 -20.58
N PHE F 34 -18.52 8.07 -21.09
CA PHE F 34 -19.62 9.01 -21.30
C PHE F 34 -20.65 9.05 -20.18
N GLY F 35 -20.70 8.03 -19.33
CA GLY F 35 -21.75 7.91 -18.34
C GLY F 35 -21.69 8.91 -17.21
N PRO F 36 -22.54 8.72 -16.20
CA PRO F 36 -22.58 9.65 -15.07
C PRO F 36 -21.37 9.48 -14.17
N ALA F 37 -21.12 10.52 -13.37
CA ALA F 37 -20.09 10.45 -12.36
C ALA F 37 -20.54 9.55 -11.21
N ALA F 38 -19.59 9.25 -10.31
CA ALA F 38 -19.89 8.39 -9.16
C ALA F 38 -21.10 8.85 -8.37
N GLU F 39 -21.33 10.16 -8.30
CA GLU F 39 -22.39 10.72 -7.46
C GLU F 39 -23.78 10.59 -8.07
N GLY F 40 -23.90 10.32 -9.37
CA GLY F 40 -25.20 10.35 -10.02
C GLY F 40 -25.80 9.02 -10.38
N ILE F 41 -25.37 7.95 -9.73
CA ILE F 41 -25.82 6.60 -10.09
C ILE F 41 -26.95 6.10 -9.20
N TYR F 42 -27.48 6.93 -8.31
CA TYR F 42 -28.46 6.51 -7.33
C TYR F 42 -29.88 6.88 -7.75
N ILE F 43 -30.84 6.04 -7.35
CA ILE F 43 -32.26 6.35 -7.43
C ILE F 43 -32.84 6.42 -6.02
N GLU F 44 -33.97 7.10 -5.89
CA GLU F 44 -34.60 7.36 -4.59
C GLU F 44 -36.09 7.02 -4.63
N GLY F 45 -36.66 6.86 -3.44
CA GLY F 45 -38.09 6.62 -3.34
C GLY F 45 -38.59 6.84 -1.93
N LEU F 46 -39.91 6.72 -1.77
CA LEU F 46 -40.62 6.96 -0.53
C LEU F 46 -41.62 5.84 -0.28
N MET F 47 -41.51 5.17 0.86
CA MET F 47 -42.45 4.15 1.31
C MET F 47 -43.08 4.59 2.63
N HIS F 48 -44.38 4.36 2.79
CA HIS F 48 -45.06 4.70 4.02
C HIS F 48 -45.26 3.46 4.90
N ASN F 49 -45.83 3.68 6.09
CA ASN F 49 -45.94 2.66 7.13
C ASN F 49 -47.21 1.85 7.02
N GLN F 50 -47.71 1.60 5.82
CA GLN F 50 -48.89 0.77 5.69
C GLN F 50 -48.65 -0.60 6.31
N ASP F 51 -49.71 -1.16 6.88
CA ASP F 51 -49.71 -2.51 7.42
C ASP F 51 -48.73 -2.66 8.57
N GLY F 52 -48.32 -1.55 9.18
CA GLY F 52 -47.30 -1.56 10.21
C GLY F 52 -46.00 -2.20 9.79
N LEU F 53 -45.66 -2.16 8.50
CA LEU F 53 -44.48 -2.90 8.06
C LEU F 53 -43.19 -2.23 8.49
N ILE F 54 -43.14 -0.90 8.47
CA ILE F 54 -41.87 -0.21 8.68
C ILE F 54 -41.36 -0.44 10.10
N CYS F 55 -42.22 -0.25 11.11
CA CYS F 55 -41.79 -0.52 12.47
C CYS F 55 -41.31 -1.96 12.63
N GLY F 56 -41.88 -2.90 11.89
CA GLY F 56 -41.34 -4.25 11.91
C GLY F 56 -39.93 -4.30 11.37
N LEU F 57 -39.72 -3.70 10.19
CA LEU F 57 -38.44 -3.81 9.51
C LEU F 57 -37.32 -3.26 10.37
N ARG F 58 -37.53 -2.08 10.96
CA ARG F 58 -36.51 -1.49 11.82
C ARG F 58 -36.15 -2.43 12.95
N GLN F 59 -37.17 -3.01 13.60
CA GLN F 59 -36.90 -3.90 14.72
C GLN F 59 -36.07 -5.08 14.26
N LEU F 60 -36.37 -5.63 13.08
CA LEU F 60 -35.60 -6.74 12.57
C LEU F 60 -34.13 -6.39 12.51
N ALA F 61 -33.81 -5.19 12.00
CA ALA F 61 -32.42 -4.77 11.90
C ALA F 61 -31.76 -4.85 13.25
N ASN F 62 -32.42 -4.30 14.28
CA ASN F 62 -31.91 -4.36 15.64
C ASN F 62 -31.53 -5.78 16.00
N GLU F 63 -32.48 -6.71 15.84
CA GLU F 63 -32.26 -8.08 16.29
C GLU F 63 -31.12 -8.74 15.55
N THR F 64 -30.85 -8.30 14.33
CA THR F 64 -29.80 -8.95 13.55
C THR F 64 -28.42 -8.65 14.10
N THR F 65 -28.23 -7.47 14.70
CA THR F 65 -26.87 -6.95 14.87
C THR F 65 -26.00 -7.95 15.63
N GLN F 66 -26.50 -8.44 16.76
CA GLN F 66 -25.71 -9.35 17.58
C GLN F 66 -25.16 -10.50 16.75
N ALA F 67 -26.05 -11.23 16.07
CA ALA F 67 -25.60 -12.40 15.33
C ALA F 67 -24.58 -11.98 14.28
N LEU F 68 -24.86 -10.88 13.58
CA LEU F 68 -23.95 -10.43 12.54
C LEU F 68 -22.57 -10.15 13.12
N GLN F 69 -22.51 -9.51 14.28
CA GLN F 69 -21.21 -9.22 14.88
C GLN F 69 -20.44 -10.49 15.13
N LEU F 70 -21.11 -11.49 15.71
CA LEU F 70 -20.39 -12.72 16.03
C LEU F 70 -19.89 -13.41 14.78
N PHE F 71 -20.58 -13.19 13.66
CA PHE F 71 -20.10 -13.73 12.40
C PHE F 71 -18.79 -13.07 11.98
N LEU F 72 -18.76 -11.73 11.99
CA LEU F 72 -17.59 -11.02 11.48
C LEU F 72 -16.38 -11.19 12.39
N ARG F 73 -16.60 -11.37 13.70
CA ARG F 73 -15.50 -11.67 14.59
C ARG F 73 -14.80 -12.96 14.16
N ALA F 74 -15.54 -13.94 13.67
CA ALA F 74 -14.95 -15.25 13.40
C ALA F 74 -14.30 -15.34 12.03
N THR F 75 -14.59 -14.44 11.12
CA THR F 75 -14.01 -14.49 9.78
C THR F 75 -12.67 -13.76 9.75
N THR F 76 -11.83 -14.16 8.81
CA THR F 76 -10.55 -13.51 8.57
C THR F 76 -10.53 -12.63 7.32
N GLU F 77 -11.58 -12.65 6.52
CA GLU F 77 -11.73 -11.77 5.38
C GLU F 77 -11.91 -10.32 5.83
N LEU F 78 -11.30 -9.40 5.09
CA LEU F 78 -11.41 -7.98 5.44
C LEU F 78 -12.75 -7.38 5.00
N ARG F 79 -13.23 -7.73 3.81
CA ARG F 79 -14.52 -7.25 3.30
C ARG F 79 -15.34 -8.46 2.90
N THR F 80 -16.54 -8.57 3.45
CA THR F 80 -17.44 -9.69 3.22
C THR F 80 -18.51 -9.32 2.21
N PHE F 81 -18.54 -10.04 1.08
CA PHE F 81 -19.55 -9.83 0.05
C PHE F 81 -20.47 -11.03 -0.14
N SER F 82 -20.32 -12.10 0.62
CA SER F 82 -20.87 -13.39 0.26
C SER F 82 -22.00 -13.90 1.17
N ILE F 83 -22.57 -13.06 2.04
CA ILE F 83 -23.58 -13.56 2.97
C ILE F 83 -24.83 -14.03 2.23
N LEU F 84 -25.27 -13.27 1.22
CA LEU F 84 -26.50 -13.64 0.53
C LEU F 84 -26.34 -14.93 -0.28
N ASN F 85 -25.15 -15.12 -0.86
CA ASN F 85 -24.90 -16.36 -1.60
C ASN F 85 -24.95 -17.56 -0.67
N ARG F 86 -24.34 -17.46 0.52
CA ARG F 86 -24.41 -18.58 1.45
C ARG F 86 -25.84 -18.83 1.90
N LYS F 87 -26.61 -17.76 2.09
CA LYS F 87 -28.01 -17.96 2.49
C LYS F 87 -28.78 -18.72 1.44
N ALA F 88 -28.57 -18.39 0.16
CA ALA F 88 -29.24 -19.10 -0.92
C ALA F 88 -28.80 -20.56 -1.00
N ILE F 89 -27.49 -20.82 -0.87
CA ILE F 89 -27.01 -22.20 -0.92
C ILE F 89 -27.59 -23.01 0.24
N ASP F 90 -27.67 -22.42 1.44
CA ASP F 90 -28.27 -23.12 2.56
C ASP F 90 -29.73 -23.42 2.30
N PHE F 91 -30.44 -22.46 1.71
CA PHE F 91 -31.85 -22.67 1.39
C PHE F 91 -32.02 -23.83 0.44
N LEU F 92 -31.18 -23.92 -0.59
CA LEU F 92 -31.27 -25.03 -1.52
C LEU F 92 -30.92 -26.36 -0.86
N LEU F 93 -29.91 -26.35 0.01
CA LEU F 93 -29.48 -27.60 0.65
C LEU F 93 -30.53 -28.16 1.60
N GLN F 94 -31.17 -27.31 2.42
CA GLN F 94 -32.19 -27.84 3.32
C GLN F 94 -33.27 -28.62 2.57
N ARG F 95 -33.66 -28.12 1.40
CA ARG F 95 -34.77 -28.75 0.69
C ARG F 95 -34.33 -29.93 -0.17
N TRP F 96 -33.24 -29.80 -0.92
CA TRP F 96 -32.88 -30.83 -1.87
C TRP F 96 -31.56 -31.52 -1.51
N GLY F 97 -31.03 -31.26 -0.33
CA GLY F 97 -29.77 -31.85 0.08
C GLY F 97 -29.87 -33.30 0.47
N GLY F 98 -31.09 -33.79 0.74
CA GLY F 98 -31.26 -35.19 1.09
C GLY F 98 -32.34 -35.87 0.27
N THR F 99 -32.63 -37.13 0.61
CA THR F 99 -33.68 -37.87 -0.07
C THR F 99 -35.06 -37.30 0.22
N CYS F 100 -35.83 -37.05 -0.83
CA CYS F 100 -37.18 -36.52 -0.72
C CYS F 100 -38.16 -37.69 -0.66
N HIS F 101 -38.75 -37.92 0.50
CA HIS F 101 -39.83 -38.89 0.66
C HIS F 101 -41.16 -38.16 0.56
N ILE F 102 -41.94 -38.50 -0.47
CA ILE F 102 -43.22 -37.83 -0.71
C ILE F 102 -44.18 -38.17 0.43
N LEU F 103 -45.01 -37.20 0.80
CA LEU F 103 -45.92 -37.19 1.95
C LEU F 103 -45.14 -36.90 3.23
N GLY F 104 -43.82 -36.78 3.18
CA GLY F 104 -43.05 -36.37 4.32
C GLY F 104 -43.27 -34.90 4.62
N PRO F 105 -42.99 -34.48 5.85
CA PRO F 105 -43.25 -33.08 6.21
C PRO F 105 -42.27 -32.09 5.61
N ASP F 106 -41.14 -32.54 5.10
CA ASP F 106 -40.15 -31.64 4.52
C ASP F 106 -39.97 -31.79 3.02
N CYS F 107 -40.74 -32.65 2.36
CA CYS F 107 -40.70 -32.78 0.91
C CYS F 107 -41.94 -32.11 0.32
N CYS F 108 -41.72 -31.01 -0.39
CA CYS F 108 -42.80 -30.15 -0.87
C CYS F 108 -43.12 -30.42 -2.35
N ILE F 109 -43.48 -31.67 -2.64
CA ILE F 109 -44.04 -32.02 -3.93
C ILE F 109 -45.45 -32.55 -3.72
N GLU F 110 -46.43 -31.91 -4.38
CA GLU F 110 -47.81 -32.35 -4.33
C GLU F 110 -48.12 -33.12 -5.61
N PRO F 111 -48.36 -34.44 -5.56
CA PRO F 111 -48.72 -35.21 -6.74
C PRO F 111 -50.23 -35.37 -6.90
N SER G 5 -11.34 -31.32 -8.72
CA SER G 5 -11.07 -32.68 -8.30
C SER G 5 -10.14 -32.70 -7.10
N ILE G 6 -10.66 -32.29 -5.95
CA ILE G 6 -9.93 -32.29 -4.69
C ILE G 6 -10.61 -33.26 -3.74
N PRO G 7 -9.90 -34.23 -3.19
CA PRO G 7 -10.52 -35.23 -2.30
C PRO G 7 -11.35 -34.65 -1.17
N LEU G 8 -12.65 -34.91 -1.21
CA LEU G 8 -13.58 -34.56 -0.14
C LEU G 8 -13.83 -35.80 0.70
N GLY G 9 -13.53 -35.73 1.99
CA GLY G 9 -13.66 -36.87 2.88
C GLY G 9 -14.91 -36.76 3.73
N VAL G 10 -15.73 -37.81 3.69
CA VAL G 10 -16.99 -37.85 4.42
C VAL G 10 -16.85 -38.81 5.60
N ILE G 11 -17.24 -38.32 6.77
CA ILE G 11 -17.23 -39.12 7.99
C ILE G 11 -18.52 -39.92 8.08
N HIS G 12 -18.39 -41.23 8.17
CA HIS G 12 -19.46 -42.18 8.34
C HIS G 12 -19.67 -42.36 9.85
N ASN G 13 -20.27 -43.47 10.27
CA ASN G 13 -20.42 -43.65 11.70
C ASN G 13 -19.06 -43.90 12.33
N SER G 14 -18.43 -42.83 12.82
CA SER G 14 -17.12 -42.87 13.48
C SER G 14 -16.04 -43.50 12.61
N ALA G 15 -16.08 -43.23 11.30
CA ALA G 15 -15.08 -43.74 10.37
C ALA G 15 -14.96 -42.71 9.25
N LEU G 16 -13.85 -42.72 8.54
CA LEU G 16 -13.62 -41.74 7.48
C LEU G 16 -13.41 -42.41 6.14
N GLN G 17 -14.29 -42.13 5.17
CA GLN G 17 -14.10 -42.60 3.80
C GLN G 17 -14.01 -41.41 2.87
N VAL G 18 -13.12 -41.48 1.88
CA VAL G 18 -12.96 -40.38 0.93
C VAL G 18 -14.07 -40.49 -0.11
N SER G 19 -15.00 -39.54 -0.05
CA SER G 19 -16.19 -39.61 -0.89
C SER G 19 -15.83 -39.47 -2.36
N ASP G 20 -16.28 -40.44 -3.16
CA ASP G 20 -16.01 -40.43 -4.59
C ASP G 20 -17.13 -39.65 -5.28
N VAL G 21 -16.78 -38.54 -5.91
CA VAL G 21 -17.79 -37.66 -6.50
C VAL G 21 -18.29 -38.14 -7.86
N ASP G 22 -17.51 -38.93 -8.61
CA ASP G 22 -17.94 -39.34 -9.94
C ASP G 22 -19.21 -40.18 -9.89
N LYS G 23 -19.23 -41.19 -9.02
CA LYS G 23 -20.48 -41.90 -8.79
C LYS G 23 -21.35 -41.08 -7.85
N LEU G 24 -22.62 -41.46 -7.75
CA LEU G 24 -23.58 -40.78 -6.88
C LEU G 24 -24.23 -41.80 -5.96
N VAL G 25 -23.75 -41.87 -4.72
CA VAL G 25 -24.32 -42.74 -3.68
C VAL G 25 -24.92 -41.80 -2.63
N CYS G 26 -26.25 -41.68 -2.64
CA CYS G 26 -26.99 -40.70 -1.87
C CYS G 26 -27.07 -40.93 -0.36
N ARG G 27 -26.57 -42.04 0.18
CA ARG G 27 -26.81 -42.28 1.60
C ARG G 27 -26.12 -41.23 2.48
N ASP G 28 -25.06 -40.60 1.98
CA ASP G 28 -24.51 -39.41 2.62
C ASP G 28 -25.52 -38.27 2.63
N LYS G 29 -25.64 -37.60 3.75
CA LYS G 29 -26.61 -36.54 3.93
C LYS G 29 -25.88 -35.24 4.26
N LEU G 30 -26.03 -34.24 3.42
CA LEU G 30 -25.45 -32.92 3.63
C LEU G 30 -26.61 -31.94 3.57
N SER G 31 -27.17 -31.57 4.73
CA SER G 31 -28.35 -30.73 4.77
C SER G 31 -28.05 -29.25 5.01
N SER G 32 -26.79 -28.86 5.19
CA SER G 32 -26.50 -27.46 5.46
C SER G 32 -25.02 -27.21 5.24
N THR G 33 -24.69 -25.96 4.93
CA THR G 33 -23.30 -25.56 4.76
C THR G 33 -22.47 -25.65 6.03
N ASN G 34 -23.10 -25.74 7.21
CA ASN G 34 -22.35 -25.91 8.44
C ASN G 34 -21.60 -27.24 8.52
N GLN G 35 -22.04 -28.26 7.79
CA GLN G 35 -21.36 -29.54 7.84
C GLN G 35 -20.02 -29.55 7.11
N LEU G 36 -19.71 -28.52 6.34
CA LEU G 36 -18.47 -28.47 5.58
C LEU G 36 -17.38 -27.79 6.40
N ARG G 37 -16.20 -28.42 6.47
CA ARG G 37 -15.09 -27.93 7.28
C ARG G 37 -13.78 -28.09 6.56
N SER G 38 -12.85 -27.17 6.81
CA SER G 38 -11.45 -27.33 6.45
C SER G 38 -10.59 -27.44 7.70
N VAL G 39 -9.58 -28.30 7.68
CA VAL G 39 -8.75 -28.57 8.85
C VAL G 39 -7.28 -28.55 8.43
N GLY G 40 -6.45 -27.93 9.25
CA GLY G 40 -5.00 -27.93 9.05
C GLY G 40 -4.31 -28.87 10.02
N LEU G 41 -3.44 -29.71 9.47
CA LEU G 41 -2.73 -30.73 10.23
C LEU G 41 -1.23 -30.47 10.18
N ASN G 42 -0.54 -30.71 11.30
CA ASN G 42 0.89 -30.41 11.42
C ASN G 42 1.75 -31.57 10.95
N LEU G 43 2.78 -31.25 10.16
CA LEU G 43 3.72 -32.24 9.66
C LEU G 43 4.44 -32.99 10.77
N GLU G 44 4.78 -32.30 11.86
CA GLU G 44 5.31 -32.91 13.08
C GLU G 44 4.59 -34.20 13.44
N GLY G 45 3.26 -34.22 13.36
CA GLY G 45 2.50 -35.38 13.76
C GLY G 45 2.75 -36.59 12.90
N ASN G 46 3.45 -36.45 11.78
CA ASN G 46 3.81 -37.56 10.92
C ASN G 46 5.23 -38.03 11.17
N GLY G 47 5.94 -37.47 12.14
CA GLY G 47 7.24 -37.95 12.52
C GLY G 47 8.43 -37.30 11.84
N VAL G 48 8.28 -36.14 11.22
CA VAL G 48 9.43 -35.50 10.60
C VAL G 48 10.33 -34.92 11.69
N ALA G 49 11.63 -34.88 11.40
CA ALA G 49 12.58 -34.30 12.34
C ALA G 49 12.29 -32.83 12.56
N THR G 50 12.29 -32.41 13.82
CA THR G 50 11.89 -31.07 14.20
C THR G 50 13.08 -30.19 14.56
N ASP G 51 14.29 -30.77 14.60
CA ASP G 51 15.49 -30.00 14.83
C ASP G 51 15.58 -28.83 13.86
N VAL G 52 16.07 -27.69 14.35
CA VAL G 52 16.15 -26.49 13.50
C VAL G 52 17.01 -26.74 12.26
N PRO G 53 18.23 -27.29 12.36
CA PRO G 53 18.99 -27.54 11.14
C PRO G 53 18.31 -28.48 10.17
N SER G 54 17.61 -29.50 10.65
CA SER G 54 16.89 -30.40 9.76
C SER G 54 15.70 -29.71 9.10
N ALA G 55 14.96 -28.93 9.89
CA ALA G 55 13.77 -28.27 9.37
C ALA G 55 14.11 -27.25 8.30
N THR G 56 15.16 -26.44 8.53
CA THR G 56 15.48 -25.38 7.59
C THR G 56 15.95 -25.90 6.24
N LYS G 57 16.41 -27.15 6.15
CA LYS G 57 16.77 -27.72 4.86
C LYS G 57 15.58 -27.95 3.94
N ARG G 58 14.36 -27.93 4.47
CA ARG G 58 13.17 -28.14 3.65
C ARG G 58 12.71 -26.89 2.91
N TRP G 59 13.32 -25.73 3.14
CA TRP G 59 12.88 -24.48 2.52
C TRP G 59 13.93 -23.98 1.54
N GLY G 60 13.48 -23.30 0.49
CA GLY G 60 14.39 -22.81 -0.54
C GLY G 60 13.83 -21.63 -1.29
N PHE G 61 14.73 -20.80 -1.80
CA PHE G 61 14.35 -19.56 -2.50
C PHE G 61 14.20 -19.76 -4.00
N ARG G 62 13.25 -19.04 -4.59
CA ARG G 62 12.87 -19.19 -5.98
C ARG G 62 12.25 -17.88 -6.48
N SER G 63 12.58 -17.50 -7.71
CA SER G 63 11.97 -16.39 -8.41
C SER G 63 10.95 -16.82 -9.46
N GLY G 64 10.05 -15.90 -9.80
CA GLY G 64 9.10 -16.07 -10.87
C GLY G 64 7.75 -16.70 -10.55
N VAL G 65 7.50 -17.11 -9.31
CA VAL G 65 6.28 -17.81 -8.96
C VAL G 65 5.46 -16.94 -8.00
N PRO G 66 4.27 -16.50 -8.37
CA PRO G 66 3.43 -15.67 -7.46
C PRO G 66 2.94 -16.44 -6.25
N PRO G 67 2.99 -15.83 -5.06
CA PRO G 67 2.47 -16.50 -3.86
C PRO G 67 0.94 -16.59 -3.83
N LYS G 68 0.44 -17.54 -3.05
CA LYS G 68 -0.99 -17.81 -2.95
C LYS G 68 -1.36 -18.19 -1.52
N VAL G 69 -2.58 -17.85 -1.13
CA VAL G 69 -3.07 -18.03 0.24
C VAL G 69 -4.44 -18.70 0.17
N VAL G 70 -4.71 -19.61 1.11
CA VAL G 70 -6.00 -20.27 1.23
C VAL G 70 -6.35 -20.41 2.71
N ASN G 71 -7.62 -20.19 3.06
CA ASN G 71 -8.00 -20.22 4.46
C ASN G 71 -8.35 -21.62 4.95
N TYR G 72 -8.36 -21.76 6.27
CA TYR G 72 -8.79 -22.97 6.96
C TYR G 72 -9.41 -22.56 8.29
N GLU G 73 -10.38 -23.34 8.75
CA GLU G 73 -11.22 -22.95 9.87
C GLU G 73 -10.78 -23.55 11.20
N ALA G 74 -10.13 -24.72 11.19
CA ALA G 74 -9.80 -25.42 12.40
C ALA G 74 -8.40 -26.00 12.25
N GLY G 75 -7.68 -26.06 13.37
CA GLY G 75 -6.28 -26.43 13.34
C GLY G 75 -5.90 -27.31 14.51
N GLU G 76 -4.62 -27.61 14.57
CA GLU G 76 -4.03 -28.47 15.58
C GLU G 76 -3.05 -27.68 16.44
N TRP G 77 -2.95 -28.05 17.71
CA TRP G 77 -1.91 -27.48 18.56
C TRP G 77 -0.53 -27.88 18.05
N ALA G 78 0.36 -26.92 17.90
CA ALA G 78 1.70 -27.18 17.42
C ALA G 78 2.66 -27.26 18.59
N GLU G 79 3.60 -28.21 18.51
CA GLU G 79 4.70 -28.25 19.46
C GLU G 79 5.81 -27.27 19.09
N ASN G 80 6.11 -27.14 17.79
CA ASN G 80 7.22 -26.35 17.29
C ASN G 80 6.74 -25.38 16.23
N CYS G 81 6.99 -24.09 16.44
CA CYS G 81 6.83 -23.05 15.44
C CYS G 81 8.19 -22.39 15.21
N TYR G 82 8.30 -21.66 14.11
CA TYR G 82 9.53 -21.02 13.72
C TYR G 82 9.26 -19.57 13.35
N ASN G 83 10.29 -18.74 13.51
CA ASN G 83 10.17 -17.31 13.29
C ASN G 83 11.51 -16.82 12.77
N LEU G 84 11.54 -16.31 11.53
CA LEU G 84 12.80 -16.04 10.84
C LEU G 84 13.02 -14.54 10.67
N GLU G 85 14.24 -14.09 10.98
CA GLU G 85 14.69 -12.72 10.76
C GLU G 85 16.04 -12.81 10.04
N ILE G 86 16.01 -12.96 8.73
CA ILE G 86 17.21 -13.19 7.93
C ILE G 86 17.47 -12.00 7.03
N LYS G 87 18.74 -11.62 6.93
CA LYS G 87 19.17 -10.47 6.15
C LYS G 87 20.35 -10.84 5.25
N LYS G 88 20.57 -10.04 4.20
CA LYS G 88 21.73 -10.23 3.35
C LYS G 88 22.99 -9.69 4.02
N PRO G 89 24.17 -10.20 3.62
CA PRO G 89 25.40 -9.79 4.30
C PRO G 89 25.68 -8.30 4.23
N ASP G 90 25.19 -7.58 3.21
CA ASP G 90 25.30 -6.13 3.22
C ASP G 90 24.33 -5.51 4.19
N GLY G 91 23.16 -6.12 4.35
CA GLY G 91 22.11 -5.64 5.22
C GLY G 91 20.93 -5.22 4.40
N SER G 92 20.01 -6.14 4.20
CA SER G 92 18.82 -5.94 3.39
C SER G 92 17.84 -7.05 3.76
N GLU G 93 16.59 -6.88 3.35
CA GLU G 93 15.53 -7.82 3.68
C GLU G 93 15.33 -8.78 2.53
N CYS G 94 15.41 -10.08 2.82
CA CYS G 94 15.09 -11.07 1.80
C CYS G 94 13.75 -11.76 2.04
N LEU G 95 13.04 -11.40 3.09
CA LEU G 95 11.70 -11.90 3.36
C LEU G 95 10.70 -10.75 3.38
N PRO G 96 9.59 -10.84 2.66
CA PRO G 96 8.62 -9.74 2.64
C PRO G 96 7.86 -9.60 3.95
N ALA G 97 7.46 -8.36 4.23
CA ALA G 97 6.66 -8.06 5.42
C ALA G 97 5.29 -8.72 5.32
N ALA G 98 4.76 -9.11 6.48
CA ALA G 98 3.45 -9.74 6.54
C ALA G 98 2.37 -8.83 5.97
N PRO G 99 1.57 -9.29 5.01
CA PRO G 99 0.42 -8.50 4.56
C PRO G 99 -0.58 -8.26 5.68
N ASP G 100 -1.45 -7.29 5.45
CA ASP G 100 -2.52 -6.96 6.37
C ASP G 100 -3.39 -8.18 6.66
N GLY G 101 -3.56 -8.47 7.95
CA GLY G 101 -4.42 -9.55 8.39
C GLY G 101 -3.82 -10.94 8.35
N ILE G 102 -2.51 -11.07 8.30
CA ILE G 102 -1.82 -12.33 8.49
C ILE G 102 -1.07 -12.28 9.81
N ARG G 103 -1.61 -12.96 10.82
CA ARG G 103 -1.00 -13.05 12.13
C ARG G 103 -0.41 -14.43 12.36
N GLY G 104 0.39 -14.54 13.41
CA GLY G 104 1.09 -15.77 13.69
C GLY G 104 0.18 -16.89 14.14
N PHE G 105 0.73 -18.11 14.07
CA PHE G 105 0.00 -19.28 14.51
C PHE G 105 -0.36 -19.14 15.98
N PRO G 106 -1.62 -19.38 16.36
CA PRO G 106 -2.06 -19.09 17.73
C PRO G 106 -1.41 -19.93 18.82
N ARG G 107 -1.33 -21.26 18.65
CA ARG G 107 -0.91 -22.16 19.72
C ARG G 107 0.32 -22.98 19.37
N CYS G 108 1.47 -22.61 19.93
CA CYS G 108 2.64 -23.48 19.90
C CYS G 108 3.46 -23.34 21.18
N ARG G 109 3.85 -24.48 21.73
CA ARG G 109 4.63 -24.51 22.96
C ARG G 109 5.97 -23.81 22.80
N TYR G 110 6.67 -24.04 21.68
CA TYR G 110 8.00 -23.51 21.46
C TYR G 110 8.04 -22.70 20.17
N VAL G 111 8.61 -21.50 20.24
CA VAL G 111 8.87 -20.67 19.06
C VAL G 111 10.38 -20.51 18.92
N HIS G 112 10.94 -21.12 17.88
CA HIS G 112 12.37 -21.03 17.56
C HIS G 112 12.60 -19.77 16.72
N LYS G 113 13.15 -18.71 17.33
CA LYS G 113 13.36 -17.46 16.61
C LYS G 113 14.79 -17.40 16.09
N VAL G 114 14.95 -17.44 14.78
CA VAL G 114 16.25 -17.51 14.12
C VAL G 114 16.58 -16.16 13.51
N SER G 115 17.75 -15.63 13.84
CA SER G 115 18.29 -14.40 13.27
C SER G 115 19.62 -14.69 12.59
N GLY G 116 19.98 -13.88 11.61
CA GLY G 116 21.28 -14.02 11.00
C GLY G 116 21.32 -13.46 9.59
N THR G 117 22.26 -13.98 8.80
CA THR G 117 22.52 -13.53 7.45
C THR G 117 22.59 -14.73 6.50
N GLY G 118 22.24 -14.50 5.24
CA GLY G 118 22.34 -15.52 4.23
C GLY G 118 22.35 -14.93 2.83
N PRO G 119 22.56 -15.77 1.82
CA PRO G 119 22.55 -15.26 0.44
C PRO G 119 21.16 -14.89 -0.08
N CYS G 120 20.11 -15.57 0.40
CA CYS G 120 18.72 -15.29 0.04
C CYS G 120 18.55 -15.14 -1.49
N ALA G 121 18.92 -16.18 -2.21
CA ALA G 121 19.02 -16.15 -3.67
C ALA G 121 17.69 -16.50 -4.34
N GLY G 122 16.74 -15.59 -4.23
CA GLY G 122 15.41 -15.79 -4.77
C GLY G 122 14.43 -14.82 -4.18
N ASP G 123 13.33 -14.59 -4.92
CA ASP G 123 12.36 -13.61 -4.46
C ASP G 123 11.50 -14.13 -3.32
N PHE G 124 11.17 -15.43 -3.32
CA PHE G 124 10.34 -15.96 -2.26
C PHE G 124 10.86 -17.32 -1.82
N ALA G 125 10.58 -17.67 -0.56
CA ALA G 125 10.98 -18.95 0.01
C ALA G 125 9.79 -19.90 0.05
N PHE G 126 9.96 -21.06 -0.59
CA PHE G 126 8.95 -22.09 -0.75
C PHE G 126 9.38 -23.33 0.03
N HIS G 127 8.42 -24.24 0.22
CA HIS G 127 8.64 -25.54 0.83
C HIS G 127 9.03 -26.55 -0.22
N LYS G 128 10.17 -27.21 -0.03
CA LYS G 128 10.70 -28.12 -1.04
C LYS G 128 9.87 -29.39 -1.21
N GLU G 129 9.05 -29.74 -0.23
CA GLU G 129 8.16 -30.90 -0.35
C GLU G 129 6.73 -30.53 -0.69
N GLY G 130 6.46 -29.26 -0.96
CA GLY G 130 5.13 -28.83 -1.38
C GLY G 130 4.12 -28.62 -0.28
N ALA G 131 4.53 -28.70 0.99
CA ALA G 131 3.60 -28.46 2.09
C ALA G 131 3.35 -26.97 2.25
N PHE G 132 2.48 -26.61 3.19
CA PHE G 132 2.12 -25.22 3.43
C PHE G 132 2.72 -24.69 4.73
N PHE G 133 2.81 -23.37 4.80
CA PHE G 133 3.14 -22.64 6.02
C PHE G 133 1.85 -22.11 6.62
N LEU G 134 1.49 -22.61 7.80
CA LEU G 134 0.23 -22.29 8.45
C LEU G 134 0.43 -21.14 9.42
N TYR G 135 -0.44 -20.15 9.29
CA TYR G 135 -0.58 -18.98 10.15
C TYR G 135 -1.96 -19.04 10.78
N ASP G 136 -2.39 -17.92 11.36
CA ASP G 136 -3.69 -17.91 12.00
C ASP G 136 -4.81 -17.96 10.96
N ARG G 137 -5.27 -19.17 10.66
CA ARG G 137 -6.37 -19.45 9.74
C ARG G 137 -6.13 -19.01 8.32
N LEU G 138 -4.87 -18.89 7.91
CA LEU G 138 -4.49 -18.68 6.52
C LEU G 138 -3.23 -19.48 6.26
N ALA G 139 -3.23 -20.30 5.22
CA ALA G 139 -2.06 -21.06 4.81
C ALA G 139 -1.49 -20.44 3.55
N SER G 140 -0.19 -20.19 3.55
CA SER G 140 0.44 -19.54 2.42
C SER G 140 1.55 -20.45 1.88
N THR G 141 1.87 -20.23 0.61
CA THR G 141 2.98 -20.94 -0.01
C THR G 141 4.34 -20.35 0.33
N VAL G 142 4.41 -19.17 0.94
CA VAL G 142 5.66 -18.48 1.19
C VAL G 142 5.79 -18.07 2.65
N ILE G 143 7.03 -17.78 3.05
CA ILE G 143 7.37 -17.35 4.40
C ILE G 143 7.36 -15.82 4.44
N TYR G 144 6.69 -15.26 5.44
CA TYR G 144 6.72 -13.83 5.69
C TYR G 144 7.66 -13.48 6.83
N ARG G 145 8.13 -12.24 6.81
CA ARG G 145 9.09 -11.76 7.80
C ARG G 145 8.45 -11.64 9.19
N GLY G 146 9.19 -12.10 10.19
CA GLY G 146 8.84 -11.84 11.58
C GLY G 146 7.52 -12.42 12.04
N THR G 147 7.05 -13.49 11.41
CA THR G 147 5.72 -14.03 11.68
C THR G 147 5.84 -15.52 11.96
N THR G 148 5.39 -15.94 13.14
CA THR G 148 5.52 -17.34 13.55
C THR G 148 4.58 -18.24 12.77
N PHE G 149 5.10 -19.36 12.27
CA PHE G 149 4.35 -20.30 11.45
C PHE G 149 4.57 -21.72 11.90
N ALA G 150 3.65 -22.60 11.49
CA ALA G 150 3.81 -24.05 11.62
C ALA G 150 3.81 -24.68 10.24
N GLU G 151 4.48 -25.81 10.08
CA GLU G 151 4.39 -26.54 8.82
C GLU G 151 3.14 -27.41 8.82
N GLY G 152 2.38 -27.41 7.72
CA GLY G 152 1.17 -28.21 7.74
C GLY G 152 0.54 -28.38 6.37
N VAL G 153 -0.61 -29.07 6.39
CA VAL G 153 -1.37 -29.45 5.20
C VAL G 153 -2.86 -29.29 5.51
N VAL G 154 -3.67 -29.21 4.45
CA VAL G 154 -5.08 -28.88 4.57
C VAL G 154 -5.94 -30.02 4.03
N ALA G 155 -7.01 -30.38 4.76
CA ALA G 155 -8.01 -31.34 4.31
C ALA G 155 -9.41 -30.75 4.41
N PHE G 156 -10.34 -31.32 3.64
CA PHE G 156 -11.74 -30.89 3.60
C PHE G 156 -12.67 -32.03 3.98
N LEU G 157 -13.66 -31.72 4.81
CA LEU G 157 -14.51 -32.73 5.42
C LEU G 157 -15.98 -32.35 5.35
N ILE G 158 -16.84 -33.36 5.20
CA ILE G 158 -18.26 -33.28 5.51
C ILE G 158 -18.45 -33.87 6.90
N LEU G 159 -18.78 -33.05 7.86
CA LEU G 159 -18.96 -33.52 9.22
C LEU G 159 -20.31 -34.21 9.38
N PRO G 160 -20.47 -35.05 10.40
CA PRO G 160 -21.77 -35.68 10.65
C PRO G 160 -22.77 -34.68 11.20
N GLN G 161 -24.05 -35.06 11.12
CA GLN G 161 -25.13 -34.18 11.53
C GLN G 161 -24.99 -33.73 12.98
N ALA G 162 -24.59 -34.64 13.87
CA ALA G 162 -24.45 -34.32 15.28
C ALA G 162 -23.26 -33.39 15.51
N LYS G 163 -23.51 -32.27 16.19
CA LYS G 163 -22.45 -31.30 16.48
C LYS G 163 -21.43 -31.86 17.47
N LYS G 164 -21.90 -32.53 18.52
CA LYS G 164 -21.13 -32.67 19.75
C LYS G 164 -19.87 -33.50 19.56
N ASP G 165 -19.94 -34.57 18.76
CA ASP G 165 -18.81 -35.48 18.64
C ASP G 165 -17.56 -34.80 18.07
N PHE G 166 -17.73 -33.88 17.13
CA PHE G 166 -16.61 -33.21 16.49
C PHE G 166 -16.57 -31.73 16.83
N PHE G 167 -15.40 -31.28 17.27
CA PHE G 167 -15.07 -29.87 17.48
C PHE G 167 -16.10 -29.12 18.33
N TYR G 186 -2.50 -21.33 28.60
CA TYR G 186 -1.62 -21.36 27.44
C TYR G 186 -0.36 -20.52 27.66
N TYR G 187 0.79 -21.15 27.43
CA TYR G 187 2.09 -20.51 27.59
C TYR G 187 2.96 -20.82 26.38
N SER G 188 3.89 -19.90 26.10
CA SER G 188 4.82 -20.06 24.99
C SER G 188 6.24 -19.79 25.47
N THR G 189 7.20 -20.38 24.77
CA THR G 189 8.61 -20.19 25.08
C THR G 189 9.36 -19.86 23.80
N THR G 190 10.36 -18.99 23.88
CA THR G 190 11.17 -18.60 22.73
C THR G 190 12.60 -19.08 22.93
N ILE G 191 13.15 -19.73 21.90
CA ILE G 191 14.53 -20.19 21.88
C ILE G 191 15.24 -19.47 20.75
N ARG G 192 16.28 -18.72 21.07
CA ARG G 192 16.94 -17.86 20.11
C ARG G 192 18.18 -18.51 19.50
N TYR G 193 18.38 -18.26 18.20
CA TYR G 193 19.53 -18.73 17.45
C TYR G 193 20.10 -17.59 16.62
N GLN G 194 21.42 -17.58 16.46
CA GLN G 194 22.10 -16.77 15.46
C GLN G 194 22.64 -17.67 14.37
N ALA G 195 22.53 -17.24 13.13
CA ALA G 195 22.94 -18.07 12.00
C ALA G 195 23.71 -17.27 10.98
N THR G 196 24.71 -17.90 10.39
CA THR G 196 25.38 -17.39 9.21
C THR G 196 25.37 -18.47 8.14
N GLY G 197 25.32 -18.05 6.88
CA GLY G 197 25.21 -19.01 5.81
C GLY G 197 23.90 -19.78 5.86
N PHE G 198 22.83 -19.08 6.20
CA PHE G 198 21.52 -19.71 6.31
C PHE G 198 21.07 -20.21 4.95
N GLY G 199 20.51 -21.42 4.92
CA GLY G 199 20.11 -22.03 3.67
C GLY G 199 21.25 -22.36 2.73
N THR G 200 22.38 -22.80 3.26
CA THR G 200 23.54 -23.19 2.48
C THR G 200 24.03 -24.56 2.94
N ASN G 201 24.97 -25.10 2.17
CA ASN G 201 25.47 -26.46 2.43
C ASN G 201 26.01 -26.57 3.85
N GLU G 202 26.85 -25.64 4.27
CA GLU G 202 27.31 -25.55 5.66
C GLU G 202 26.84 -24.25 6.30
N THR G 203 26.02 -24.38 7.35
CA THR G 203 25.40 -23.25 8.02
C THR G 203 25.83 -23.23 9.48
N GLU G 204 26.11 -22.03 10.00
CA GLU G 204 26.63 -21.86 11.35
C GLU G 204 25.51 -21.37 12.25
N TYR G 205 25.21 -22.14 13.29
CA TYR G 205 24.21 -21.78 14.29
C TYR G 205 24.88 -21.64 15.65
N LEU G 206 24.42 -20.66 16.43
CA LEU G 206 24.68 -20.62 17.87
C LEU G 206 23.39 -20.33 18.60
N PHE G 207 22.98 -21.24 19.47
CA PHE G 207 21.82 -21.02 20.32
C PHE G 207 22.25 -20.33 21.61
N GLU G 208 21.47 -19.32 22.01
CA GLU G 208 21.83 -18.54 23.19
C GLU G 208 21.23 -19.13 24.46
N SER H 5 -26.52 -18.56 11.50
CA SER H 5 -27.78 -18.27 12.18
C SER H 5 -28.01 -16.78 12.30
N ILE H 6 -28.30 -16.13 11.17
CA ILE H 6 -28.59 -14.71 11.12
C ILE H 6 -30.03 -14.54 10.65
N PRO H 7 -30.86 -13.83 11.39
CA PRO H 7 -32.27 -13.67 11.01
C PRO H 7 -32.52 -13.21 9.58
N LEU H 8 -33.13 -14.07 8.79
CA LEU H 8 -33.56 -13.75 7.44
C LEU H 8 -35.05 -13.44 7.47
N GLY H 9 -35.43 -12.24 7.04
CA GLY H 9 -36.82 -11.81 7.11
C GLY H 9 -37.46 -11.89 5.74
N VAL H 10 -38.60 -12.58 5.68
CA VAL H 10 -39.34 -12.79 4.44
C VAL H 10 -40.60 -11.93 4.45
N ILE H 11 -40.79 -11.18 3.37
CA ILE H 11 -41.98 -10.35 3.21
C ILE H 11 -43.10 -11.20 2.61
N HIS H 12 -44.22 -11.25 3.31
CA HIS H 12 -45.44 -11.92 2.93
C HIS H 12 -46.28 -10.90 2.15
N ASN H 13 -47.58 -11.11 2.06
CA ASN H 13 -48.39 -10.12 1.37
C ASN H 13 -48.45 -8.83 2.19
N SER H 14 -47.52 -7.92 1.89
CA SER H 14 -47.42 -6.60 2.55
C SER H 14 -47.26 -6.71 4.07
N ALA H 15 -46.51 -7.72 4.52
CA ALA H 15 -46.24 -7.92 5.94
C ALA H 15 -44.86 -8.56 6.04
N LEU H 16 -44.22 -8.44 7.20
CA LEU H 16 -42.88 -8.97 7.37
C LEU H 16 -42.83 -9.99 8.49
N GLN H 17 -42.46 -11.22 8.17
CA GLN H 17 -42.24 -12.25 9.18
C GLN H 17 -40.80 -12.73 9.10
N VAL H 18 -40.18 -12.97 10.25
CA VAL H 18 -38.80 -13.44 10.27
C VAL H 18 -38.80 -14.95 10.00
N SER H 19 -38.30 -15.32 8.83
CA SER H 19 -38.38 -16.72 8.39
C SER H 19 -37.54 -17.61 9.27
N ASP H 20 -38.17 -18.67 9.80
CA ASP H 20 -37.49 -19.61 10.66
C ASP H 20 -36.89 -20.71 9.80
N VAL H 21 -35.56 -20.81 9.79
CA VAL H 21 -34.89 -21.74 8.90
C VAL H 21 -34.89 -23.18 9.40
N ASP H 22 -35.00 -23.41 10.72
CA ASP H 22 -34.93 -24.77 11.23
C ASP H 22 -36.07 -25.63 10.71
N LYS H 23 -37.30 -25.12 10.78
CA LYS H 23 -38.40 -25.82 10.11
C LYS H 23 -38.36 -25.50 8.62
N LEU H 24 -39.12 -26.25 7.84
CA LEU H 24 -39.19 -26.04 6.39
C LEU H 24 -40.66 -25.88 5.99
N VAL H 25 -41.08 -24.64 5.80
CA VAL H 25 -42.43 -24.32 5.33
C VAL H 25 -42.25 -23.72 3.93
N CYS H 26 -42.56 -24.52 2.91
CA CYS H 26 -42.27 -24.21 1.50
C CYS H 26 -43.12 -23.12 0.86
N ARG H 27 -44.15 -22.57 1.52
CA ARG H 27 -45.00 -21.64 0.79
C ARG H 27 -44.26 -20.38 0.36
N ASP H 28 -43.19 -20.02 1.06
CA ASP H 28 -42.28 -19.01 0.57
C ASP H 28 -41.62 -19.44 -0.74
N LYS H 29 -41.54 -18.53 -1.69
CA LYS H 29 -41.01 -18.81 -3.01
C LYS H 29 -39.81 -17.91 -3.27
N LEU H 30 -38.66 -18.51 -3.48
CA LEU H 30 -37.42 -17.78 -3.81
C LEU H 30 -36.94 -18.38 -5.12
N SER H 31 -37.27 -17.75 -6.25
CA SER H 31 -36.94 -18.31 -7.55
C SER H 31 -35.68 -17.72 -8.18
N SER H 32 -35.03 -16.75 -7.54
CA SER H 32 -33.86 -16.14 -8.15
C SER H 32 -33.10 -15.38 -7.09
N THR H 33 -31.79 -15.22 -7.33
CA THR H 33 -30.95 -14.45 -6.42
C THR H 33 -31.29 -12.97 -6.38
N ASN H 34 -32.06 -12.45 -7.35
CA ASN H 34 -32.49 -11.06 -7.30
C ASN H 34 -33.41 -10.75 -6.13
N GLN H 35 -34.12 -11.75 -5.60
CA GLN H 35 -35.03 -11.49 -4.49
C GLN H 35 -34.31 -11.24 -3.17
N LEU H 36 -33.01 -11.50 -3.09
CA LEU H 36 -32.26 -11.33 -1.85
C LEU H 36 -31.68 -9.91 -1.77
N ARG H 37 -31.89 -9.24 -0.63
CA ARG H 37 -31.46 -7.86 -0.45
C ARG H 37 -30.88 -7.64 0.93
N SER H 38 -29.92 -6.74 1.03
CA SER H 38 -29.46 -6.20 2.30
C SER H 38 -29.81 -4.72 2.38
N VAL H 39 -30.22 -4.26 3.56
CA VAL H 39 -30.67 -2.88 3.75
C VAL H 39 -30.03 -2.31 5.01
N GLY H 40 -29.57 -1.06 4.92
CA GLY H 40 -29.04 -0.34 6.07
C GLY H 40 -30.03 0.68 6.59
N LEU H 41 -30.26 0.66 7.90
CA LEU H 41 -31.21 1.52 8.56
C LEU H 41 -30.50 2.44 9.55
N ASN H 42 -30.94 3.69 9.65
CA ASN H 42 -30.31 4.70 10.49
C ASN H 42 -30.83 4.67 11.92
N LEU H 43 -29.91 4.74 12.87
CA LEU H 43 -30.26 4.76 14.29
C LEU H 43 -31.12 5.95 14.66
N GLU H 44 -30.89 7.11 14.05
CA GLU H 44 -31.75 8.28 14.17
C GLU H 44 -33.23 7.93 14.12
N GLY H 45 -33.62 7.07 13.19
CA GLY H 45 -35.03 6.72 13.02
C GLY H 45 -35.62 6.01 14.21
N ASN H 46 -34.81 5.59 15.17
CA ASN H 46 -35.29 4.98 16.40
C ASN H 46 -35.36 5.96 17.56
N GLY H 47 -35.06 7.23 17.33
CA GLY H 47 -35.22 8.24 18.35
C GLY H 47 -34.01 8.55 19.21
N VAL H 48 -32.81 8.15 18.81
CA VAL H 48 -31.64 8.47 19.62
C VAL H 48 -31.33 9.95 19.48
N ALA H 49 -30.76 10.53 20.55
CA ALA H 49 -30.36 11.92 20.51
C ALA H 49 -29.29 12.14 19.46
N THR H 50 -29.46 13.19 18.65
CA THR H 50 -28.59 13.45 17.52
C THR H 50 -27.61 14.59 17.79
N ASP H 51 -27.75 15.27 18.93
CA ASP H 51 -26.81 16.31 19.33
C ASP H 51 -25.38 15.78 19.27
N VAL H 52 -24.46 16.64 18.83
CA VAL H 52 -23.06 16.21 18.70
C VAL H 52 -22.49 15.74 20.02
N PRO H 53 -22.62 16.47 21.14
CA PRO H 53 -22.09 15.95 22.41
C PRO H 53 -22.70 14.63 22.83
N SER H 54 -23.99 14.41 22.60
CA SER H 54 -24.61 13.14 22.94
C SER H 54 -24.12 12.03 22.04
N ALA H 55 -24.02 12.30 20.74
CA ALA H 55 -23.60 11.27 19.78
C ALA H 55 -22.18 10.82 20.04
N THR H 56 -21.26 11.75 20.29
CA THR H 56 -19.86 11.39 20.44
C THR H 56 -19.60 10.54 21.68
N LYS H 57 -20.49 10.55 22.67
CA LYS H 57 -20.32 9.68 23.83
C LYS H 57 -20.51 8.20 23.50
N ARG H 58 -21.09 7.87 22.35
CA ARG H 58 -21.30 6.49 21.97
C ARG H 58 -20.07 5.82 21.37
N TRP H 59 -18.98 6.55 21.13
CA TRP H 59 -17.80 5.99 20.49
C TRP H 59 -16.64 5.95 21.46
N GLY H 60 -15.75 4.97 21.29
CA GLY H 60 -14.63 4.80 22.20
C GLY H 60 -13.49 4.06 21.57
N PHE H 61 -12.28 4.34 22.04
CA PHE H 61 -11.06 3.76 21.48
C PHE H 61 -10.65 2.47 22.18
N ARG H 62 -10.08 1.55 21.41
CA ARG H 62 -9.74 0.20 21.86
C ARG H 62 -8.61 -0.35 21.00
N SER H 63 -7.68 -1.06 21.63
CA SER H 63 -6.62 -1.79 20.96
C SER H 63 -6.88 -3.30 20.93
N GLY H 64 -6.23 -3.97 19.97
CA GLY H 64 -6.23 -5.41 19.87
C GLY H 64 -7.32 -6.07 19.05
N VAL H 65 -8.26 -5.33 18.49
CA VAL H 65 -9.40 -5.91 17.76
C VAL H 65 -9.29 -5.52 16.29
N PRO H 66 -9.15 -6.47 15.37
CA PRO H 66 -9.07 -6.14 13.92
C PRO H 66 -10.38 -5.62 13.38
N PRO H 67 -10.35 -4.57 12.55
CA PRO H 67 -11.58 -4.05 11.94
C PRO H 67 -12.13 -4.97 10.86
N LYS H 68 -13.44 -4.82 10.59
CA LYS H 68 -14.16 -5.66 9.63
C LYS H 68 -15.18 -4.83 8.88
N VAL H 69 -15.44 -5.21 7.63
CA VAL H 69 -16.32 -4.48 6.73
C VAL H 69 -17.29 -5.47 6.09
N VAL H 70 -18.55 -5.04 5.91
CA VAL H 70 -19.56 -5.84 5.24
C VAL H 70 -20.40 -4.92 4.35
N ASN H 71 -20.76 -5.38 3.15
CA ASN H 71 -21.48 -4.53 2.22
C ASN H 71 -22.99 -4.58 2.44
N TYR H 72 -23.67 -3.58 1.88
CA TYR H 72 -25.11 -3.50 1.83
C TYR H 72 -25.52 -2.77 0.55
N GLU H 73 -26.68 -3.14 0.02
CA GLU H 73 -27.07 -2.70 -1.31
C GLU H 73 -28.00 -1.51 -1.32
N ALA H 74 -28.78 -1.31 -0.27
CA ALA H 74 -29.79 -0.26 -0.25
C ALA H 74 -29.78 0.39 1.13
N GLY H 75 -30.07 1.68 1.16
CA GLY H 75 -29.95 2.44 2.38
C GLY H 75 -31.06 3.45 2.54
N GLU H 76 -30.95 4.24 3.60
CA GLU H 76 -31.92 5.24 3.98
C GLU H 76 -31.29 6.63 3.89
N TRP H 77 -32.10 7.63 3.55
CA TRP H 77 -31.65 9.01 3.63
C TRP H 77 -31.35 9.38 5.08
N ALA H 78 -30.18 9.97 5.31
CA ALA H 78 -29.78 10.37 6.65
C ALA H 78 -30.04 11.85 6.84
N GLU H 79 -30.52 12.21 8.03
CA GLU H 79 -30.61 13.62 8.40
C GLU H 79 -29.28 14.15 8.91
N ASN H 80 -28.54 13.34 9.67
CA ASN H 80 -27.30 13.75 10.32
C ASN H 80 -26.18 12.79 9.99
N CYS H 81 -25.09 13.31 9.45
CA CYS H 81 -23.84 12.59 9.28
C CYS H 81 -22.76 13.34 10.05
N TYR H 82 -21.64 12.66 10.28
CA TYR H 82 -20.54 13.21 11.05
C TYR H 82 -19.23 12.99 10.31
N ASN H 83 -18.28 13.86 10.57
CA ASN H 83 -16.99 13.84 9.87
C ASN H 83 -15.94 14.33 10.86
N LEU H 84 -14.99 13.47 11.21
CA LEU H 84 -14.07 13.74 12.32
C LEU H 84 -12.65 13.97 11.81
N GLU H 85 -12.01 15.03 12.34
CA GLU H 85 -10.60 15.35 12.09
C GLU H 85 -9.97 15.60 13.46
N ILE H 86 -9.56 14.53 14.13
CA ILE H 86 -9.06 14.60 15.49
C ILE H 86 -7.58 14.25 15.53
N LYS H 87 -6.81 15.00 16.31
CA LYS H 87 -5.37 14.84 16.42
C LYS H 87 -4.95 14.80 17.88
N LYS H 88 -3.76 14.24 18.13
CA LYS H 88 -3.21 14.25 19.48
C LYS H 88 -2.63 15.62 19.82
N PRO H 89 -2.53 15.95 21.12
CA PRO H 89 -2.08 17.30 21.49
C PRO H 89 -0.68 17.64 20.99
N ASP H 90 0.19 16.67 20.78
CA ASP H 90 1.46 16.97 20.13
C ASP H 90 1.29 17.23 18.64
N GLY H 91 0.34 16.55 18.01
CA GLY H 91 0.05 16.66 16.61
C GLY H 91 0.39 15.36 15.92
N SER H 92 -0.61 14.51 15.80
CA SER H 92 -0.47 13.19 15.22
C SER H 92 -1.88 12.71 14.88
N GLU H 93 -1.94 11.65 14.09
CA GLU H 93 -3.21 11.12 13.61
C GLU H 93 -3.63 9.95 14.49
N CYS H 94 -4.84 10.01 15.05
CA CYS H 94 -5.36 8.88 15.80
C CYS H 94 -6.46 8.14 15.05
N LEU H 95 -6.82 8.58 13.84
CA LEU H 95 -7.77 7.90 12.99
C LEU H 95 -7.10 7.49 11.68
N PRO H 96 -7.23 6.24 11.26
CA PRO H 96 -6.59 5.80 10.02
C PRO H 96 -7.25 6.37 8.77
N ALA H 97 -6.43 6.56 7.73
CA ALA H 97 -6.92 7.03 6.44
C ALA H 97 -7.86 6.02 5.81
N ALA H 98 -8.85 6.54 5.07
CA ALA H 98 -9.82 5.69 4.40
C ALA H 98 -9.14 4.73 3.43
N PRO H 99 -9.38 3.43 3.53
CA PRO H 99 -8.88 2.50 2.51
C PRO H 99 -9.46 2.80 1.14
N ASP H 100 -8.79 2.24 0.13
CA ASP H 100 -9.25 2.37 -1.25
C ASP H 100 -10.68 1.87 -1.42
N GLY H 101 -11.52 2.72 -2.00
CA GLY H 101 -12.89 2.37 -2.30
C GLY H 101 -13.87 2.48 -1.16
N ILE H 102 -13.55 3.23 -0.12
CA ILE H 102 -14.49 3.59 0.93
C ILE H 102 -14.76 5.09 0.82
N ARG H 103 -15.93 5.44 0.29
CA ARG H 103 -16.37 6.82 0.16
C ARG H 103 -17.45 7.14 1.17
N GLY H 104 -17.73 8.43 1.31
CA GLY H 104 -18.68 8.88 2.30
C GLY H 104 -20.11 8.50 1.99
N PHE H 105 -20.95 8.58 3.02
CA PHE H 105 -22.36 8.30 2.87
C PHE H 105 -22.97 9.25 1.84
N PRO H 106 -23.72 8.74 0.85
CA PRO H 106 -24.18 9.59 -0.25
C PRO H 106 -25.15 10.69 0.13
N ARG H 107 -26.18 10.40 0.92
CA ARG H 107 -27.27 11.35 1.17
C ARG H 107 -27.43 11.70 2.64
N CYS H 108 -27.00 12.89 3.04
CA CYS H 108 -27.37 13.44 4.33
C CYS H 108 -27.52 14.95 4.25
N ARG H 109 -28.60 15.45 4.85
CA ARG H 109 -28.89 16.88 4.84
C ARG H 109 -27.81 17.68 5.56
N TYR H 110 -27.33 17.19 6.71
CA TYR H 110 -26.36 17.92 7.52
C TYR H 110 -25.13 17.07 7.77
N VAL H 111 -23.96 17.65 7.55
CA VAL H 111 -22.67 17.03 7.88
C VAL H 111 -22.00 17.86 8.96
N HIS H 112 -21.92 17.30 10.17
CA HIS H 112 -21.26 17.94 11.31
C HIS H 112 -19.77 17.62 11.26
N LYS H 113 -18.94 18.58 10.85
CA LYS H 113 -17.51 18.34 10.72
C LYS H 113 -16.80 18.83 11.97
N VAL H 114 -16.23 17.90 12.74
CA VAL H 114 -15.61 18.17 14.02
C VAL H 114 -14.10 18.10 13.88
N SER H 115 -13.42 19.15 14.33
CA SER H 115 -11.97 19.22 14.36
C SER H 115 -11.52 19.47 15.80
N GLY H 116 -10.30 19.03 16.11
CA GLY H 116 -9.76 19.33 17.43
C GLY H 116 -8.68 18.36 17.85
N THR H 117 -8.51 18.23 19.17
CA THR H 117 -7.48 17.42 19.77
C THR H 117 -8.09 16.54 20.86
N GLY H 118 -7.48 15.38 21.08
CA GLY H 118 -7.89 14.48 22.14
C GLY H 118 -6.81 13.50 22.51
N PRO H 119 -7.04 12.70 23.56
CA PRO H 119 -6.04 11.71 23.94
C PRO H 119 -5.94 10.52 23.00
N CYS H 120 -7.05 10.13 22.34
CA CYS H 120 -7.09 9.04 21.36
C CYS H 120 -6.37 7.79 21.88
N ALA H 121 -6.86 7.29 23.00
CA ALA H 121 -6.19 6.22 23.75
C ALA H 121 -6.64 4.83 23.27
N GLY H 122 -6.19 4.49 22.07
CA GLY H 122 -6.55 3.22 21.46
C GLY H 122 -6.27 3.23 19.98
N ASP H 123 -6.12 2.04 19.42
CA ASP H 123 -5.77 1.95 18.01
C ASP H 123 -6.96 2.24 17.10
N PHE H 124 -8.17 1.82 17.50
CA PHE H 124 -9.33 2.07 16.65
C PHE H 124 -10.51 2.50 17.50
N ALA H 125 -11.42 3.27 16.88
CA ALA H 125 -12.63 3.76 17.53
C ALA H 125 -13.83 2.91 17.13
N PHE H 126 -14.49 2.33 18.12
CA PHE H 126 -15.63 1.44 17.97
C PHE H 126 -16.87 2.10 18.53
N HIS H 127 -18.02 1.52 18.19
CA HIS H 127 -19.32 1.95 18.72
C HIS H 127 -19.62 1.20 20.00
N LYS H 128 -19.92 1.95 21.07
CA LYS H 128 -20.10 1.33 22.38
C LYS H 128 -21.37 0.50 22.48
N GLU H 129 -22.34 0.70 21.60
CA GLU H 129 -23.56 -0.11 21.57
C GLU H 129 -23.55 -1.19 20.51
N GLY H 130 -22.44 -1.37 19.81
CA GLY H 130 -22.31 -2.42 18.83
C GLY H 130 -22.91 -2.15 17.48
N ALA H 131 -23.38 -0.93 17.20
CA ALA H 131 -23.91 -0.60 15.89
C ALA H 131 -22.79 -0.40 14.89
N PHE H 132 -23.14 -0.13 13.63
CA PHE H 132 -22.17 0.05 12.58
C PHE H 132 -22.07 1.50 12.14
N PHE H 133 -20.94 1.82 11.52
CA PHE H 133 -20.73 3.08 10.82
C PHE H 133 -20.92 2.85 9.33
N LEU H 134 -21.94 3.47 8.76
CA LEU H 134 -22.34 3.25 7.39
C LEU H 134 -21.70 4.30 6.49
N TYR H 135 -21.07 3.84 5.43
CA TYR H 135 -20.47 4.60 4.35
C TYR H 135 -21.21 4.25 3.07
N ASP H 136 -20.64 4.61 1.93
CA ASP H 136 -21.29 4.32 0.67
C ASP H 136 -21.25 2.83 0.37
N ARG H 137 -22.30 2.11 0.78
CA ARG H 137 -22.52 0.69 0.54
C ARG H 137 -21.47 -0.21 1.18
N LEU H 138 -20.81 0.27 2.23
CA LEU H 138 -19.93 -0.55 3.06
C LEU H 138 -20.11 -0.10 4.50
N ALA H 139 -20.37 -1.04 5.38
CA ALA H 139 -20.49 -0.78 6.81
C ALA H 139 -19.26 -1.31 7.51
N SER H 140 -18.64 -0.49 8.34
CA SER H 140 -17.42 -0.87 9.01
C SER H 140 -17.62 -0.77 10.52
N THR H 141 -16.82 -1.52 11.25
CA THR H 141 -16.81 -1.44 12.69
C THR H 141 -16.03 -0.26 13.25
N VAL H 142 -15.26 0.44 12.41
CA VAL H 142 -14.38 1.50 12.88
C VAL H 142 -14.59 2.78 12.07
N ILE H 143 -14.12 3.90 12.66
CA ILE H 143 -14.20 5.22 12.04
C ILE H 143 -12.92 5.48 11.26
N TYR H 144 -13.07 5.94 10.02
CA TYR H 144 -11.94 6.38 9.22
C TYR H 144 -11.83 7.89 9.20
N ARG H 145 -10.61 8.36 8.92
CA ARG H 145 -10.31 9.78 8.93
C ARG H 145 -10.98 10.50 7.75
N GLY H 146 -11.56 11.66 8.05
CA GLY H 146 -12.03 12.57 7.01
C GLY H 146 -13.11 12.03 6.11
N THR H 147 -13.93 11.08 6.59
CA THR H 147 -14.91 10.41 5.76
C THR H 147 -16.27 10.45 6.46
N THR H 148 -17.26 11.04 5.78
CA THR H 148 -18.58 11.22 6.38
C THR H 148 -19.32 9.90 6.51
N PHE H 149 -19.91 9.65 7.69
CA PHE H 149 -20.60 8.41 7.98
C PHE H 149 -21.94 8.67 8.64
N ALA H 150 -22.80 7.66 8.59
CA ALA H 150 -24.04 7.63 9.36
C ALA H 150 -24.01 6.45 10.33
N GLU H 151 -24.70 6.56 11.46
CA GLU H 151 -24.82 5.41 12.34
C GLU H 151 -25.96 4.51 11.87
N GLY H 152 -25.74 3.21 11.83
CA GLY H 152 -26.81 2.35 11.34
C GLY H 152 -26.59 0.88 11.60
N VAL H 153 -27.54 0.08 11.10
CA VAL H 153 -27.61 -1.36 11.29
C VAL H 153 -28.06 -2.01 9.98
N VAL H 154 -27.81 -3.31 9.85
CA VAL H 154 -28.03 -4.02 8.59
C VAL H 154 -29.04 -5.14 8.80
N ALA H 155 -29.98 -5.27 7.85
CA ALA H 155 -30.92 -6.39 7.81
C ALA H 155 -30.90 -7.08 6.43
N PHE H 156 -31.35 -8.32 6.41
CA PHE H 156 -31.40 -9.14 5.19
C PHE H 156 -32.82 -9.60 4.90
N LEU H 157 -33.22 -9.50 3.63
CA LEU H 157 -34.60 -9.70 3.22
C LEU H 157 -34.71 -10.59 2.00
N ILE H 158 -35.78 -11.39 1.95
CA ILE H 158 -36.28 -12.00 0.73
C ILE H 158 -37.42 -11.14 0.22
N LEU H 159 -37.22 -10.46 -0.89
CA LEU H 159 -38.25 -9.58 -1.41
C LEU H 159 -39.32 -10.38 -2.14
N PRO H 160 -40.51 -9.81 -2.32
CA PRO H 160 -41.56 -10.51 -3.07
C PRO H 160 -41.24 -10.53 -4.56
N GLN H 161 -41.94 -11.44 -5.26
CA GLN H 161 -41.69 -11.64 -6.68
C GLN H 161 -41.88 -10.35 -7.49
N ALA H 162 -42.89 -9.56 -7.15
CA ALA H 162 -43.15 -8.33 -7.88
C ALA H 162 -42.09 -7.28 -7.58
N LYS H 163 -41.48 -6.73 -8.64
CA LYS H 163 -40.45 -5.71 -8.47
C LYS H 163 -41.02 -4.40 -7.93
N LYS H 164 -42.19 -3.98 -8.43
CA LYS H 164 -42.57 -2.58 -8.39
C LYS H 164 -42.81 -2.08 -6.96
N ASP H 165 -43.41 -2.92 -6.10
CA ASP H 165 -43.79 -2.46 -4.77
C ASP H 165 -42.59 -2.04 -3.93
N PHE H 166 -41.46 -2.74 -4.07
CA PHE H 166 -40.26 -2.44 -3.28
C PHE H 166 -39.13 -1.92 -4.15
N PHE H 167 -38.56 -0.80 -3.73
CA PHE H 167 -37.34 -0.21 -4.28
C PHE H 167 -37.38 -0.06 -5.80
N TYR H 186 -30.75 17.42 -4.58
CA TYR H 186 -30.02 17.05 -3.39
C TYR H 186 -29.00 18.11 -2.98
N TYR H 187 -29.08 18.54 -1.72
CA TYR H 187 -28.19 19.56 -1.17
C TYR H 187 -27.69 19.10 0.19
N SER H 188 -26.49 19.58 0.55
CA SER H 188 -25.88 19.26 1.82
C SER H 188 -25.40 20.54 2.50
N THR H 189 -25.31 20.50 3.83
CA THR H 189 -24.84 21.62 4.61
C THR H 189 -23.80 21.13 5.61
N THR H 190 -22.78 21.95 5.86
CA THR H 190 -21.72 21.59 6.80
C THR H 190 -21.75 22.54 7.99
N ILE H 191 -21.71 21.98 9.19
CA ILE H 191 -21.67 22.73 10.44
C ILE H 191 -20.36 22.39 11.14
N ARG H 192 -19.53 23.40 11.37
CA ARG H 192 -18.19 23.19 11.88
C ARG H 192 -18.10 23.36 13.39
N TYR H 193 -17.28 22.51 14.03
CA TYR H 193 -17.01 22.56 15.45
C TYR H 193 -15.51 22.44 15.69
N GLN H 194 -15.03 23.11 16.73
CA GLN H 194 -13.71 22.88 17.29
C GLN H 194 -13.86 22.23 18.65
N ALA H 195 -13.01 21.26 18.94
CA ALA H 195 -13.14 20.50 20.18
C ALA H 195 -11.77 20.29 20.82
N THR H 196 -11.76 20.34 22.15
CA THR H 196 -10.62 19.91 22.93
C THR H 196 -11.10 18.92 23.97
N GLY H 197 -10.24 17.98 24.32
CA GLY H 197 -10.65 16.92 25.22
C GLY H 197 -11.72 16.04 24.63
N PHE H 198 -11.61 15.76 23.33
CA PHE H 198 -12.59 14.95 22.64
C PHE H 198 -12.60 13.53 23.20
N GLY H 199 -13.80 12.98 23.40
CA GLY H 199 -13.94 11.67 24.00
C GLY H 199 -13.46 11.58 25.44
N THR H 200 -13.72 12.62 26.24
CA THR H 200 -13.35 12.65 27.65
C THR H 200 -14.56 13.10 28.47
N ASN H 201 -14.41 12.99 29.78
CA ASN H 201 -15.51 13.29 30.69
C ASN H 201 -16.04 14.70 30.47
N GLU H 202 -15.15 15.69 30.42
CA GLU H 202 -15.52 17.05 30.07
C GLU H 202 -14.81 17.46 28.77
N THR H 203 -15.61 17.77 27.74
CA THR H 203 -15.13 18.09 26.41
C THR H 203 -15.58 19.49 26.03
N GLU H 204 -14.69 20.25 25.40
CA GLU H 204 -14.93 21.64 25.07
C GLU H 204 -15.24 21.74 23.57
N TYR H 205 -16.43 22.25 23.24
CA TYR H 205 -16.84 22.47 21.86
C TYR H 205 -17.07 23.96 21.64
N LEU H 206 -16.71 24.45 20.46
CA LEU H 206 -17.19 25.73 19.95
C LEU H 206 -17.66 25.55 18.52
N PHE H 207 -18.93 25.84 18.26
CA PHE H 207 -19.45 25.82 16.91
C PHE H 207 -19.25 27.19 16.27
N GLU H 208 -18.81 27.20 15.01
CA GLU H 208 -18.51 28.45 14.33
C GLU H 208 -19.74 28.98 13.59
N SER I 2 40.27 -19.39 -0.37
CA SER I 2 38.96 -18.80 -0.58
C SER I 2 39.05 -17.36 -1.06
N VAL I 3 39.92 -17.11 -2.03
CA VAL I 3 40.12 -15.78 -2.62
C VAL I 3 39.80 -15.85 -4.11
N LEU I 4 38.96 -14.92 -4.56
CA LEU I 4 38.65 -14.85 -5.98
C LEU I 4 39.90 -14.44 -6.74
N THR I 5 40.14 -15.11 -7.88
CA THR I 5 41.34 -14.87 -8.67
C THR I 5 40.99 -14.31 -10.04
N GLN I 6 41.72 -13.26 -10.44
CA GLN I 6 41.57 -12.62 -11.73
C GLN I 6 42.89 -12.71 -12.48
N PRO I 7 42.93 -12.41 -13.79
CA PRO I 7 44.21 -12.44 -14.50
C PRO I 7 45.08 -11.25 -14.10
N PRO I 8 46.40 -11.43 -14.08
CA PRO I 8 47.28 -10.29 -13.75
C PRO I 8 47.04 -9.03 -14.56
N SER I 9 46.97 -9.13 -15.89
CA SER I 9 46.76 -7.96 -16.73
C SER I 9 46.11 -8.38 -18.04
N VAL I 10 45.38 -7.45 -18.64
CA VAL I 10 44.79 -7.64 -19.95
C VAL I 10 45.09 -6.40 -20.80
N SER I 11 45.03 -6.58 -22.12
CA SER I 11 45.35 -5.52 -23.06
C SER I 11 44.45 -5.64 -24.28
N GLY I 12 44.35 -4.55 -25.02
CA GLY I 12 43.63 -4.59 -26.28
C GLY I 12 43.74 -3.26 -27.00
N ALA I 13 43.57 -3.33 -28.32
CA ALA I 13 43.67 -2.14 -29.16
C ALA I 13 42.43 -1.27 -28.97
N PRO I 14 42.58 0.05 -29.16
CA PRO I 14 41.41 0.94 -29.07
C PRO I 14 40.29 0.51 -30.00
N GLY I 15 39.07 0.61 -29.50
CA GLY I 15 37.88 0.31 -30.28
C GLY I 15 37.37 -1.11 -30.19
N GLN I 16 38.15 -2.05 -29.67
CA GLN I 16 37.70 -3.43 -29.58
C GLN I 16 37.04 -3.68 -28.21
N ARG I 17 36.57 -4.90 -28.00
CA ARG I 17 35.95 -5.32 -26.76
C ARG I 17 36.87 -6.26 -25.99
N VAL I 18 36.93 -6.10 -24.65
CA VAL I 18 37.64 -7.03 -23.79
C VAL I 18 36.74 -7.50 -22.65
N ALA I 19 37.08 -8.65 -22.12
CA ALA I 19 36.38 -9.24 -20.99
C ALA I 19 37.39 -9.61 -19.91
N ILE I 20 37.04 -9.30 -18.66
CA ILE I 20 37.84 -9.61 -17.49
C ILE I 20 37.12 -10.68 -16.68
N SER I 21 37.84 -11.75 -16.33
CA SER I 21 37.28 -12.87 -15.60
C SER I 21 37.56 -12.76 -14.11
N CYS I 22 36.61 -13.23 -13.29
CA CYS I 22 36.80 -13.39 -11.85
C CYS I 22 36.27 -14.77 -11.49
N THR I 23 37.20 -15.67 -11.12
CA THR I 23 36.86 -17.03 -10.73
C THR I 23 36.25 -17.07 -9.33
N GLY I 24 35.33 -18.02 -9.14
CA GLY I 24 34.63 -18.23 -7.89
C GLY I 24 34.81 -19.61 -7.29
N SER I 25 33.84 -20.01 -6.47
CA SER I 25 33.82 -21.31 -5.82
C SER I 25 32.37 -21.63 -5.49
N TYR I 26 32.13 -22.87 -5.06
CA TYR I 26 30.77 -23.27 -4.73
C TYR I 26 30.21 -22.45 -3.57
N SER I 27 31.05 -22.12 -2.59
CA SER I 27 30.61 -21.33 -1.45
C SER I 27 30.83 -19.83 -1.63
N ASN I 28 31.37 -19.40 -2.76
CA ASN I 28 31.60 -17.99 -2.99
C ASN I 28 30.54 -17.41 -3.92
N ILE I 29 30.78 -17.58 -5.21
CA ILE I 29 29.88 -17.08 -6.25
C ILE I 29 28.79 -18.09 -6.55
N GLY I 30 29.16 -19.36 -6.68
CA GLY I 30 28.16 -20.36 -6.97
C GLY I 30 27.22 -20.68 -5.82
N ALA I 31 27.44 -20.13 -4.63
CA ALA I 31 26.46 -20.27 -3.57
C ALA I 31 25.35 -19.24 -3.66
N GLY I 32 25.49 -18.22 -4.49
CA GLY I 32 24.44 -17.25 -4.65
C GLY I 32 24.65 -15.92 -3.96
N TYR I 33 25.87 -15.41 -3.96
CA TYR I 33 26.18 -14.13 -3.35
C TYR I 33 26.51 -13.15 -4.44
N ASP I 34 26.30 -11.87 -4.17
CA ASP I 34 26.51 -10.88 -5.21
C ASP I 34 27.99 -10.65 -5.44
N VAL I 35 28.33 -10.25 -6.67
CA VAL I 35 29.69 -9.90 -7.05
C VAL I 35 29.68 -8.42 -7.39
N HIS I 36 30.60 -7.67 -6.81
CA HIS I 36 30.73 -6.24 -7.03
C HIS I 36 32.04 -5.96 -7.77
N TRP I 37 32.04 -4.93 -8.59
CA TRP I 37 33.25 -4.55 -9.31
C TRP I 37 33.67 -3.14 -8.93
N TYR I 38 34.97 -2.86 -9.02
CA TYR I 38 35.49 -1.55 -8.66
C TYR I 38 36.60 -1.13 -9.64
N GLN I 39 36.70 0.18 -9.84
CA GLN I 39 37.70 0.81 -10.69
C GLN I 39 38.55 1.76 -9.87
N GLN I 40 39.86 1.56 -9.86
CA GLN I 40 40.78 2.43 -9.13
C GLN I 40 41.75 3.09 -10.10
N PHE I 41 41.71 4.42 -10.14
CA PHE I 41 42.69 5.17 -10.90
C PHE I 41 43.92 5.35 -10.03
N PRO I 42 45.11 5.49 -10.61
CA PRO I 42 46.31 5.63 -9.78
C PRO I 42 46.22 6.88 -8.93
N GLY I 43 46.54 6.74 -7.65
CA GLY I 43 46.49 7.83 -6.71
C GLY I 43 45.11 8.22 -6.22
N ALA I 44 44.09 7.41 -6.46
CA ALA I 44 42.73 7.75 -6.05
C ALA I 44 42.03 6.54 -5.47
N ALA I 45 40.99 6.81 -4.67
CA ALA I 45 40.18 5.75 -4.10
C ALA I 45 39.28 5.13 -5.17
N PRO I 46 38.98 3.84 -5.07
CA PRO I 46 38.16 3.19 -6.09
C PRO I 46 36.73 3.68 -6.07
N LYS I 47 36.07 3.54 -7.21
CA LYS I 47 34.67 3.91 -7.40
C LYS I 47 33.89 2.67 -7.80
N LEU I 48 32.65 2.58 -7.35
CA LEU I 48 31.83 1.43 -7.70
C LEU I 48 31.52 1.45 -9.19
N LEU I 49 31.70 0.30 -9.84
CA LEU I 49 31.43 0.14 -11.27
C LEU I 49 30.15 -0.65 -11.51
N ILE I 50 30.06 -1.85 -10.97
CA ILE I 50 28.89 -2.70 -11.10
C ILE I 50 28.54 -3.14 -9.70
N TYR I 51 27.44 -2.60 -9.15
CA TYR I 51 27.05 -2.90 -7.78
C TYR I 51 26.52 -4.32 -7.61
N ALA I 52 25.71 -4.81 -8.54
CA ALA I 52 25.24 -6.18 -8.46
C ALA I 52 26.03 -6.98 -9.49
N TYR I 53 25.46 -8.11 -9.95
CA TYR I 53 26.13 -8.85 -11.01
C TYR I 53 26.17 -8.06 -12.31
N THR I 54 25.06 -7.41 -12.66
CA THR I 54 24.97 -6.70 -13.92
C THR I 54 24.52 -5.24 -13.81
N ASN I 55 24.14 -4.77 -12.64
CA ASN I 55 23.59 -3.43 -12.49
C ASN I 55 24.68 -2.36 -12.57
N ARG I 56 24.25 -1.13 -12.88
CA ARG I 56 25.16 0.01 -12.98
C ARG I 56 24.60 1.18 -12.20
N PRO I 57 25.38 1.80 -11.32
CA PRO I 57 24.92 3.00 -10.63
C PRO I 57 24.87 4.19 -11.58
N ALA I 58 24.04 5.16 -11.22
CA ALA I 58 23.87 6.35 -12.04
C ALA I 58 25.20 7.06 -12.25
N GLY I 59 25.51 7.38 -13.51
CA GLY I 59 26.73 8.07 -13.85
C GLY I 59 27.76 7.22 -14.55
N VAL I 60 27.60 5.89 -14.53
CA VAL I 60 28.56 4.99 -15.17
C VAL I 60 28.16 4.82 -16.63
N PRO I 61 29.08 5.07 -17.58
CA PRO I 61 28.73 4.89 -18.99
C PRO I 61 28.26 3.47 -19.27
N ASP I 62 27.41 3.34 -20.29
CA ASP I 62 26.84 2.05 -20.67
C ASP I 62 27.85 1.17 -21.41
N ARG I 63 29.11 1.57 -21.49
CA ARG I 63 30.10 0.68 -22.10
C ARG I 63 30.41 -0.53 -21.23
N PHE I 64 30.10 -0.45 -19.93
CA PHE I 64 30.46 -1.46 -18.95
C PHE I 64 29.25 -2.33 -18.65
N SER I 65 29.40 -3.65 -18.79
CA SER I 65 28.36 -4.56 -18.35
C SER I 65 29.03 -5.81 -17.80
N GLY I 66 28.22 -6.77 -17.36
CA GLY I 66 28.78 -7.99 -16.78
C GLY I 66 27.78 -9.12 -16.83
N SER I 67 28.30 -10.33 -16.67
CA SER I 67 27.42 -11.50 -16.64
C SER I 67 28.04 -12.60 -15.79
N LYS I 68 27.19 -13.47 -15.25
CA LYS I 68 27.60 -14.57 -14.41
C LYS I 68 27.36 -15.90 -15.12
N SER I 69 28.39 -16.74 -15.16
CA SER I 69 28.28 -18.08 -15.72
C SER I 69 28.78 -19.05 -14.67
N GLY I 70 27.90 -19.94 -14.22
CA GLY I 70 28.31 -20.92 -13.24
C GLY I 70 28.84 -20.24 -11.99
N SER I 71 30.07 -20.59 -11.63
CA SER I 71 30.75 -20.06 -10.46
C SER I 71 31.71 -18.93 -10.81
N SER I 72 31.64 -18.36 -12.01
CA SER I 72 32.55 -17.29 -12.41
C SER I 72 31.76 -16.11 -12.93
N ALA I 73 32.36 -14.93 -12.80
CA ALA I 73 31.75 -13.68 -13.25
C ALA I 73 32.67 -12.98 -14.24
N SER I 74 32.10 -12.31 -15.22
CA SER I 74 32.90 -11.63 -16.23
C SER I 74 32.41 -10.20 -16.45
N LEU I 75 33.35 -9.27 -16.47
CA LEU I 75 33.11 -7.86 -16.74
C LEU I 75 33.44 -7.61 -18.20
N VAL I 76 32.50 -7.10 -18.97
CA VAL I 76 32.68 -6.85 -20.39
C VAL I 76 32.75 -5.34 -20.59
N ILE I 77 33.82 -4.90 -21.25
CA ILE I 77 34.02 -3.49 -21.58
C ILE I 77 34.32 -3.39 -23.08
N SER I 78 33.45 -2.71 -23.81
CA SER I 78 33.53 -2.63 -25.26
C SER I 78 33.83 -1.19 -25.68
N GLY I 79 34.84 -1.03 -26.54
CA GLY I 79 35.17 0.30 -26.99
C GLY I 79 36.27 0.98 -26.21
N LEU I 80 37.43 0.34 -26.10
CA LEU I 80 38.52 0.88 -25.28
C LEU I 80 38.82 2.32 -25.66
N GLN I 81 38.80 3.18 -24.66
CA GLN I 81 39.25 4.56 -24.79
C GLN I 81 40.52 4.76 -23.98
N ALA I 82 41.20 5.87 -24.25
CA ALA I 82 42.41 6.19 -23.50
C ALA I 82 42.12 6.25 -22.00
N ASP I 83 40.90 6.63 -21.63
CA ASP I 83 40.51 6.85 -20.25
C ASP I 83 40.20 5.58 -19.49
N ASP I 84 40.28 4.41 -20.12
CA ASP I 84 39.91 3.17 -19.46
C ASP I 84 41.04 2.58 -18.64
N GLU I 85 42.26 3.12 -18.75
CA GLU I 85 43.37 2.65 -17.94
C GLU I 85 43.05 2.77 -16.45
N ALA I 86 43.05 1.64 -15.75
CA ALA I 86 42.64 1.57 -14.35
C ALA I 86 42.92 0.18 -13.82
N ASP I 87 42.82 0.04 -12.49
CA ASP I 87 42.85 -1.25 -11.82
C ASP I 87 41.43 -1.71 -11.50
N TYR I 88 41.07 -2.92 -11.93
CA TYR I 88 39.74 -3.46 -11.71
C TYR I 88 39.79 -4.56 -10.65
N TYR I 89 38.87 -4.49 -9.69
CA TYR I 89 38.78 -5.49 -8.62
C TYR I 89 37.39 -6.07 -8.50
N CYS I 90 37.31 -7.40 -8.41
CA CYS I 90 36.08 -8.12 -8.08
C CYS I 90 36.01 -8.47 -6.60
N GLN I 91 34.81 -8.37 -6.04
CA GLN I 91 34.52 -8.61 -4.63
C GLN I 91 33.27 -9.47 -4.48
N SER I 92 33.25 -10.36 -3.49
CA SER I 92 32.06 -11.13 -3.18
C SER I 92 32.09 -11.51 -1.71
N TYR I 93 31.05 -12.22 -1.27
CA TYR I 93 30.88 -12.64 0.12
C TYR I 93 31.12 -14.14 0.22
N ASP I 94 32.12 -14.56 0.99
CA ASP I 94 32.31 -15.99 1.17
C ASP I 94 31.40 -16.52 2.27
N ALA I 95 30.85 -17.72 2.05
CA ALA I 95 29.92 -18.31 3.00
C ALA I 95 30.58 -19.22 4.02
N ARG I 96 31.82 -19.65 3.77
CA ARG I 96 32.58 -20.52 4.68
C ARG I 96 33.53 -19.72 5.54
N LEU I 97 33.52 -18.40 5.39
CA LEU I 97 34.39 -17.49 6.11
C LEU I 97 33.57 -16.56 7.00
N ARG I 98 32.44 -17.09 7.53
CA ARG I 98 31.50 -16.34 8.36
C ARG I 98 30.95 -15.11 7.63
N ASP I 99 30.60 -15.29 6.36
CA ASP I 99 30.05 -14.21 5.52
C ASP I 99 30.99 -13.02 5.44
N GLY I 100 32.29 -13.31 5.34
CA GLY I 100 33.30 -12.27 5.24
C GLY I 100 33.63 -11.94 3.80
N GLU I 101 33.82 -10.64 3.54
CA GLU I 101 34.13 -10.17 2.20
C GLU I 101 35.44 -10.73 1.67
N VAL I 102 35.45 -11.06 0.39
CA VAL I 102 36.62 -11.56 -0.34
C VAL I 102 36.87 -10.59 -1.49
N PHE I 103 38.15 -10.26 -1.71
CA PHE I 103 38.57 -9.31 -2.73
C PHE I 103 39.48 -10.01 -3.73
N GLY I 104 39.23 -9.76 -5.01
CA GLY I 104 40.05 -10.32 -6.07
C GLY I 104 41.45 -9.73 -6.12
N GLY I 105 42.32 -10.48 -6.80
CA GLY I 105 43.71 -10.07 -6.96
C GLY I 105 43.91 -8.78 -7.73
N GLY I 106 42.94 -8.38 -8.55
CA GLY I 106 43.10 -7.17 -9.33
C GLY I 106 43.70 -7.32 -10.71
N THR I 107 43.20 -6.54 -11.67
CA THR I 107 43.69 -6.57 -13.05
C THR I 107 44.04 -5.15 -13.50
N LYS I 108 45.24 -4.99 -14.05
CA LYS I 108 45.68 -3.75 -14.65
C LYS I 108 45.28 -3.72 -16.12
N LEU I 109 44.74 -2.58 -16.57
CA LEU I 109 44.34 -2.43 -17.96
C LEU I 109 45.30 -1.52 -18.72
N THR I 110 45.63 -1.93 -19.95
CA THR I 110 46.51 -1.18 -20.83
C THR I 110 45.91 -1.12 -22.23
N VAL I 111 46.15 -0.02 -22.92
CA VAL I 111 45.64 0.16 -24.27
C VAL I 111 46.79 0.43 -25.22
N SER J 2 -3.57 21.16 39.12
CA SER J 2 -3.41 20.27 37.97
C SER J 2 -1.95 20.17 37.53
N VAL J 3 -1.06 19.99 38.49
CA VAL J 3 0.37 19.84 38.22
C VAL J 3 0.83 18.48 38.73
N LEU J 4 1.53 17.74 37.87
CA LEU J 4 2.09 16.46 38.26
C LEU J 4 3.15 16.68 39.31
N THR J 5 3.14 15.86 40.36
CA THR J 5 4.06 16.00 41.48
C THR J 5 5.00 14.81 41.58
N GLN J 6 6.28 15.09 41.76
CA GLN J 6 7.32 14.08 41.93
C GLN J 6 7.99 14.29 43.28
N PRO J 7 8.81 13.34 43.77
CA PRO J 7 9.49 13.55 45.03
C PRO J 7 10.61 14.56 44.88
N PRO J 8 10.89 15.35 45.91
CA PRO J 8 12.01 16.32 45.82
C PRO J 8 13.34 15.73 45.38
N SER J 9 13.77 14.63 46.00
CA SER J 9 15.05 14.03 45.64
C SER J 9 15.02 12.55 46.00
N VAL J 10 15.84 11.77 45.28
CA VAL J 10 16.03 10.36 45.56
C VAL J 10 17.52 10.07 45.54
N SER J 11 17.90 8.97 46.20
CA SER J 11 19.30 8.59 46.35
C SER J 11 19.40 7.07 46.32
N GLY J 12 20.60 6.59 46.04
CA GLY J 12 20.87 5.17 46.13
C GLY J 12 22.33 4.87 45.87
N ALA J 13 22.76 3.73 46.40
CA ALA J 13 24.15 3.31 46.25
C ALA J 13 24.41 2.84 44.84
N PRO J 14 25.65 2.97 44.35
CA PRO J 14 25.98 2.48 43.02
C PRO J 14 25.64 1.00 42.86
N GLY J 15 25.12 0.65 41.68
CA GLY J 15 24.81 -0.71 41.33
C GLY J 15 23.40 -1.16 41.65
N GLN J 16 22.64 -0.43 42.46
CA GLN J 16 21.29 -0.83 42.78
C GLN J 16 20.29 -0.20 41.80
N ARG J 17 19.01 -0.51 41.98
CA ARG J 17 17.93 0.03 41.16
C ARG J 17 17.12 1.05 41.94
N VAL J 18 16.72 2.15 41.29
CA VAL J 18 15.81 3.12 41.87
C VAL J 18 14.64 3.39 40.92
N ALA J 19 13.53 3.84 41.51
CA ALA J 19 12.34 4.21 40.77
C ALA J 19 11.91 5.61 41.18
N ILE J 20 11.54 6.42 40.20
CA ILE J 20 11.05 7.77 40.39
C ILE J 20 9.57 7.80 40.03
N SER J 21 8.77 8.35 40.92
CA SER J 21 7.32 8.42 40.75
C SER J 21 6.88 9.78 40.21
N CYS J 22 5.84 9.76 39.37
CA CYS J 22 5.16 10.97 38.91
C CYS J 22 3.66 10.74 39.08
N THR J 23 3.05 11.44 40.02
CA THR J 23 1.63 11.34 40.29
C THR J 23 0.80 12.06 39.22
N GLY J 24 -0.38 11.52 38.94
CA GLY J 24 -1.30 12.03 37.96
C GLY J 24 -2.67 12.41 38.51
N SER J 25 -3.66 12.40 37.63
CA SER J 25 -5.05 12.70 37.97
C SER J 25 -5.92 12.02 36.93
N TYR J 26 -7.24 12.02 37.18
CA TYR J 26 -8.17 11.40 36.25
C TYR J 26 -8.13 12.09 34.88
N SER J 27 -7.98 13.42 34.87
CA SER J 27 -7.93 14.16 33.62
C SER J 27 -6.52 14.37 33.10
N ASN J 28 -5.50 13.88 33.81
CA ASN J 28 -4.13 14.04 33.36
C ASN J 28 -3.60 12.77 32.73
N ILE J 29 -3.12 11.87 33.58
CA ILE J 29 -2.57 10.60 33.18
C ILE J 29 -3.66 9.55 33.04
N GLY J 30 -4.56 9.49 34.00
CA GLY J 30 -5.62 8.51 33.93
C GLY J 30 -6.68 8.77 32.88
N ALA J 31 -6.62 9.93 32.20
CA ALA J 31 -7.50 10.13 31.06
C ALA J 31 -6.95 9.55 29.78
N GLY J 32 -5.70 9.14 29.75
CA GLY J 32 -5.16 8.51 28.56
C GLY J 32 -4.24 9.38 27.72
N TYR J 33 -3.41 10.20 28.35
CA TYR J 33 -2.48 11.06 27.63
C TYR J 33 -1.09 10.55 27.89
N ASP J 34 -0.18 10.82 26.96
CA ASP J 34 1.16 10.28 27.09
C ASP J 34 1.94 11.03 28.16
N VAL J 35 2.89 10.34 28.78
CA VAL J 35 3.80 10.92 29.75
C VAL J 35 5.19 10.87 29.15
N HIS J 36 5.89 11.99 29.18
CA HIS J 36 7.23 12.12 28.64
C HIS J 36 8.20 12.37 29.79
N TRP J 37 9.43 11.89 29.65
CA TRP J 37 10.44 12.11 30.68
C TRP J 37 11.62 12.88 30.08
N TYR J 38 12.33 13.64 30.93
CA TYR J 38 13.45 14.43 30.47
C TYR J 38 14.56 14.41 31.51
N GLN J 39 15.79 14.51 31.01
CA GLN J 39 17.02 14.54 31.81
C GLN J 39 17.76 15.84 31.55
N GLN J 40 18.01 16.61 32.61
CA GLN J 40 18.75 17.87 32.50
C GLN J 40 20.04 17.80 33.31
N PHE J 41 21.16 17.94 32.63
CA PHE J 41 22.44 18.06 33.31
C PHE J 41 22.64 19.52 33.70
N PRO J 42 23.37 19.79 34.77
CA PRO J 42 23.54 21.19 35.18
C PRO J 42 24.23 21.99 34.07
N GLY J 43 23.67 23.17 33.78
CA GLY J 43 24.19 24.04 32.75
C GLY J 43 23.87 23.64 31.34
N ALA J 44 22.95 22.71 31.12
CA ALA J 44 22.62 22.25 29.77
C ALA J 44 21.12 22.09 29.59
N ALA J 45 20.69 22.13 28.35
CA ALA J 45 19.28 21.92 28.02
C ALA J 45 18.91 20.45 28.19
N PRO J 46 17.67 20.16 28.59
CA PRO J 46 17.27 18.76 28.79
C PRO J 46 17.21 17.99 27.49
N LYS J 47 17.34 16.68 27.62
CA LYS J 47 17.28 15.74 26.51
C LYS J 47 16.15 14.75 26.76
N LEU J 48 15.47 14.35 25.70
CA LEU J 48 14.38 13.40 25.86
C LEU J 48 14.91 12.05 26.32
N LEU J 49 14.27 11.48 27.33
CA LEU J 49 14.64 10.19 27.89
C LEU J 49 13.66 9.09 27.48
N ILE J 50 12.38 9.29 27.76
CA ILE J 50 11.33 8.34 27.42
C ILE J 50 10.25 9.17 26.72
N TYR J 51 10.13 9.00 25.39
CA TYR J 51 9.17 9.80 24.63
C TYR J 51 7.73 9.39 24.89
N ALA J 52 7.44 8.10 24.98
CA ALA J 52 6.09 7.68 25.30
C ALA J 52 6.08 7.22 26.77
N TYR J 53 5.14 6.36 27.14
CA TYR J 53 5.16 5.83 28.50
C TYR J 53 6.39 4.96 28.73
N THR J 54 6.73 4.10 27.76
CA THR J 54 7.84 3.17 27.92
C THR J 54 8.86 3.20 26.80
N ASN J 55 8.66 3.96 25.74
CA ASN J 55 9.56 3.95 24.59
C ASN J 55 10.85 4.70 24.87
N ARG J 56 11.89 4.37 24.09
CA ARG J 56 13.18 5.02 24.22
C ARG J 56 13.68 5.46 22.85
N PRO J 57 14.09 6.72 22.69
CA PRO J 57 14.67 7.15 21.42
C PRO J 57 16.06 6.56 21.22
N ALA J 58 16.46 6.48 19.96
CA ALA J 58 17.76 5.91 19.61
C ALA J 58 18.88 6.67 20.31
N GLY J 59 19.77 5.92 20.96
CA GLY J 59 20.90 6.50 21.66
C GLY J 59 20.81 6.45 23.16
N VAL J 60 19.63 6.17 23.72
CA VAL J 60 19.45 6.12 25.16
C VAL J 60 19.77 4.71 25.65
N PRO J 61 20.67 4.56 26.63
CA PRO J 61 21.00 3.23 27.12
C PRO J 61 19.76 2.50 27.63
N ASP J 62 19.79 1.18 27.55
CA ASP J 62 18.67 0.34 27.97
C ASP J 62 18.56 0.25 29.50
N ARG J 63 19.34 1.02 30.25
CA ARG J 63 19.17 0.99 31.70
C ARG J 63 17.88 1.68 32.13
N PHE J 64 17.31 2.52 31.26
CA PHE J 64 16.16 3.36 31.58
C PHE J 64 14.90 2.74 31.00
N SER J 65 13.89 2.52 31.85
CA SER J 65 12.59 2.09 31.35
C SER J 65 11.52 2.74 32.22
N GLY J 66 10.26 2.44 31.92
CA GLY J 66 9.18 3.05 32.66
C GLY J 66 7.91 2.24 32.54
N SER J 67 6.97 2.51 33.46
CA SER J 67 5.68 1.83 33.40
C SER J 67 4.60 2.71 34.01
N LYS J 68 3.36 2.46 33.59
CA LYS J 68 2.21 3.21 34.05
C LYS J 68 1.30 2.32 34.88
N SER J 69 0.95 2.79 36.07
CA SER J 69 0.01 2.08 36.93
C SER J 69 -1.09 3.06 37.29
N GLY J 70 -2.32 2.75 36.91
CA GLY J 70 -3.43 3.62 37.25
C GLY J 70 -3.20 5.02 36.69
N SER J 71 -3.24 5.99 37.60
CA SER J 71 -3.05 7.39 37.29
C SER J 71 -1.64 7.88 37.57
N SER J 72 -0.68 6.98 37.78
CA SER J 72 0.69 7.38 38.08
C SER J 72 1.66 6.67 37.16
N ALA J 73 2.81 7.32 36.93
CA ALA J 73 3.84 6.77 36.06
C ALA J 73 5.14 6.67 36.84
N SER J 74 5.94 5.64 36.54
CA SER J 74 7.19 5.45 37.25
C SER J 74 8.33 5.20 36.27
N LEU J 75 9.44 5.89 36.49
CA LEU J 75 10.67 5.74 35.72
C LEU J 75 11.61 4.84 36.52
N VAL J 76 12.05 3.74 35.92
CA VAL J 76 12.91 2.78 36.59
C VAL J 76 14.30 2.89 35.98
N ILE J 77 15.31 3.10 36.83
CA ILE J 77 16.70 3.17 36.42
C ILE J 77 17.50 2.20 37.29
N SER J 78 18.10 1.19 36.65
CA SER J 78 18.80 0.12 37.34
C SER J 78 20.29 0.19 37.03
N GLY J 79 21.11 0.15 38.07
CA GLY J 79 22.55 0.20 37.85
C GLY J 79 23.16 1.59 37.93
N LEU J 80 22.94 2.29 39.05
CA LEU J 80 23.42 3.66 39.19
C LEU J 80 24.89 3.76 38.84
N GLN J 81 25.20 4.66 37.93
CA GLN J 81 26.58 5.04 37.62
C GLN J 81 26.82 6.47 38.05
N ALA J 82 28.10 6.84 38.11
CA ALA J 82 28.45 8.20 38.47
C ALA J 82 27.79 9.21 37.53
N ASP J 83 27.56 8.81 36.28
CA ASP J 83 27.05 9.69 35.25
C ASP J 83 25.54 9.90 35.31
N ASP J 84 24.85 9.27 36.25
CA ASP J 84 23.39 9.39 36.30
C ASP J 84 22.92 10.63 37.05
N GLU J 85 23.82 11.37 37.69
CA GLU J 85 23.45 12.61 38.37
C GLU J 85 22.84 13.59 37.39
N ALA J 86 21.58 13.97 37.63
CA ALA J 86 20.81 14.80 36.72
C ALA J 86 19.49 15.18 37.38
N ASP J 87 18.79 16.13 36.76
CA ASP J 87 17.41 16.48 37.12
C ASP J 87 16.43 15.80 36.18
N TYR J 88 15.47 15.06 36.74
CA TYR J 88 14.49 14.35 35.94
C TYR J 88 13.13 15.04 36.03
N TYR J 89 12.48 15.24 34.89
CA TYR J 89 11.17 15.88 34.84
C TYR J 89 10.17 15.03 34.06
N CYS J 90 8.97 14.86 34.64
CA CYS J 90 7.82 14.26 33.96
C CYS J 90 6.88 15.32 33.41
N GLN J 91 6.35 15.05 32.21
CA GLN J 91 5.47 15.94 31.48
C GLN J 91 4.27 15.16 30.93
N SER J 92 3.10 15.80 30.90
CA SER J 92 1.92 15.20 30.30
C SER J 92 0.99 16.31 29.82
N TYR J 93 -0.13 15.92 29.23
CA TYR J 93 -1.12 16.84 28.67
C TYR J 93 -2.36 16.83 29.55
N ASP J 94 -2.70 17.97 30.13
CA ASP J 94 -3.94 18.03 30.92
C ASP J 94 -5.14 18.25 30.02
N ALA J 95 -6.24 17.57 30.31
CA ALA J 95 -7.45 17.65 29.51
C ALA J 95 -8.43 18.72 29.98
N ARG J 96 -8.28 19.22 31.21
CA ARG J 96 -9.15 20.25 31.77
C ARG J 96 -8.52 21.62 31.64
N LEU J 97 -7.34 21.70 31.05
CA LEU J 97 -6.58 22.93 30.88
C LEU J 97 -6.44 23.26 29.40
N ARG J 98 -7.46 22.90 28.60
CA ARG J 98 -7.48 23.09 27.15
C ARG J 98 -6.32 22.37 26.47
N ASP J 99 -6.06 21.13 26.90
CA ASP J 99 -4.98 20.31 26.35
C ASP J 99 -3.62 21.00 26.46
N GLY J 100 -3.40 21.67 27.59
CA GLY J 100 -2.16 22.36 27.84
C GLY J 100 -1.15 21.48 28.58
N GLU J 101 0.11 21.59 28.19
CA GLU J 101 1.16 20.80 28.79
C GLU J 101 1.34 21.10 30.28
N VAL J 102 1.60 20.06 31.05
CA VAL J 102 1.86 20.13 32.48
C VAL J 102 3.24 19.53 32.71
N PHE J 103 4.03 20.18 33.57
CA PHE J 103 5.41 19.78 33.88
C PHE J 103 5.52 19.44 35.36
N GLY J 104 6.18 18.32 35.64
CA GLY J 104 6.42 17.92 37.01
C GLY J 104 7.40 18.81 37.76
N GLY J 105 7.34 18.70 39.09
CA GLY J 105 8.20 19.49 39.95
C GLY J 105 9.68 19.19 39.81
N GLY J 106 10.04 18.03 39.28
CA GLY J 106 11.45 17.70 39.15
C GLY J 106 12.09 16.96 40.30
N THR J 107 12.99 16.02 39.99
CA THR J 107 13.70 15.24 41.00
C THR J 107 15.21 15.31 40.74
N LYS J 108 15.95 15.63 41.79
CA LYS J 108 17.41 15.62 41.75
C LYS J 108 17.92 14.23 42.14
N LEU J 109 18.89 13.72 41.38
CA LEU J 109 19.47 12.41 41.66
C LEU J 109 20.87 12.54 42.25
N THR J 110 21.14 11.72 43.26
CA THR J 110 22.42 11.68 43.95
C THR J 110 22.86 10.24 44.13
N VAL J 111 24.16 10.01 44.05
CA VAL J 111 24.72 8.67 44.23
C VAL J 111 25.72 8.66 45.37
N VAL K 2 26.55 12.90 0.16
CA VAL K 2 27.16 11.95 1.09
C VAL K 2 28.65 12.20 1.19
N GLN K 3 29.11 12.68 2.34
CA GLN K 3 30.53 12.94 2.54
C GLN K 3 31.06 12.12 3.72
N LEU K 4 32.12 11.37 3.48
CA LEU K 4 32.79 10.60 4.51
C LEU K 4 34.22 11.14 4.63
N VAL K 5 34.60 11.56 5.84
CA VAL K 5 35.93 12.08 6.09
C VAL K 5 36.58 11.22 7.17
N GLU K 6 37.80 10.79 6.92
CA GLU K 6 38.53 9.95 7.86
C GLU K 6 39.70 10.74 8.44
N SER K 7 39.89 10.66 9.76
CA SER K 7 40.92 11.44 10.43
C SER K 7 41.52 10.69 11.60
N GLY K 8 42.43 11.40 12.28
CA GLY K 8 43.16 10.99 13.47
C GLY K 8 44.03 9.75 13.39
N GLY K 9 44.79 9.59 12.32
CA GLY K 9 45.68 8.46 12.20
C GLY K 9 47.04 8.84 11.66
N ASN K 10 48.06 8.13 12.13
CA ASN K 10 49.43 8.33 11.68
C ASN K 10 50.28 7.15 12.12
N LEU K 11 51.57 7.24 11.83
CA LEU K 11 52.51 6.16 12.13
C LEU K 11 52.53 5.80 13.60
N ALA K 12 52.69 4.51 13.89
CA ALA K 12 52.81 3.99 15.24
C ALA K 12 53.96 3.00 15.32
N LYS K 13 54.61 2.93 16.47
CA LYS K 13 55.73 2.04 16.69
C LYS K 13 55.23 0.59 16.80
N PRO K 14 56.12 -0.40 16.66
CA PRO K 14 55.68 -1.78 16.81
C PRO K 14 55.13 -2.02 18.22
N GLY K 15 53.98 -2.66 18.28
CA GLY K 15 53.30 -2.86 19.54
C GLY K 15 52.43 -1.67 19.93
N GLY K 16 52.39 -0.64 19.09
CA GLY K 16 51.64 0.55 19.37
C GLY K 16 50.15 0.37 19.16
N SER K 17 49.41 1.33 19.69
CA SER K 17 47.97 1.42 19.48
C SER K 17 47.64 2.74 18.79
N LEU K 18 46.87 2.67 17.71
CA LEU K 18 46.42 3.84 16.99
C LEU K 18 44.91 3.74 16.80
N ARG K 19 44.23 4.87 16.88
CA ARG K 19 42.78 4.91 16.71
C ARG K 19 42.45 5.78 15.52
N LEU K 20 41.54 5.30 14.68
CA LEU K 20 41.13 6.02 13.49
C LEU K 20 39.65 6.33 13.60
N SER K 21 39.22 7.44 12.98
CA SER K 21 37.82 7.80 13.04
C SER K 21 37.29 8.20 11.68
N CYS K 22 36.00 7.94 11.47
CA CYS K 22 35.32 8.28 10.22
C CYS K 22 34.06 9.05 10.55
N ALA K 23 33.83 10.16 9.86
CA ALA K 23 32.68 11.03 10.02
C ALA K 23 31.84 10.94 8.76
N ALA K 24 30.55 10.68 8.93
CA ALA K 24 29.63 10.47 7.82
C ALA K 24 28.53 11.51 7.83
N SER K 25 28.23 12.07 6.66
CA SER K 25 27.18 13.08 6.57
C SER K 25 26.40 12.89 5.28
N GLY K 26 25.18 13.42 5.27
CA GLY K 26 24.27 13.35 4.15
C GLY K 26 23.37 12.12 4.10
N PHE K 27 23.44 11.24 5.10
CA PHE K 27 22.59 10.05 5.12
C PHE K 27 22.44 9.61 6.57
N THR K 28 21.49 8.70 6.81
CA THR K 28 21.24 8.25 8.17
C THR K 28 22.25 7.18 8.55
N PHE K 29 23.17 7.54 9.43
CA PHE K 29 24.25 6.65 9.85
C PHE K 29 23.73 5.44 10.62
N SER K 30 22.68 5.62 11.42
CA SER K 30 22.21 4.58 12.33
C SER K 30 21.79 3.30 11.61
N ASP K 31 20.98 3.42 10.56
CA ASP K 31 20.49 2.24 9.85
C ASP K 31 21.59 1.45 9.15
N ALA K 32 22.51 2.14 8.49
CA ALA K 32 23.50 1.50 7.64
C ALA K 32 24.54 0.68 8.40
N TRP K 33 24.98 -0.40 7.75
CA TRP K 33 26.04 -1.26 8.23
C TRP K 33 27.34 -0.62 7.73
N MET K 34 28.42 -0.69 8.50
CA MET K 34 29.65 -0.04 8.06
C MET K 34 30.84 -0.99 8.02
N THR K 35 31.70 -0.83 7.01
CA THR K 35 32.86 -1.72 6.90
C THR K 35 34.14 -0.93 6.66
N TRP K 36 35.26 -1.55 7.04
CA TRP K 36 36.60 -0.98 6.95
C TRP K 36 37.46 -1.87 6.06
N VAL K 37 38.12 -1.24 5.08
CA VAL K 37 38.98 -1.92 4.10
C VAL K 37 40.39 -1.33 4.16
N ARG K 38 41.42 -2.18 4.10
CA ARG K 38 42.78 -1.69 4.11
C ARG K 38 43.43 -2.15 2.82
N GLN K 39 44.11 -1.24 2.14
CA GLN K 39 44.80 -1.53 0.90
C GLN K 39 46.29 -1.40 1.11
N ALA K 40 47.04 -2.46 0.82
CA ALA K 40 48.48 -2.41 0.94
C ALA K 40 49.04 -1.45 -0.10
N PRO K 41 50.14 -0.76 0.20
CA PRO K 41 50.67 0.19 -0.78
C PRO K 41 51.11 -0.54 -2.04
N GLY K 42 50.61 -0.07 -3.18
CA GLY K 42 50.90 -0.74 -4.44
C GLY K 42 50.51 -2.21 -4.47
N LYS K 43 49.34 -2.54 -3.95
CA LYS K 43 48.91 -3.93 -3.88
C LYS K 43 47.39 -3.99 -3.79
N GLY K 44 46.87 -5.22 -3.85
CA GLY K 44 45.44 -5.44 -3.89
C GLY K 44 44.71 -5.08 -2.61
N LEU K 45 43.42 -4.82 -2.78
CA LEU K 45 42.51 -4.42 -1.72
C LEU K 45 42.34 -5.53 -0.70
N GLU K 46 41.94 -5.16 0.52
CA GLU K 46 41.67 -6.14 1.55
C GLU K 46 40.54 -5.61 2.43
N TRP K 47 39.89 -6.53 3.16
CA TRP K 47 38.74 -6.25 4.02
C TRP K 47 39.16 -6.34 5.49
N VAL K 48 39.10 -5.22 6.20
CA VAL K 48 39.42 -5.26 7.63
C VAL K 48 38.27 -5.86 8.44
N GLY K 49 37.06 -5.37 8.24
CA GLY K 49 35.96 -5.90 9.04
C GLY K 49 34.69 -5.09 8.89
N ARG K 50 33.66 -5.52 9.64
CA ARG K 50 32.36 -4.86 9.55
C ARG K 50 31.64 -4.80 10.90
N ILE K 51 30.82 -3.76 11.05
CA ILE K 51 29.95 -3.55 12.20
C ILE K 51 28.51 -3.44 11.72
N LYS K 52 27.64 -4.24 12.35
CA LYS K 52 26.21 -4.29 12.10
C LYS K 52 25.50 -3.10 12.73
N SER K 53 24.24 -2.92 12.35
CA SER K 53 23.42 -1.87 12.91
C SER K 53 23.06 -2.18 14.37
N ASN K 54 22.75 -1.11 15.12
CA ASN K 54 22.31 -1.29 16.50
C ASN K 54 20.99 -2.04 16.57
N ALA K 55 20.09 -1.78 15.62
CA ALA K 55 18.80 -2.47 15.58
C ALA K 55 18.97 -3.98 15.46
N ASP K 56 19.99 -4.41 14.71
CA ASP K 56 20.26 -5.82 14.50
C ASP K 56 21.18 -6.43 15.55
N GLY K 57 21.45 -5.71 16.63
CA GLY K 57 22.29 -6.21 17.69
C GLY K 57 23.70 -5.66 17.73
N GLY K 58 24.10 -4.90 16.71
CA GLY K 58 25.41 -4.26 16.72
C GLY K 58 26.59 -5.19 16.90
N ALA K 59 26.53 -6.40 16.36
CA ALA K 59 27.66 -7.31 16.43
C ALA K 59 28.71 -6.89 15.40
N THR K 60 29.96 -7.28 15.66
CA THR K 60 31.04 -6.96 14.73
C THR K 60 31.79 -8.23 14.35
N GLU K 61 32.28 -8.24 13.11
CA GLU K 61 33.10 -9.36 12.65
C GLU K 61 34.40 -8.82 12.05
N TYR K 62 35.45 -9.63 12.20
CA TYR K 62 36.80 -9.26 11.82
C TYR K 62 37.41 -10.29 10.89
N ALA K 63 38.43 -9.85 10.14
CA ALA K 63 39.14 -10.73 9.24
C ALA K 63 40.01 -11.69 10.05
N ALA K 64 40.36 -12.81 9.42
CA ALA K 64 41.16 -13.80 10.13
C ALA K 64 42.53 -13.28 10.58
N PRO K 65 43.28 -12.52 9.78
CA PRO K 65 44.59 -12.03 10.29
C PRO K 65 44.46 -11.07 11.45
N VAL K 66 43.45 -10.18 11.38
CA VAL K 66 43.32 -9.08 12.33
C VAL K 66 42.46 -9.43 13.54
N ARG K 67 41.93 -10.64 13.64
CA ARG K 67 41.06 -11.01 14.74
C ARG K 67 41.80 -10.99 16.07
N GLY K 68 41.19 -10.35 17.07
CA GLY K 68 41.75 -10.20 18.38
C GLY K 68 42.67 -9.02 18.58
N ARG K 69 43.01 -8.29 17.51
CA ARG K 69 43.86 -7.11 17.63
C ARG K 69 43.16 -5.81 17.26
N PHE K 70 42.06 -5.88 16.51
CA PHE K 70 41.35 -4.70 16.05
C PHE K 70 39.94 -4.68 16.61
N THR K 71 39.48 -3.50 16.99
CA THR K 71 38.16 -3.30 17.55
C THR K 71 37.39 -2.29 16.71
N ILE K 72 36.14 -2.59 16.40
CA ILE K 72 35.28 -1.70 15.62
C ILE K 72 34.18 -1.20 16.55
N SER K 73 33.80 0.06 16.40
CA SER K 73 32.69 0.58 17.17
C SER K 73 32.05 1.74 16.43
N ARG K 74 30.94 2.23 16.97
CA ARG K 74 30.22 3.32 16.34
C ARG K 74 29.46 4.14 17.37
N ASP K 75 29.24 5.41 17.05
CA ASP K 75 28.44 6.31 17.86
C ASP K 75 27.38 6.95 16.97
N ASP K 76 26.11 6.63 17.27
CA ASP K 76 24.99 7.13 16.49
C ASP K 76 24.80 8.63 16.64
N SER K 77 24.90 9.14 17.88
CA SER K 77 24.69 10.56 18.11
C SER K 77 25.76 11.39 17.43
N ARG K 78 27.01 10.95 17.51
CA ARG K 78 28.10 11.65 16.86
C ARG K 78 28.22 11.28 15.39
N SER K 79 27.52 10.23 14.96
CA SER K 79 27.56 9.74 13.59
C SER K 79 29.00 9.44 13.19
N SER K 80 29.72 8.75 14.08
CA SER K 80 31.12 8.44 13.82
C SER K 80 31.40 6.95 13.99
N LEU K 81 32.37 6.47 13.22
CA LEU K 81 32.79 5.08 13.23
C LEU K 81 34.25 5.01 13.65
N PHE K 82 34.57 4.15 14.61
CA PHE K 82 35.92 4.09 15.16
C PHE K 82 36.56 2.74 14.94
N LEU K 83 37.85 2.77 14.59
CA LEU K 83 38.64 1.55 14.50
C LEU K 83 39.84 1.66 15.43
N GLN K 84 39.95 0.73 16.37
CA GLN K 84 41.04 0.67 17.34
C GLN K 84 42.03 -0.39 16.92
N MET K 85 43.24 0.02 16.61
CA MET K 85 44.33 -0.86 16.19
C MET K 85 45.27 -0.99 17.38
N ASN K 86 45.48 -2.20 17.88
CA ASN K 86 46.41 -2.36 18.98
C ASN K 86 47.30 -3.56 18.72
N SER K 87 48.45 -3.58 19.39
CA SER K 87 49.47 -4.61 19.17
C SER K 87 49.89 -4.59 17.70
N LEU K 88 50.15 -3.39 17.20
CA LEU K 88 50.47 -3.21 15.78
C LEU K 88 51.89 -3.67 15.52
N LYS K 89 52.02 -4.80 14.83
CA LYS K 89 53.29 -5.39 14.50
C LYS K 89 53.71 -4.93 13.10
N THR K 90 54.69 -5.62 12.52
CA THR K 90 55.14 -5.35 11.16
C THR K 90 54.10 -5.82 10.15
N GLU K 91 54.19 -5.25 8.94
CA GLU K 91 53.30 -5.59 7.83
C GLU K 91 51.86 -5.15 8.07
N ASP K 92 51.64 -4.09 8.85
CA ASP K 92 50.31 -3.54 9.02
C ASP K 92 50.12 -2.25 8.23
N THR K 93 51.15 -1.83 7.49
CA THR K 93 51.11 -0.59 6.73
C THR K 93 50.06 -0.66 5.63
N ALA K 94 49.33 0.44 5.44
CA ALA K 94 48.30 0.48 4.40
C ALA K 94 47.47 1.75 4.44
N VAL K 95 46.68 1.97 3.40
CA VAL K 95 45.65 3.01 3.42
C VAL K 95 44.33 2.40 3.86
N TYR K 96 43.72 2.97 4.89
CA TYR K 96 42.45 2.49 5.42
C TYR K 96 41.29 3.36 4.95
N TYR K 97 40.17 2.73 4.61
CA TYR K 97 38.95 3.37 4.14
C TYR K 97 37.74 2.86 4.91
N CYS K 98 36.75 3.73 5.07
CA CYS K 98 35.47 3.39 5.70
C CYS K 98 34.36 3.54 4.65
N LEU K 99 33.71 2.41 4.32
CA LEU K 99 32.73 2.34 3.24
C LEU K 99 31.34 1.92 3.72
N THR K 100 30.34 2.59 3.12
CA THR K 100 28.91 2.40 3.36
C THR K 100 28.37 1.11 2.74
N PRO K 101 27.16 0.68 3.12
CA PRO K 101 26.56 -0.55 2.58
C PRO K 101 26.07 -0.43 1.15
N PRO K 102 26.36 -1.42 0.30
CA PRO K 102 25.93 -1.38 -1.09
C PRO K 102 24.41 -1.44 -1.18
N PRO K 103 23.78 -0.68 -2.10
CA PRO K 103 24.32 0.13 -3.20
C PRO K 103 24.90 1.46 -2.73
N ARG K 104 25.53 2.18 -3.66
CA ARG K 104 26.14 3.47 -3.35
C ARG K 104 27.17 3.34 -2.22
N ARG K 105 28.19 2.52 -2.48
CA ARG K 105 29.22 2.29 -1.47
C ARG K 105 29.93 3.58 -1.07
N TYR K 106 30.25 4.46 -2.03
CA TYR K 106 30.84 5.77 -1.72
C TYR K 106 32.05 5.76 -0.78
N TRP K 107 33.13 5.08 -1.18
CA TRP K 107 34.31 5.04 -0.31
C TRP K 107 34.86 6.44 -0.04
N GLY K 108 35.33 6.64 1.19
CA GLY K 108 35.98 7.86 1.63
C GLY K 108 37.30 8.20 0.93
N GLN K 109 38.13 9.06 1.54
CA GLN K 109 39.41 9.41 0.93
C GLN K 109 40.60 8.58 1.36
N GLY K 110 40.64 8.03 2.58
CA GLY K 110 41.78 7.21 2.91
C GLY K 110 42.81 7.74 3.90
N ILE K 111 43.18 6.95 4.90
CA ILE K 111 44.19 7.35 5.88
C ILE K 111 45.39 6.42 5.78
N LEU K 112 46.58 7.00 5.60
CA LEU K 112 47.79 6.21 5.48
C LEU K 112 48.35 5.89 6.86
N VAL K 113 48.58 4.61 7.14
CA VAL K 113 49.19 4.18 8.39
C VAL K 113 50.49 3.44 8.09
N THR K 114 51.60 3.97 8.61
CA THR K 114 52.95 3.45 8.39
C THR K 114 53.60 3.04 9.70
N VAL K 115 53.58 1.77 10.07
CA VAL K 115 54.30 1.40 11.28
C VAL K 115 55.80 1.59 11.02
N SER K 116 56.49 2.20 11.98
CA SER K 116 57.90 2.52 11.84
C SER K 116 58.72 1.74 12.86
N SER K 117 59.79 1.12 12.40
CA SER K 117 60.67 0.35 13.26
C SER K 117 62.07 0.94 13.30
N VAL L 2 19.35 18.20 12.98
CA VAL L 2 18.36 19.14 13.45
C VAL L 2 18.99 20.18 14.37
N GLN L 3 19.07 21.42 13.93
CA GLN L 3 19.66 22.48 14.73
C GLN L 3 18.64 23.59 14.95
N LEU L 4 18.43 23.95 16.22
CA LEU L 4 17.55 25.05 16.60
C LEU L 4 18.41 26.09 17.32
N VAL L 5 18.40 27.31 16.81
CA VAL L 5 19.15 28.41 17.40
C VAL L 5 18.18 29.51 17.78
N GLU L 6 18.29 30.01 19.00
CA GLU L 6 17.42 31.06 19.49
C GLU L 6 18.22 32.34 19.69
N SER L 7 17.66 33.46 19.24
CA SER L 7 18.38 34.72 19.28
C SER L 7 17.44 35.90 19.53
N GLY L 8 18.05 37.08 19.53
CA GLY L 8 17.44 38.40 19.68
C GLY L 8 16.70 38.68 20.97
N GLY L 9 17.23 38.29 22.11
CA GLY L 9 16.59 38.57 23.38
C GLY L 9 17.57 39.02 24.43
N ASN L 10 17.09 39.92 25.29
CA ASN L 10 17.87 40.43 26.41
C ASN L 10 16.94 41.12 27.41
N LEU L 11 17.54 41.70 28.45
CA LEU L 11 16.79 42.34 29.51
C LEU L 11 15.88 43.46 29.00
N ALA L 12 14.71 43.57 29.63
CA ALA L 12 13.74 44.61 29.32
C ALA L 12 13.23 45.23 30.61
N LYS L 13 12.90 46.51 30.56
CA LYS L 13 12.39 47.22 31.73
C LYS L 13 10.95 46.79 32.01
N PRO L 14 10.44 47.07 33.21
CA PRO L 14 9.05 46.72 33.51
C PRO L 14 8.11 47.44 32.56
N GLY L 15 7.16 46.70 32.00
CA GLY L 15 6.27 47.23 31.01
C GLY L 15 6.85 47.17 29.61
N GLY L 16 8.06 46.65 29.48
CA GLY L 16 8.74 46.60 28.20
C GLY L 16 8.21 45.49 27.31
N SER L 17 8.57 45.59 26.04
CA SER L 17 8.30 44.57 25.05
C SER L 17 9.60 44.04 24.49
N LEU L 18 9.74 42.72 24.48
CA LEU L 18 10.90 42.05 23.91
C LEU L 18 10.42 40.97 22.95
N ARG L 19 11.15 40.78 21.86
CA ARG L 19 10.79 39.78 20.87
C ARG L 19 11.92 38.77 20.76
N LEU L 20 11.57 37.48 20.74
CA LEU L 20 12.56 36.42 20.65
C LEU L 20 12.32 35.66 19.37
N SER L 21 13.38 35.08 18.81
CA SER L 21 13.23 34.33 17.58
C SER L 21 13.97 33.00 17.64
N CYS L 22 13.43 32.00 16.93
CA CYS L 22 14.02 30.68 16.86
C CYS L 22 14.14 30.28 15.40
N ALA L 23 15.31 29.77 15.03
CA ALA L 23 15.63 29.31 13.68
C ALA L 23 15.81 27.81 13.71
N ALA L 24 15.11 27.11 12.83
CA ALA L 24 15.10 25.66 12.79
C ALA L 24 15.64 25.16 11.45
N SER L 25 16.50 24.16 11.52
CA SER L 25 17.08 23.58 10.31
C SER L 25 17.21 22.08 10.45
N GLY L 26 17.28 21.41 9.30
CA GLY L 26 17.39 19.97 9.20
C GLY L 26 16.08 19.21 9.19
N PHE L 27 14.93 19.88 9.19
CA PHE L 27 13.64 19.21 9.16
C PHE L 27 12.62 20.17 8.57
N THR L 28 11.45 19.65 8.22
CA THR L 28 10.43 20.48 7.60
C THR L 28 9.68 21.23 8.69
N PHE L 29 9.91 22.53 8.77
CA PHE L 29 9.31 23.38 9.79
C PHE L 29 7.79 23.48 9.64
N SER L 30 7.29 23.49 8.41
CA SER L 30 5.88 23.76 8.16
C SER L 30 4.94 22.74 8.80
N ASP L 31 5.23 21.45 8.67
CA ASP L 31 4.35 20.42 9.23
C ASP L 31 4.31 20.43 10.76
N ALA L 32 5.46 20.58 11.40
CA ALA L 32 5.58 20.44 12.85
C ALA L 32 4.87 21.54 13.64
N TRP L 33 4.36 21.14 14.80
CA TRP L 33 3.76 22.03 15.78
C TRP L 33 4.91 22.53 16.64
N MET L 34 4.87 23.78 17.09
CA MET L 34 6.00 24.27 17.88
C MET L 34 5.58 24.83 19.22
N THR L 35 6.40 24.61 20.26
CA THR L 35 6.04 25.08 21.58
C THR L 35 7.22 25.80 22.25
N TRP L 36 6.89 26.69 23.18
CA TRP L 36 7.83 27.51 23.93
C TRP L 36 7.71 27.22 25.41
N VAL L 37 8.85 26.95 26.06
CA VAL L 37 8.93 26.63 27.48
C VAL L 37 9.85 27.62 28.18
N ARG L 38 9.48 28.06 29.37
CA ARG L 38 10.31 28.98 30.13
C ARG L 38 10.65 28.31 31.44
N GLN L 39 11.92 28.33 31.80
CA GLN L 39 12.40 27.74 33.04
C GLN L 39 12.90 28.84 33.96
N ALA L 40 12.34 28.90 35.17
CA ALA L 40 12.78 29.88 36.14
C ALA L 40 14.20 29.57 36.56
N PRO L 41 15.02 30.57 36.88
CA PRO L 41 16.40 30.28 37.26
C PRO L 41 16.44 29.45 38.55
N GLY L 42 17.15 28.33 38.49
CA GLY L 42 17.18 27.43 39.64
C GLY L 42 15.82 26.95 40.09
N LYS L 43 14.95 26.59 39.15
CA LYS L 43 13.59 26.17 39.50
C LYS L 43 13.03 25.30 38.38
N GLY L 44 11.85 24.76 38.64
CA GLY L 44 11.23 23.83 37.72
C GLY L 44 10.78 24.43 36.40
N LEU L 45 10.66 23.54 35.42
CA LEU L 45 10.28 23.86 34.05
C LEU L 45 8.86 24.40 34.00
N GLU L 46 8.56 25.15 32.94
CA GLU L 46 7.21 25.64 32.73
C GLU L 46 6.94 25.72 31.23
N TRP L 47 5.67 25.75 30.86
CA TRP L 47 5.19 25.76 29.48
C TRP L 47 4.64 27.13 29.12
N VAL L 48 5.29 27.83 28.19
CA VAL L 48 4.76 29.13 27.76
C VAL L 48 3.56 28.96 26.84
N GLY L 49 3.67 28.14 25.81
CA GLY L 49 2.55 28.02 24.89
C GLY L 49 2.91 27.25 23.64
N ARG L 50 1.92 27.15 22.74
CA ARG L 50 2.10 26.38 21.52
C ARG L 50 1.38 26.99 20.33
N ILE L 51 1.96 26.76 19.14
CA ILE L 51 1.39 27.17 17.86
C ILE L 51 1.22 25.93 16.98
N LYS L 52 0.01 25.76 16.44
CA LYS L 52 -0.37 24.67 15.55
C LYS L 52 0.16 24.92 14.15
N SER L 53 0.08 23.88 13.32
CA SER L 53 0.50 23.99 11.93
C SER L 53 -0.47 24.84 11.13
N ASN L 54 0.03 25.39 10.03
CA ASN L 54 -0.82 26.18 9.14
C ASN L 54 -1.91 25.32 8.51
N ALA L 55 -1.58 24.07 8.18
CA ALA L 55 -2.56 23.15 7.60
C ALA L 55 -3.75 22.93 8.53
N ASP L 56 -3.50 22.90 9.84
CA ASP L 56 -4.54 22.69 10.84
C ASP L 56 -5.20 23.98 11.30
N GLY L 57 -4.94 25.09 10.64
CA GLY L 57 -5.55 26.35 10.99
C GLY L 57 -4.64 27.32 11.71
N GLY L 58 -3.45 26.89 12.12
CA GLY L 58 -2.50 27.80 12.75
C GLY L 58 -3.00 28.51 13.99
N ALA L 59 -3.84 27.87 14.79
CA ALA L 59 -4.28 28.48 16.04
C ALA L 59 -3.18 28.39 17.09
N THR L 60 -3.22 29.29 18.07
CA THR L 60 -2.24 29.28 19.13
C THR L 60 -2.92 29.25 20.48
N GLU L 61 -2.28 28.59 21.44
CA GLU L 61 -2.79 28.56 22.80
C GLU L 61 -1.68 28.97 23.78
N TYR L 62 -2.09 29.61 24.87
CA TYR L 62 -1.19 30.19 25.84
C TYR L 62 -1.51 29.69 27.24
N ALA L 63 -0.51 29.78 28.11
CA ALA L 63 -0.66 29.39 29.50
C ALA L 63 -1.54 30.40 30.23
N ALA L 64 -2.13 29.96 31.33
CA ALA L 64 -3.03 30.85 32.07
C ALA L 64 -2.35 32.11 32.59
N PRO L 65 -1.13 32.07 33.14
CA PRO L 65 -0.52 33.34 33.61
C PRO L 65 -0.20 34.30 32.48
N VAL L 66 0.27 33.77 31.35
CA VAL L 66 0.77 34.58 30.26
C VAL L 66 -0.28 34.96 29.23
N ARG L 67 -1.53 34.52 29.40
CA ARG L 67 -2.57 34.80 28.42
C ARG L 67 -2.87 36.29 28.31
N GLY L 68 -2.92 36.78 27.07
CA GLY L 68 -3.16 38.18 26.80
C GLY L 68 -1.93 39.07 26.78
N ARG L 69 -0.78 38.56 27.18
CA ARG L 69 0.45 39.34 27.15
C ARG L 69 1.50 38.82 26.18
N PHE L 70 1.41 37.57 25.77
CA PHE L 70 2.39 36.94 24.89
C PHE L 70 1.72 36.52 23.59
N THR L 71 2.45 36.71 22.49
CA THR L 71 1.97 36.38 21.15
C THR L 71 2.95 35.40 20.50
N ILE L 72 2.42 34.35 19.89
CA ILE L 72 3.24 33.36 19.20
C ILE L 72 2.93 33.47 17.71
N SER L 73 3.96 33.32 16.87
CA SER L 73 3.74 33.32 15.44
C SER L 73 4.84 32.53 14.76
N ARG L 74 4.69 32.35 13.44
CA ARG L 74 5.66 31.57 12.69
C ARG L 74 5.69 32.04 11.25
N ASP L 75 6.85 31.84 10.61
CA ASP L 75 7.04 32.12 9.19
C ASP L 75 7.61 30.87 8.53
N ASP L 76 6.83 30.29 7.63
CA ASP L 76 7.22 29.06 6.92
C ASP L 76 8.39 29.31 5.98
N SER L 77 8.34 30.39 5.21
CA SER L 77 9.41 30.66 4.24
C SER L 77 10.73 30.91 4.94
N ARG L 78 10.71 31.67 6.03
CA ARG L 78 11.91 31.94 6.78
C ARG L 78 12.24 30.81 7.75
N SER L 79 11.30 29.89 7.96
CA SER L 79 11.45 28.78 8.89
C SER L 79 11.80 29.30 10.28
N SER L 80 11.08 30.32 10.72
CA SER L 80 11.36 30.93 12.01
C SER L 80 10.11 31.01 12.87
N LEU L 81 10.31 30.93 14.18
CA LEU L 81 9.24 31.00 15.17
C LEU L 81 9.47 32.20 16.06
N PHE L 82 8.43 33.01 16.27
CA PHE L 82 8.59 34.25 17.02
C PHE L 82 7.72 34.27 18.26
N LEU L 83 8.28 34.80 19.35
CA LEU L 83 7.53 35.02 20.57
C LEU L 83 7.62 36.49 20.93
N GLN L 84 6.47 37.15 21.03
CA GLN L 84 6.37 38.55 21.39
C GLN L 84 5.93 38.68 22.84
N MET L 85 6.80 39.24 23.67
CA MET L 85 6.54 39.45 25.09
C MET L 85 6.24 40.92 25.27
N ASN L 86 5.07 41.26 25.79
CA ASN L 86 4.76 42.66 26.01
C ASN L 86 4.13 42.82 27.39
N SER L 87 4.19 44.04 27.91
CA SER L 87 3.72 44.34 29.26
C SER L 87 4.47 43.46 30.27
N LEU L 88 5.79 43.39 30.10
CA LEU L 88 6.63 42.53 30.92
C LEU L 88 6.79 43.11 32.30
N LYS L 89 6.14 42.49 33.27
CA LYS L 89 6.17 42.92 34.66
C LYS L 89 7.27 42.17 35.41
N THR L 90 7.22 42.20 36.73
CA THR L 90 8.15 41.47 37.57
C THR L 90 7.84 39.98 37.53
N GLU L 91 8.84 39.17 37.89
CA GLU L 91 8.75 37.71 37.93
C GLU L 91 8.57 37.09 36.55
N ASP L 92 9.09 37.71 35.50
CA ASP L 92 9.07 37.12 34.18
C ASP L 92 10.45 36.59 33.78
N THR L 93 11.43 36.70 34.67
CA THR L 93 12.79 36.27 34.40
C THR L 93 12.85 34.76 34.20
N ALA L 94 13.64 34.33 33.21
CA ALA L 94 13.78 32.90 32.93
C ALA L 94 14.60 32.62 31.69
N VAL L 95 14.96 31.36 31.49
CA VAL L 95 15.52 30.90 30.22
C VAL L 95 14.40 30.35 29.35
N TYR L 96 14.29 30.86 28.13
CA TYR L 96 13.26 30.43 27.19
C TYR L 96 13.84 29.49 26.14
N TYR L 97 13.07 28.44 25.80
CA TYR L 97 13.45 27.42 24.83
C TYR L 97 12.31 27.20 23.83
N CYS L 98 12.67 26.87 22.59
CA CYS L 98 11.73 26.52 21.53
C CYS L 98 11.93 25.05 21.16
N LEU L 99 10.91 24.22 21.40
CA LEU L 99 10.98 22.77 21.24
C LEU L 99 9.99 22.24 20.20
N THR L 100 10.49 21.26 19.43
CA THR L 100 9.80 20.55 18.37
C THR L 100 8.77 19.53 18.92
N PRO L 101 7.88 19.03 18.06
CA PRO L 101 6.85 18.06 18.49
C PRO L 101 7.39 16.67 18.74
N PRO L 102 6.99 16.04 19.85
CA PRO L 102 7.45 14.69 20.18
C PRO L 102 6.96 13.68 19.15
N PRO L 103 7.79 12.70 18.76
CA PRO L 103 9.11 12.31 19.27
C PRO L 103 10.23 13.22 18.82
N ARG L 104 11.43 12.99 19.35
CA ARG L 104 12.60 13.80 19.02
C ARG L 104 12.35 15.28 19.29
N ARG L 105 12.07 15.58 20.56
CA ARG L 105 11.78 16.96 20.95
C ARG L 105 12.95 17.89 20.64
N TYR L 106 14.19 17.48 20.90
CA TYR L 106 15.37 18.27 20.52
C TYR L 106 15.35 19.75 20.97
N TRP L 107 15.27 19.99 22.28
CA TRP L 107 15.25 21.38 22.74
C TRP L 107 16.51 22.14 22.33
N GLY L 108 16.32 23.42 21.98
CA GLY L 108 17.40 24.34 21.64
C GLY L 108 18.38 24.65 22.76
N GLN L 109 19.12 25.76 22.65
CA GLN L 109 20.08 26.12 23.70
C GLN L 109 19.55 27.06 24.78
N GLY L 110 18.61 27.95 24.49
CA GLY L 110 18.11 28.77 25.58
C GLY L 110 18.49 30.24 25.58
N ILE L 111 17.52 31.13 25.78
CA ILE L 111 17.77 32.58 25.84
C ILE L 111 17.40 33.09 27.22
N LEU L 112 18.33 33.76 27.88
CA LEU L 112 18.09 34.29 29.22
C LEU L 112 17.41 35.65 29.12
N VAL L 113 16.28 35.83 29.80
CA VAL L 113 15.59 37.11 29.85
C VAL L 113 15.48 37.55 31.31
N THR L 114 16.07 38.71 31.61
CA THR L 114 16.14 39.28 32.95
C THR L 114 15.46 40.65 32.99
N VAL L 115 14.21 40.73 33.45
CA VAL L 115 13.62 42.06 33.57
C VAL L 115 14.35 42.79 34.69
N SER L 116 14.71 44.05 34.43
CA SER L 116 15.48 44.85 35.37
C SER L 116 14.65 46.02 35.86
N SER L 117 14.64 46.23 37.17
CA SER L 117 13.90 47.33 37.77
C SER L 117 14.83 48.30 38.48
#